data_5LR5
# 
_entry.id   5LR5 
# 
_audit_conform.dict_name       mmcif_pdbx.dic 
_audit_conform.dict_version    5.391 
_audit_conform.dict_location   http://mmcif.pdb.org/dictionaries/ascii/mmcif_pdbx.dic 
# 
loop_
_database_2.database_id 
_database_2.database_code 
_database_2.pdbx_database_accession 
_database_2.pdbx_DOI 
PDB   5LR5         pdb_00005lr5 10.2210/pdb5lr5/pdb 
WWPDB D_1200001234 ?            ?                   
# 
loop_
_pdbx_audit_revision_history.ordinal 
_pdbx_audit_revision_history.data_content_type 
_pdbx_audit_revision_history.major_revision 
_pdbx_audit_revision_history.minor_revision 
_pdbx_audit_revision_history.revision_date 
1 'Structure model' 1 0 2017-06-21 
2 'Structure model' 1 1 2017-06-28 
3 'Structure model' 1 2 2017-09-13 
4 'Structure model' 2 0 2019-02-20 
5 'Structure model' 2 1 2019-07-10 
6 'Structure model' 2 2 2024-05-08 
# 
_pdbx_audit_revision_details.ordinal             1 
_pdbx_audit_revision_details.revision_ordinal    1 
_pdbx_audit_revision_details.data_content_type   'Structure model' 
_pdbx_audit_revision_details.provider            repository 
_pdbx_audit_revision_details.type                'Initial release' 
_pdbx_audit_revision_details.description         ? 
_pdbx_audit_revision_details.details             ? 
# 
loop_
_pdbx_audit_revision_group.ordinal 
_pdbx_audit_revision_group.revision_ordinal 
_pdbx_audit_revision_group.data_content_type 
_pdbx_audit_revision_group.group 
1 2 'Structure model' 'Database references'  
2 3 'Structure model' 'Database references'  
3 4 'Structure model' 'Data collection'      
4 4 'Structure model' 'Derived calculations' 
5 4 'Structure model' 'Polymer sequence'     
6 5 'Structure model' 'Data collection'      
7 6 'Structure model' 'Data collection'      
8 6 'Structure model' 'Database references'  
# 
loop_
_pdbx_audit_revision_category.ordinal 
_pdbx_audit_revision_category.revision_ordinal 
_pdbx_audit_revision_category.data_content_type 
_pdbx_audit_revision_category.category 
1  2 'Structure model' citation                     
2  2 'Structure model' citation_author              
3  3 'Structure model' citation                     
4  4 'Structure model' diffrn_source                
5  4 'Structure model' entity_poly                  
6  4 'Structure model' ndb_struct_conf_na           
7  4 'Structure model' ndb_struct_na_base_pair      
8  4 'Structure model' ndb_struct_na_base_pair_step 
9  4 'Structure model' pdbx_seq_map_depositor_info  
10 4 'Structure model' struct_conn                  
11 5 'Structure model' diffrn_source                
12 6 'Structure model' chem_comp_atom               
13 6 'Structure model' chem_comp_bond               
14 6 'Structure model' database_2                   
# 
loop_
_pdbx_audit_revision_item.ordinal 
_pdbx_audit_revision_item.revision_ordinal 
_pdbx_audit_revision_item.data_content_type 
_pdbx_audit_revision_item.item 
1  2 'Structure model' '_citation.country'                            
2  2 'Structure model' '_citation.journal_abbrev'                     
3  2 'Structure model' '_citation.pdbx_database_id_DOI'               
4  2 'Structure model' '_citation.pdbx_database_id_PubMed'            
5  2 'Structure model' '_citation.title'                              
6  3 'Structure model' '_citation.journal_volume'                     
7  3 'Structure model' '_citation.page_first'                         
8  3 'Structure model' '_citation.page_last'                          
9  4 'Structure model' '_diffrn_source.pdbx_synchrotron_site'         
10 4 'Structure model' '_entity_poly.pdbx_seq_one_letter_code_can'    
11 4 'Structure model' '_pdbx_seq_map_depositor_info.one_letter_code' 
12 5 'Structure model' '_diffrn_source.pdbx_synchrotron_site'         
13 6 'Structure model' '_database_2.pdbx_DOI'                         
14 6 'Structure model' '_database_2.pdbx_database_accession'          
# 
_pdbx_database_status.status_code                     REL 
_pdbx_database_status.status_code_sf                  REL 
_pdbx_database_status.status_code_mr                  ? 
_pdbx_database_status.entry_id                        5LR5 
_pdbx_database_status.recvd_initial_deposition_date   2016-08-18 
_pdbx_database_status.SG_entry                        N 
_pdbx_database_status.deposit_site                    PDBE 
_pdbx_database_status.process_site                    PDBE 
_pdbx_database_status.status_code_cs                  ? 
_pdbx_database_status.methods_development_category    ? 
_pdbx_database_status.pdb_format_compatible           Y 
_pdbx_database_status.status_code_nmr_data            ? 
# 
loop_
_audit_author.name 
_audit_author.pdbx_ordinal 
'Huang, L.'      1 
'Lilley, D.M.J.' 2 
# 
_citation.abstract                  ? 
_citation.abstract_id_CAS           ? 
_citation.book_id_ISBN              ? 
_citation.book_publisher            ? 
_citation.book_publisher_city       ? 
_citation.book_title                ? 
_citation.coordinate_linkage        ? 
_citation.country                   UK 
_citation.database_id_Medline       ? 
_citation.details                   ? 
_citation.id                        primary 
_citation.journal_abbrev            'EMBO Rep.' 
_citation.journal_id_ASTM           ? 
_citation.journal_id_CSD            ? 
_citation.journal_id_ISSN           1469-3178 
_citation.journal_full              ? 
_citation.journal_issue             ? 
_citation.journal_volume            18 
_citation.language                  ? 
_citation.page_first                1631 
_citation.page_last                 1645 
_citation.title                     'Control of box C/D snoRNP assembly by N(6)-methylation of adenine.' 
_citation.year                      2017 
_citation.database_id_CSD           ? 
_citation.pdbx_database_id_DOI      10.15252/embr.201743967 
_citation.pdbx_database_id_PubMed   28623187 
_citation.unpublished_flag          ? 
# 
loop_
_citation_author.citation_id 
_citation_author.name 
_citation_author.ordinal 
_citation_author.identifier_ORCID 
primary 'Huang, L.'    1 ? 
primary 'Ashraf, S.'   2 ? 
primary 'Wang, J.'     3 ? 
primary 'Lilley, D.M.' 4 ? 
# 
loop_
_entity.id 
_entity.type 
_entity.src_method 
_entity.pdbx_description 
_entity.formula_weight 
_entity.pdbx_number_of_molecules 
_entity.pdbx_ec 
_entity.pdbx_mutation 
_entity.pdbx_fragment 
_entity.details 
1 polymer     syn 
;RNA (5'-R(*GP*GP*(6MZ)P*CP*UP*AP*GP*UP*(CBV)P*C)-3')
;
3269.872 4  ? ? ? ? 
2 non-polymer syn 'SULFATE ION'                                          96.063   1  ? ? ? ? 
3 water       nat water                                                  18.015   10 ? ? ? ? 
# 
_entity_poly.entity_id                      1 
_entity_poly.type                           polyribonucleotide 
_entity_poly.nstd_linkage                   no 
_entity_poly.nstd_monomer                   yes 
_entity_poly.pdbx_seq_one_letter_code       'GG(6MZ)CUAGU(CBV)C' 
_entity_poly.pdbx_seq_one_letter_code_can   GGACUAGUCC 
_entity_poly.pdbx_strand_id                 A,B,C,D 
_entity_poly.pdbx_target_identifier         ? 
# 
loop_
_pdbx_entity_nonpoly.entity_id 
_pdbx_entity_nonpoly.name 
_pdbx_entity_nonpoly.comp_id 
2 'SULFATE ION' SO4 
3 water         HOH 
# 
loop_
_entity_poly_seq.entity_id 
_entity_poly_seq.num 
_entity_poly_seq.mon_id 
_entity_poly_seq.hetero 
1 1  G   n 
1 2  G   n 
1 3  6MZ n 
1 4  C   n 
1 5  U   n 
1 6  A   n 
1 7  G   n 
1 8  U   n 
1 9  CBV n 
1 10 C   n 
# 
_pdbx_entity_src_syn.entity_id              1 
_pdbx_entity_src_syn.pdbx_src_id            1 
_pdbx_entity_src_syn.pdbx_alt_source_flag   sample 
_pdbx_entity_src_syn.pdbx_beg_seq_num       1 
_pdbx_entity_src_syn.pdbx_end_seq_num       10 
_pdbx_entity_src_syn.organism_scientific    'Homo sapiens' 
_pdbx_entity_src_syn.organism_common_name   ? 
_pdbx_entity_src_syn.ncbi_taxonomy_id       9606 
_pdbx_entity_src_syn.details                ? 
# 
loop_
_chem_comp.id 
_chem_comp.type 
_chem_comp.mon_nstd_flag 
_chem_comp.name 
_chem_comp.pdbx_synonyms 
_chem_comp.formula 
_chem_comp.formula_weight 
6MZ 'RNA linking' n "N6-METHYLADENOSINE-5'-MONOPHOSPHATE"       ? 'C11 H16 N5 O7 P'   361.248 
A   'RNA linking' y "ADENOSINE-5'-MONOPHOSPHATE"                ? 'C10 H14 N5 O7 P'   347.221 
C   'RNA linking' y "CYTIDINE-5'-MONOPHOSPHATE"                 ? 'C9 H14 N3 O8 P'    323.197 
CBV 'RNA linking' n 
;5-BROMOCYTIDINE 5'-(DIHYDROGEN PHOSPHATE)
;
? 'C9 H13 Br N3 O8 P' 402.093 
G   'RNA linking' y "GUANOSINE-5'-MONOPHOSPHATE"                ? 'C10 H14 N5 O8 P'   363.221 
HOH non-polymer   . WATER                                       ? 'H2 O'              18.015  
SO4 non-polymer   . 'SULFATE ION'                               ? 'O4 S -2'           96.063  
U   'RNA linking' y "URIDINE-5'-MONOPHOSPHATE"                  ? 'C9 H13 N2 O9 P'    324.181 
# 
loop_
_pdbx_poly_seq_scheme.asym_id 
_pdbx_poly_seq_scheme.entity_id 
_pdbx_poly_seq_scheme.seq_id 
_pdbx_poly_seq_scheme.mon_id 
_pdbx_poly_seq_scheme.ndb_seq_num 
_pdbx_poly_seq_scheme.pdb_seq_num 
_pdbx_poly_seq_scheme.auth_seq_num 
_pdbx_poly_seq_scheme.pdb_mon_id 
_pdbx_poly_seq_scheme.auth_mon_id 
_pdbx_poly_seq_scheme.pdb_strand_id 
_pdbx_poly_seq_scheme.pdb_ins_code 
_pdbx_poly_seq_scheme.hetero 
A 1 1  G   1  1  1  G   G   A . n 
A 1 2  G   2  2  2  G   G   A . n 
A 1 3  6MZ 3  3  3  6MZ 6MZ A . n 
A 1 4  C   4  4  4  C   C   A . n 
A 1 5  U   5  5  5  U   U   A . n 
A 1 6  A   6  6  6  A   A   A . n 
A 1 7  G   7  7  7  G   G   A . n 
A 1 8  U   8  8  8  U   U   A . n 
A 1 9  CBV 9  9  9  CBV CBV A . n 
A 1 10 C   10 10 10 C   C   A . n 
B 1 1  G   1  1  1  G   G   B . n 
B 1 2  G   2  2  2  G   G   B . n 
B 1 3  6MZ 3  3  3  6MZ 6MZ B . n 
B 1 4  C   4  4  4  C   C   B . n 
B 1 5  U   5  5  5  U   U   B . n 
B 1 6  A   6  6  6  A   A   B . n 
B 1 7  G   7  7  7  G   G   B . n 
B 1 8  U   8  8  8  U   U   B . n 
B 1 9  CBV 9  9  9  CBV CBV B . n 
B 1 10 C   10 10 10 C   C   B . n 
C 1 1  G   1  1  1  G   G   C . n 
C 1 2  G   2  2  2  G   G   C . n 
C 1 3  6MZ 3  3  3  6MZ 6MZ C . n 
C 1 4  C   4  4  4  C   C   C . n 
C 1 5  U   5  5  5  U   U   C . n 
C 1 6  A   6  6  6  A   A   C . n 
C 1 7  G   7  7  7  G   G   C . n 
C 1 8  U   8  8  8  U   U   C . n 
C 1 9  CBV 9  9  9  CBV CBV C . n 
C 1 10 C   10 10 10 C   C   C . n 
D 1 1  G   1  1  1  G   G   D . n 
D 1 2  G   2  2  2  G   G   D . n 
D 1 3  6MZ 3  3  3  6MZ 6MZ D . n 
D 1 4  C   4  4  4  C   C   D . n 
D 1 5  U   5  5  5  U   U   D . n 
D 1 6  A   6  6  6  A   A   D . n 
D 1 7  G   7  7  7  G   G   D . n 
D 1 8  U   8  8  8  U   U   D . n 
D 1 9  CBV 9  9  9  CBV CBV D . n 
D 1 10 C   10 10 10 C   C   D . n 
# 
loop_
_pdbx_nonpoly_scheme.asym_id 
_pdbx_nonpoly_scheme.entity_id 
_pdbx_nonpoly_scheme.mon_id 
_pdbx_nonpoly_scheme.ndb_seq_num 
_pdbx_nonpoly_scheme.pdb_seq_num 
_pdbx_nonpoly_scheme.auth_seq_num 
_pdbx_nonpoly_scheme.pdb_mon_id 
_pdbx_nonpoly_scheme.auth_mon_id 
_pdbx_nonpoly_scheme.pdb_strand_id 
_pdbx_nonpoly_scheme.pdb_ins_code 
E 2 SO4 1 101 1  SO4 SO4 C . 
F 3 HOH 1 101 2  HOH HOH A . 
F 3 HOH 2 102 4  HOH HOH A . 
F 3 HOH 3 103 3  HOH HOH A . 
G 3 HOH 1 101 10 HOH HOH B . 
G 3 HOH 2 102 7  HOH HOH B . 
G 3 HOH 3 103 6  HOH HOH B . 
G 3 HOH 4 104 5  HOH HOH B . 
H 3 HOH 1 201 1  HOH HOH C . 
H 3 HOH 2 202 8  HOH HOH C . 
H 3 HOH 3 203 9  HOH HOH C . 
# 
loop_
_software.citation_id 
_software.classification 
_software.compiler_name 
_software.compiler_version 
_software.contact_author 
_software.contact_author_email 
_software.date 
_software.description 
_software.dependencies 
_software.hardware 
_software.language 
_software.location 
_software.mods 
_software.name 
_software.os 
_software.os_version 
_software.type 
_software.version 
_software.pdbx_ordinal 
? refinement       ? ? ? ? ? ? ? ? ? ? ? PHENIX  ? ? ? '(dev_2481: ???)' 1 
? 'data reduction' ? ? ? ? ? ? ? ? ? ? ? xia2    ? ? ? .                 2 
? 'data scaling'   ? ? ? ? ? ? ? ? ? ? ? Aimless ? ? ? .                 3 
? phasing          ? ? ? ? ? ? ? ? ? ? ? PHENIX  ? ? ? .                 4 
# 
_cell.angle_alpha                  90.00 
_cell.angle_alpha_esd              ? 
_cell.angle_beta                   90.00 
_cell.angle_beta_esd               ? 
_cell.angle_gamma                  120.00 
_cell.angle_gamma_esd              ? 
_cell.entry_id                     5LR5 
_cell.details                      ? 
_cell.formula_units_Z              ? 
_cell.length_a                     50.470 
_cell.length_a_esd                 ? 
_cell.length_b                     50.470 
_cell.length_b_esd                 ? 
_cell.length_c                     108.625 
_cell.length_c_esd                 ? 
_cell.volume                       ? 
_cell.volume_esd                   ? 
_cell.Z_PDB                        24 
_cell.reciprocal_angle_alpha       ? 
_cell.reciprocal_angle_beta        ? 
_cell.reciprocal_angle_gamma       ? 
_cell.reciprocal_angle_alpha_esd   ? 
_cell.reciprocal_angle_beta_esd    ? 
_cell.reciprocal_angle_gamma_esd   ? 
_cell.reciprocal_length_a          ? 
_cell.reciprocal_length_b          ? 
_cell.reciprocal_length_c          ? 
_cell.reciprocal_length_a_esd      ? 
_cell.reciprocal_length_b_esd      ? 
_cell.reciprocal_length_c_esd      ? 
_cell.pdbx_unique_axis             ? 
# 
_symmetry.entry_id                         5LR5 
_symmetry.cell_setting                     ? 
_symmetry.Int_Tables_number                170 
_symmetry.space_group_name_Hall            ? 
_symmetry.space_group_name_H-M             'P 65' 
_symmetry.pdbx_full_space_group_name_H-M   ? 
# 
_exptl.absorpt_coefficient_mu     ? 
_exptl.absorpt_correction_T_max   ? 
_exptl.absorpt_correction_T_min   ? 
_exptl.absorpt_correction_type    ? 
_exptl.absorpt_process_details    ? 
_exptl.entry_id                   5LR5 
_exptl.crystals_number            1 
_exptl.details                    ? 
_exptl.method                     'X-RAY DIFFRACTION' 
_exptl.method_details             ? 
# 
_exptl_crystal.colour                      ? 
_exptl_crystal.density_diffrn              ? 
_exptl_crystal.density_Matthews            3.05 
_exptl_crystal.density_method              ? 
_exptl_crystal.density_percent_sol         59.72 
_exptl_crystal.description                 ? 
_exptl_crystal.F_000                       ? 
_exptl_crystal.id                          1 
_exptl_crystal.preparation                 ? 
_exptl_crystal.size_max                    ? 
_exptl_crystal.size_mid                    ? 
_exptl_crystal.size_min                    ? 
_exptl_crystal.size_rad                    ? 
_exptl_crystal.colour_lustre               ? 
_exptl_crystal.colour_modifier             ? 
_exptl_crystal.colour_primary              ? 
_exptl_crystal.density_meas                ? 
_exptl_crystal.density_meas_esd            ? 
_exptl_crystal.density_meas_gt             ? 
_exptl_crystal.density_meas_lt             ? 
_exptl_crystal.density_meas_temp           ? 
_exptl_crystal.density_meas_temp_esd       ? 
_exptl_crystal.density_meas_temp_gt        ? 
_exptl_crystal.density_meas_temp_lt        ? 
_exptl_crystal.pdbx_crystal_image_url      ? 
_exptl_crystal.pdbx_crystal_image_format   ? 
_exptl_crystal.pdbx_mosaicity              ? 
_exptl_crystal.pdbx_mosaicity_esd          ? 
# 
_exptl_crystal_grow.apparatus       ? 
_exptl_crystal_grow.atmosphere      ? 
_exptl_crystal_grow.crystal_id      1 
_exptl_crystal_grow.details         ? 
_exptl_crystal_grow.method          'VAPOR DIFFUSION, SITTING DROP' 
_exptl_crystal_grow.method_ref      ? 
_exptl_crystal_grow.pH              ? 
_exptl_crystal_grow.pressure        ? 
_exptl_crystal_grow.pressure_esd    ? 
_exptl_crystal_grow.seeding         ? 
_exptl_crystal_grow.seeding_ref     ? 
_exptl_crystal_grow.temp            293 
_exptl_crystal_grow.temp_details    ? 
_exptl_crystal_grow.temp_esd        ? 
_exptl_crystal_grow.time            ? 
_exptl_crystal_grow.pdbx_details    
'0.2 M Ammonium Sulfate 0.1 M Sodium Acetate trihydrate pH 4.6 25% w/v Polyethylene Glycol 4000' 
_exptl_crystal_grow.pdbx_pH_range   ? 
# 
_diffrn.ambient_environment    ? 
_diffrn.ambient_temp           100 
_diffrn.ambient_temp_details   ? 
_diffrn.ambient_temp_esd       ? 
_diffrn.crystal_id             1 
_diffrn.crystal_support        ? 
_diffrn.crystal_treatment      ? 
_diffrn.details                ? 
_diffrn.id                     1 
_diffrn.ambient_pressure       ? 
_diffrn.ambient_pressure_esd   ? 
_diffrn.ambient_pressure_gt    ? 
_diffrn.ambient_pressure_lt    ? 
_diffrn.ambient_temp_gt        ? 
_diffrn.ambient_temp_lt        ? 
# 
_diffrn_detector.details                      ? 
_diffrn_detector.detector                     PIXEL 
_diffrn_detector.diffrn_id                    1 
_diffrn_detector.type                         'DECTRIS PILATUS 6M' 
_diffrn_detector.area_resol_mean              ? 
_diffrn_detector.dtime                        ? 
_diffrn_detector.pdbx_frames_total            ? 
_diffrn_detector.pdbx_collection_time_total   ? 
_diffrn_detector.pdbx_collection_date         2016-06-25 
# 
_diffrn_radiation.collimation                      ? 
_diffrn_radiation.diffrn_id                        1 
_diffrn_radiation.filter_edge                      ? 
_diffrn_radiation.inhomogeneity                    ? 
_diffrn_radiation.monochromator                    ? 
_diffrn_radiation.polarisn_norm                    ? 
_diffrn_radiation.polarisn_ratio                   ? 
_diffrn_radiation.probe                            ? 
_diffrn_radiation.type                             ? 
_diffrn_radiation.xray_symbol                      ? 
_diffrn_radiation.wavelength_id                    1 
_diffrn_radiation.pdbx_monochromatic_or_laue_m_l   M 
_diffrn_radiation.pdbx_wavelength_list             ? 
_diffrn_radiation.pdbx_wavelength                  ? 
_diffrn_radiation.pdbx_diffrn_protocol             'SINGLE WAVELENGTH' 
_diffrn_radiation.pdbx_analyzer                    ? 
_diffrn_radiation.pdbx_scattering_type             x-ray 
# 
_diffrn_radiation_wavelength.id           1 
_diffrn_radiation_wavelength.wavelength   0.9193 
_diffrn_radiation_wavelength.wt           1.0 
# 
_diffrn_source.current                     ? 
_diffrn_source.details                     ? 
_diffrn_source.diffrn_id                   1 
_diffrn_source.power                       ? 
_diffrn_source.size                        ? 
_diffrn_source.source                      SYNCHROTRON 
_diffrn_source.target                      ? 
_diffrn_source.type                        'DIAMOND BEAMLINE I02' 
_diffrn_source.voltage                     ? 
_diffrn_source.take-off_angle              ? 
_diffrn_source.pdbx_wavelength_list        0.9193 
_diffrn_source.pdbx_wavelength             ? 
_diffrn_source.pdbx_synchrotron_beamline   I02 
_diffrn_source.pdbx_synchrotron_site       Diamond 
# 
_reflns.B_iso_Wilson_estimate            ? 
_reflns.entry_id                         5LR5 
_reflns.data_reduction_details           ? 
_reflns.data_reduction_method            ? 
_reflns.d_resolution_high                2.27 
_reflns.d_resolution_low                 43.71 
_reflns.details                          ? 
_reflns.limit_h_max                      ? 
_reflns.limit_h_min                      ? 
_reflns.limit_k_max                      ? 
_reflns.limit_k_min                      ? 
_reflns.limit_l_max                      ? 
_reflns.limit_l_min                      ? 
_reflns.number_all                       ? 
_reflns.number_obs                       5911 
_reflns.observed_criterion               ? 
_reflns.observed_criterion_F_max         ? 
_reflns.observed_criterion_F_min         ? 
_reflns.observed_criterion_I_max         ? 
_reflns.observed_criterion_I_min         ? 
_reflns.observed_criterion_sigma_F       ? 
_reflns.observed_criterion_sigma_I       1.4 
_reflns.percent_possible_obs             98.4 
_reflns.R_free_details                   ? 
_reflns.Rmerge_F_all                     ? 
_reflns.Rmerge_F_obs                     ? 
_reflns.Friedel_coverage                 ? 
_reflns.number_gt                        ? 
_reflns.threshold_expression             ? 
_reflns.pdbx_redundancy                  41.7 
_reflns.pdbx_Rmerge_I_obs                0.143 
_reflns.pdbx_Rmerge_I_all                ? 
_reflns.pdbx_Rsym_value                  ? 
_reflns.pdbx_netI_over_av_sigmaI         ? 
_reflns.pdbx_netI_over_sigmaI            13.3 
_reflns.pdbx_res_netI_over_av_sigmaI_2   ? 
_reflns.pdbx_res_netI_over_sigmaI_2      ? 
_reflns.pdbx_chi_squared                 ? 
_reflns.pdbx_scaling_rejects             ? 
_reflns.pdbx_d_res_high_opt              ? 
_reflns.pdbx_d_res_low_opt               ? 
_reflns.pdbx_d_res_opt_method            ? 
_reflns.phase_calculation_details        ? 
_reflns.pdbx_Rrim_I_all                  ? 
_reflns.pdbx_Rpim_I_all                  ? 
_reflns.pdbx_d_opt                       ? 
_reflns.pdbx_number_measured_all         ? 
_reflns.pdbx_diffrn_id                   1 
_reflns.pdbx_ordinal                     1 
_reflns.pdbx_CC_half                     1.00 
_reflns.pdbx_R_split                     ? 
# 
_reflns_shell.d_res_high                  2.27 
_reflns_shell.d_res_low                   2.31 
_reflns_shell.meanI_over_sigI_all         ? 
_reflns_shell.meanI_over_sigI_obs         1.4 
_reflns_shell.number_measured_all         ? 
_reflns_shell.number_measured_obs         ? 
_reflns_shell.number_possible             ? 
_reflns_shell.number_unique_all           ? 
_reflns_shell.number_unique_obs           ? 
_reflns_shell.percent_possible_all        97.6 
_reflns_shell.percent_possible_obs        ? 
_reflns_shell.Rmerge_F_all                ? 
_reflns_shell.Rmerge_F_obs                ? 
_reflns_shell.Rmerge_I_all                ? 
_reflns_shell.Rmerge_I_obs                2.7 
_reflns_shell.meanI_over_sigI_gt          ? 
_reflns_shell.meanI_over_uI_all           ? 
_reflns_shell.meanI_over_uI_gt            ? 
_reflns_shell.number_measured_gt          ? 
_reflns_shell.number_unique_gt            ? 
_reflns_shell.percent_possible_gt         ? 
_reflns_shell.Rmerge_F_gt                 ? 
_reflns_shell.Rmerge_I_gt                 ? 
_reflns_shell.pdbx_redundancy             38.7 
_reflns_shell.pdbx_Rsym_value             ? 
_reflns_shell.pdbx_chi_squared            ? 
_reflns_shell.pdbx_netI_over_sigmaI_all   ? 
_reflns_shell.pdbx_netI_over_sigmaI_obs   ? 
_reflns_shell.pdbx_Rrim_I_all             ? 
_reflns_shell.pdbx_Rpim_I_all             ? 
_reflns_shell.pdbx_rejects                ? 
_reflns_shell.pdbx_ordinal                1 
_reflns_shell.pdbx_diffrn_id              1 
_reflns_shell.pdbx_CC_half                0.545 
_reflns_shell.pdbx_R_split                ? 
# 
_refine.aniso_B[1][1]                            ? 
_refine.aniso_B[1][2]                            ? 
_refine.aniso_B[1][3]                            ? 
_refine.aniso_B[2][2]                            ? 
_refine.aniso_B[2][3]                            ? 
_refine.aniso_B[3][3]                            ? 
_refine.B_iso_max                                ? 
_refine.B_iso_mean                               ? 
_refine.B_iso_min                                ? 
_refine.correlation_coeff_Fo_to_Fc               ? 
_refine.correlation_coeff_Fo_to_Fc_free          ? 
_refine.details                                  ? 
_refine.diff_density_max                         ? 
_refine.diff_density_max_esd                     ? 
_refine.diff_density_min                         ? 
_refine.diff_density_min_esd                     ? 
_refine.diff_density_rms                         ? 
_refine.diff_density_rms_esd                     ? 
_refine.entry_id                                 5LR5 
_refine.pdbx_refine_id                           'X-RAY DIFFRACTION' 
_refine.ls_abs_structure_details                 ? 
_refine.ls_abs_structure_Flack                   ? 
_refine.ls_abs_structure_Flack_esd               ? 
_refine.ls_abs_structure_Rogers                  ? 
_refine.ls_abs_structure_Rogers_esd              ? 
_refine.ls_d_res_high                            2.400 
_refine.ls_d_res_low                             43.708 
_refine.ls_extinction_coef                       ? 
_refine.ls_extinction_coef_esd                   ? 
_refine.ls_extinction_expression                 ? 
_refine.ls_extinction_method                     ? 
_refine.ls_goodness_of_fit_all                   ? 
_refine.ls_goodness_of_fit_all_esd               ? 
_refine.ls_goodness_of_fit_obs                   ? 
_refine.ls_goodness_of_fit_obs_esd               ? 
_refine.ls_hydrogen_treatment                    ? 
_refine.ls_matrix_type                           ? 
_refine.ls_number_constraints                    ? 
_refine.ls_number_parameters                     ? 
_refine.ls_number_reflns_all                     ? 
_refine.ls_number_reflns_obs                     5910 
_refine.ls_number_reflns_R_free                  528 
_refine.ls_number_reflns_R_work                  ? 
_refine.ls_number_restraints                     ? 
_refine.ls_percent_reflns_obs                    96.27 
_refine.ls_percent_reflns_R_free                 4.54 
_refine.ls_R_factor_all                          ? 
_refine.ls_R_factor_obs                          0.2490 
_refine.ls_R_factor_R_free                       0.2873 
_refine.ls_R_factor_R_free_error                 ? 
_refine.ls_R_factor_R_free_error_details         ? 
_refine.ls_R_factor_R_work                       0.2474 
_refine.ls_R_Fsqd_factor_obs                     ? 
_refine.ls_R_I_factor_obs                        ? 
_refine.ls_redundancy_reflns_all                 ? 
_refine.ls_redundancy_reflns_obs                 ? 
_refine.ls_restrained_S_all                      ? 
_refine.ls_restrained_S_obs                      ? 
_refine.ls_shift_over_esd_max                    ? 
_refine.ls_shift_over_esd_mean                   ? 
_refine.ls_structure_factor_coef                 ? 
_refine.ls_weighting_details                     ? 
_refine.ls_weighting_scheme                      ? 
_refine.ls_wR_factor_all                         ? 
_refine.ls_wR_factor_obs                         ? 
_refine.ls_wR_factor_R_free                      ? 
_refine.ls_wR_factor_R_work                      ? 
_refine.occupancy_max                            ? 
_refine.occupancy_min                            ? 
_refine.solvent_model_details                    ? 
_refine.solvent_model_param_bsol                 ? 
_refine.solvent_model_param_ksol                 ? 
_refine.ls_R_factor_gt                           ? 
_refine.ls_goodness_of_fit_gt                    ? 
_refine.ls_goodness_of_fit_ref                   ? 
_refine.ls_shift_over_su_max                     ? 
_refine.ls_shift_over_su_max_lt                  ? 
_refine.ls_shift_over_su_mean                    ? 
_refine.ls_shift_over_su_mean_lt                 ? 
_refine.pdbx_ls_sigma_I                          ? 
_refine.pdbx_ls_sigma_F                          1.33 
_refine.pdbx_ls_sigma_Fsqd                       ? 
_refine.pdbx_data_cutoff_high_absF               ? 
_refine.pdbx_data_cutoff_high_rms_absF           ? 
_refine.pdbx_data_cutoff_low_absF                ? 
_refine.pdbx_isotropic_thermal_model             ? 
_refine.pdbx_ls_cross_valid_method               'FREE R-VALUE' 
_refine.pdbx_method_to_determine_struct          SAD 
_refine.pdbx_starting_model                      ? 
_refine.pdbx_stereochemistry_target_values       ? 
_refine.pdbx_R_Free_selection_details            ? 
_refine.pdbx_stereochem_target_val_spec_case     ? 
_refine.pdbx_overall_ESU_R                       ? 
_refine.pdbx_overall_ESU_R_Free                  ? 
_refine.pdbx_solvent_vdw_probe_radii             1.11 
_refine.pdbx_solvent_ion_probe_radii             ? 
_refine.pdbx_solvent_shrinkage_radii             0.90 
_refine.pdbx_real_space_R                        ? 
_refine.pdbx_density_correlation                 ? 
_refine.pdbx_pd_number_of_powder_patterns        ? 
_refine.pdbx_pd_number_of_points                 ? 
_refine.pdbx_pd_meas_number_of_points            ? 
_refine.pdbx_pd_proc_ls_prof_R_factor            ? 
_refine.pdbx_pd_proc_ls_prof_wR_factor           ? 
_refine.pdbx_pd_Marquardt_correlation_coeff      ? 
_refine.pdbx_pd_Fsqrd_R_factor                   ? 
_refine.pdbx_pd_ls_matrix_band_width             ? 
_refine.pdbx_overall_phase_error                 38.71 
_refine.pdbx_overall_SU_R_free_Cruickshank_DPI   ? 
_refine.pdbx_overall_SU_R_free_Blow_DPI          ? 
_refine.pdbx_overall_SU_R_Blow_DPI               ? 
_refine.pdbx_TLS_residual_ADP_flag               ? 
_refine.pdbx_diffrn_id                           1 
_refine.overall_SU_B                             ? 
_refine.overall_SU_ML                            0.44 
_refine.overall_SU_R_Cruickshank_DPI             ? 
_refine.overall_SU_R_free                        ? 
_refine.overall_FOM_free_R_set                   ? 
_refine.overall_FOM_work_R_set                   ? 
_refine.pdbx_average_fsc_overall                 ? 
_refine.pdbx_average_fsc_work                    ? 
_refine.pdbx_average_fsc_free                    ? 
# 
_refine_hist.pdbx_refine_id                   'X-RAY DIFFRACTION' 
_refine_hist.cycle_id                         LAST 
_refine_hist.pdbx_number_atoms_protein        0 
_refine_hist.pdbx_number_atoms_nucleic_acid   856 
_refine_hist.pdbx_number_atoms_ligand         5 
_refine_hist.number_atoms_solvent             10 
_refine_hist.number_atoms_total               871 
_refine_hist.d_res_high                       2.400 
_refine_hist.d_res_low                        43.708 
# 
loop_
_refine_ls_restr.pdbx_refine_id 
_refine_ls_restr.criterion 
_refine_ls_restr.dev_ideal 
_refine_ls_restr.dev_ideal_target 
_refine_ls_restr.number 
_refine_ls_restr.rejects 
_refine_ls_restr.type 
_refine_ls_restr.weight 
_refine_ls_restr.pdbx_restraint_function 
'X-RAY DIFFRACTION' ? 0.020  ? 956  ? f_bond_d           ? ? 
'X-RAY DIFFRACTION' ? 4.691  ? 1494 ? f_angle_d          ? ? 
'X-RAY DIFFRACTION' ? 10.504 ? 404  ? f_dihedral_angle_d ? ? 
'X-RAY DIFFRACTION' ? 0.053  ? 188  ? f_chiral_restr     ? ? 
'X-RAY DIFFRACTION' ? 0.003  ? 40   ? f_plane_restr      ? ? 
# 
loop_
_refine_ls_shell.pdbx_refine_id 
_refine_ls_shell.d_res_high 
_refine_ls_shell.d_res_low 
_refine_ls_shell.number_reflns_all 
_refine_ls_shell.number_reflns_obs 
_refine_ls_shell.number_reflns_R_free 
_refine_ls_shell.number_reflns_R_work 
_refine_ls_shell.percent_reflns_obs 
_refine_ls_shell.percent_reflns_R_free 
_refine_ls_shell.R_factor_all 
_refine_ls_shell.R_factor_obs 
_refine_ls_shell.R_factor_R_free 
_refine_ls_shell.R_factor_R_free_error 
_refine_ls_shell.R_factor_R_work 
_refine_ls_shell.redundancy_reflns_all 
_refine_ls_shell.redundancy_reflns_obs 
_refine_ls_shell.wR_factor_all 
_refine_ls_shell.wR_factor_obs 
_refine_ls_shell.wR_factor_R_free 
_refine_ls_shell.wR_factor_R_work 
_refine_ls_shell.pdbx_total_number_of_bins_used 
_refine_ls_shell.pdbx_phase_error 
_refine_ls_shell.pdbx_fsc_work 
_refine_ls_shell.pdbx_fsc_free 
'X-RAY DIFFRACTION' 2.4001 2.6416  . . 120 2802 96.00 . . . 0.4358 . 0.4235 . . . . . . . . . . 
'X-RAY DIFFRACTION' 2.6416 3.0237  . . 182 2765 98.00 . . . 0.4142 . 0.3858 . . . . . . . . . . 
'X-RAY DIFFRACTION' 3.0237 3.8093  . . 105 2677 92.00 . . . 0.2830 . 0.2847 . . . . . . . . . . 
'X-RAY DIFFRACTION' 3.8093 43.7155 . . 121 2865 99.00 . . . 0.2177 . 0.1720 . . . . . . . . . . 
# 
_struct.entry_id                     5LR5 
_struct.title                        'N6-methyladenine is accommodated in a conventional A-U basepair' 
_struct.pdbx_model_details           ? 
_struct.pdbx_formula_weight          ? 
_struct.pdbx_formula_weight_method   ? 
_struct.pdbx_model_type_details      ? 
_struct.pdbx_CASP_flag               N 
# 
_struct_keywords.entry_id        5LR5 
_struct_keywords.text            'N6-methyladenine, RNA folding, Watson-Crick basepairs, RNA' 
_struct_keywords.pdbx_keywords   RNA 
# 
loop_
_struct_asym.id 
_struct_asym.pdbx_blank_PDB_chainid_flag 
_struct_asym.pdbx_modified 
_struct_asym.entity_id 
_struct_asym.details 
A N N 1 ? 
B N N 1 ? 
C N N 1 ? 
D N N 1 ? 
E N N 2 ? 
F N N 3 ? 
G N N 3 ? 
H N N 3 ? 
# 
_struct_ref.id                         1 
_struct_ref.db_name                    PDB 
_struct_ref.db_code                    5LR5 
_struct_ref.pdbx_db_accession          5LR5 
_struct_ref.pdbx_db_isoform            ? 
_struct_ref.entity_id                  1 
_struct_ref.pdbx_seq_one_letter_code   ? 
_struct_ref.pdbx_align_begin           1 
# 
loop_
_struct_ref_seq.align_id 
_struct_ref_seq.ref_id 
_struct_ref_seq.pdbx_PDB_id_code 
_struct_ref_seq.pdbx_strand_id 
_struct_ref_seq.seq_align_beg 
_struct_ref_seq.pdbx_seq_align_beg_ins_code 
_struct_ref_seq.seq_align_end 
_struct_ref_seq.pdbx_seq_align_end_ins_code 
_struct_ref_seq.pdbx_db_accession 
_struct_ref_seq.db_align_beg 
_struct_ref_seq.pdbx_db_align_beg_ins_code 
_struct_ref_seq.db_align_end 
_struct_ref_seq.pdbx_db_align_end_ins_code 
_struct_ref_seq.pdbx_auth_seq_align_beg 
_struct_ref_seq.pdbx_auth_seq_align_end 
1 1 5LR5 A 1 ? 10 ? 5LR5 1 ? 10 ? 1 10 
2 1 5LR5 B 1 ? 10 ? 5LR5 1 ? 10 ? 1 10 
3 1 5LR5 C 1 ? 10 ? 5LR5 1 ? 10 ? 1 10 
4 1 5LR5 D 1 ? 10 ? 5LR5 1 ? 10 ? 1 10 
# 
loop_
_pdbx_struct_assembly.id 
_pdbx_struct_assembly.details 
_pdbx_struct_assembly.method_details 
_pdbx_struct_assembly.oligomeric_details 
_pdbx_struct_assembly.oligomeric_count 
1 software_defined_assembly PISA dimeric 2 
2 software_defined_assembly PISA dimeric 2 
# 
loop_
_pdbx_struct_assembly_prop.biol_id 
_pdbx_struct_assembly_prop.type 
_pdbx_struct_assembly_prop.value 
_pdbx_struct_assembly_prop.details 
1 'ABSA (A^2)' 3470 ? 
1 MORE         5    ? 
1 'SSA (A^2)'  3230 ? 
2 'ABSA (A^2)' 3700 ? 
2 MORE         -12  ? 
2 'SSA (A^2)'  3220 ? 
# 
loop_
_pdbx_struct_assembly_gen.assembly_id 
_pdbx_struct_assembly_gen.oper_expression 
_pdbx_struct_assembly_gen.asym_id_list 
1 1 A,B,F,G 
2 1 C,D,E,H 
# 
_pdbx_struct_oper_list.id                   1 
_pdbx_struct_oper_list.type                 'identity operation' 
_pdbx_struct_oper_list.name                 1_555 
_pdbx_struct_oper_list.symmetry_operation   x,y,z 
_pdbx_struct_oper_list.matrix[1][1]         1.0000000000 
_pdbx_struct_oper_list.matrix[1][2]         0.0000000000 
_pdbx_struct_oper_list.matrix[1][3]         0.0000000000 
_pdbx_struct_oper_list.vector[1]            0.0000000000 
_pdbx_struct_oper_list.matrix[2][1]         0.0000000000 
_pdbx_struct_oper_list.matrix[2][2]         1.0000000000 
_pdbx_struct_oper_list.matrix[2][3]         0.0000000000 
_pdbx_struct_oper_list.vector[2]            0.0000000000 
_pdbx_struct_oper_list.matrix[3][1]         0.0000000000 
_pdbx_struct_oper_list.matrix[3][2]         0.0000000000 
_pdbx_struct_oper_list.matrix[3][3]         1.0000000000 
_pdbx_struct_oper_list.vector[3]            0.0000000000 
# 
loop_
_struct_conn.id 
_struct_conn.conn_type_id 
_struct_conn.pdbx_leaving_atom_flag 
_struct_conn.pdbx_PDB_id 
_struct_conn.ptnr1_label_asym_id 
_struct_conn.ptnr1_label_comp_id 
_struct_conn.ptnr1_label_seq_id 
_struct_conn.ptnr1_label_atom_id 
_struct_conn.pdbx_ptnr1_label_alt_id 
_struct_conn.pdbx_ptnr1_PDB_ins_code 
_struct_conn.pdbx_ptnr1_standard_comp_id 
_struct_conn.ptnr1_symmetry 
_struct_conn.ptnr2_label_asym_id 
_struct_conn.ptnr2_label_comp_id 
_struct_conn.ptnr2_label_seq_id 
_struct_conn.ptnr2_label_atom_id 
_struct_conn.pdbx_ptnr2_label_alt_id 
_struct_conn.pdbx_ptnr2_PDB_ins_code 
_struct_conn.ptnr1_auth_asym_id 
_struct_conn.ptnr1_auth_comp_id 
_struct_conn.ptnr1_auth_seq_id 
_struct_conn.ptnr2_auth_asym_id 
_struct_conn.ptnr2_auth_comp_id 
_struct_conn.ptnr2_auth_seq_id 
_struct_conn.ptnr2_symmetry 
_struct_conn.pdbx_ptnr3_label_atom_id 
_struct_conn.pdbx_ptnr3_label_seq_id 
_struct_conn.pdbx_ptnr3_label_comp_id 
_struct_conn.pdbx_ptnr3_label_asym_id 
_struct_conn.pdbx_ptnr3_label_alt_id 
_struct_conn.pdbx_ptnr3_PDB_ins_code 
_struct_conn.details 
_struct_conn.pdbx_dist_value 
_struct_conn.pdbx_value_order 
_struct_conn.pdbx_role 
covale1  covale both ? A G   2  "O3'" ? ? ? 1_555 A 6MZ 3  P  ? ? A G   2  A 6MZ 3  1_555 ? ? ? ? ? ? ?            1.698 ? ? 
covale2  covale both ? A 6MZ 3  "O3'" ? ? ? 1_555 A C   4  P  ? ? A 6MZ 3  A C   4  1_555 ? ? ? ? ? ? ?            1.604 ? ? 
covale3  covale both ? A U   8  "O3'" ? ? ? 1_555 A CBV 9  P  ? ? A U   8  A CBV 9  1_555 ? ? ? ? ? ? ?            1.606 ? ? 
covale4  covale one  ? A CBV 9  "O3'" ? ? ? 1_555 A C   10 P  ? ? A CBV 9  A C   10 1_555 ? ? ? ? ? ? ?            1.601 ? ? 
covale5  covale both ? B G   2  "O3'" ? ? ? 1_555 B 6MZ 3  P  ? ? B G   2  B 6MZ 3  1_555 ? ? ? ? ? ? ?            1.698 ? ? 
covale6  covale both ? B 6MZ 3  "O3'" ? ? ? 1_555 B C   4  P  ? ? B 6MZ 3  B C   4  1_555 ? ? ? ? ? ? ?            1.598 ? ? 
covale7  covale both ? B U   8  "O3'" ? ? ? 1_555 B CBV 9  P  ? ? B U   8  B CBV 9  1_555 ? ? ? ? ? ? ?            1.606 ? ? 
covale8  covale one  ? B CBV 9  "O3'" ? ? ? 1_555 B C   10 P  ? ? B CBV 9  B C   10 1_555 ? ? ? ? ? ? ?            1.602 ? ? 
covale9  covale both ? C G   2  "O3'" ? ? ? 1_555 C 6MZ 3  P  ? ? C G   2  C 6MZ 3  1_555 ? ? ? ? ? ? ?            1.606 ? ? 
covale10 covale both ? C 6MZ 3  "O3'" ? ? ? 1_555 C C   4  P  ? ? C 6MZ 3  C C   4  1_555 ? ? ? ? ? ? ?            1.610 ? ? 
covale11 covale both ? C U   8  "O3'" ? ? ? 1_555 C CBV 9  P  ? ? C U   8  C CBV 9  1_555 ? ? ? ? ? ? ?            1.606 ? ? 
covale12 covale one  ? C CBV 9  "O3'" ? ? ? 1_555 C C   10 P  ? ? C CBV 9  C C   10 1_555 ? ? ? ? ? ? ?            1.601 ? ? 
covale13 covale both ? D G   2  "O3'" ? ? ? 1_555 D 6MZ 3  P  ? ? D G   2  D 6MZ 3  1_555 ? ? ? ? ? ? ?            1.606 ? ? 
covale14 covale both ? D 6MZ 3  "O3'" ? ? ? 1_555 D C   4  P  ? ? D 6MZ 3  D C   4  1_555 ? ? ? ? ? ? ?            1.604 ? ? 
covale15 covale both ? D U   8  "O3'" ? ? ? 1_555 D CBV 9  P  ? ? D U   8  D CBV 9  1_555 ? ? ? ? ? ? ?            1.702 ? ? 
covale16 covale one  ? D CBV 9  "O3'" ? ? ? 1_555 D C   10 P  ? ? D CBV 9  D C   10 1_555 ? ? ? ? ? ? ?            1.595 ? ? 
hydrog1  hydrog ?    ? A G   1  N1    ? ? ? 1_555 B C   10 N3 ? ? A G   1  B C   10 1_555 ? ? ? ? ? ? WATSON-CRICK ?     ? ? 
hydrog2  hydrog ?    ? A G   1  N2    ? ? ? 1_555 B C   10 O2 ? ? A G   1  B C   10 1_555 ? ? ? ? ? ? WATSON-CRICK ?     ? ? 
hydrog3  hydrog ?    ? A G   1  O6    ? ? ? 1_555 B C   10 N4 ? ? A G   1  B C   10 1_555 ? ? ? ? ? ? WATSON-CRICK ?     ? ? 
hydrog4  hydrog ?    ? A G   2  N1    ? ? ? 1_555 B CBV 9  N3 ? ? A G   2  B CBV 9  1_555 ? ? ? ? ? ? WATSON-CRICK ?     ? ? 
hydrog5  hydrog ?    ? A G   2  N2    ? ? ? 1_555 B CBV 9  O2 ? ? A G   2  B CBV 9  1_555 ? ? ? ? ? ? WATSON-CRICK ?     ? ? 
hydrog6  hydrog ?    ? A G   2  O6    ? ? ? 1_555 B CBV 9  N4 ? ? A G   2  B CBV 9  1_555 ? ? ? ? ? ? WATSON-CRICK ?     ? ? 
hydrog7  hydrog ?    ? A 6MZ 3  N1    ? ? ? 1_555 B U   8  N3 ? ? A 6MZ 3  B U   8  1_555 ? ? ? ? ? ? WATSON-CRICK ?     ? ? 
hydrog8  hydrog ?    ? A 6MZ 3  N6    ? ? ? 1_555 B U   8  O4 ? ? A 6MZ 3  B U   8  1_555 ? ? ? ? ? ? WATSON-CRICK ?     ? ? 
hydrog9  hydrog ?    ? A C   4  N3    ? ? ? 1_555 B G   7  N1 ? ? A C   4  B G   7  1_555 ? ? ? ? ? ? WATSON-CRICK ?     ? ? 
hydrog10 hydrog ?    ? A C   4  N4    ? ? ? 1_555 B G   7  O6 ? ? A C   4  B G   7  1_555 ? ? ? ? ? ? WATSON-CRICK ?     ? ? 
hydrog11 hydrog ?    ? A C   4  O2    ? ? ? 1_555 B G   7  N2 ? ? A C   4  B G   7  1_555 ? ? ? ? ? ? WATSON-CRICK ?     ? ? 
hydrog12 hydrog ?    ? A U   5  N3    ? ? ? 1_555 B A   6  N1 ? ? A U   5  B A   6  1_555 ? ? ? ? ? ? WATSON-CRICK ?     ? ? 
hydrog13 hydrog ?    ? A U   5  O4    ? ? ? 1_555 B A   6  N6 ? ? A U   5  B A   6  1_555 ? ? ? ? ? ? WATSON-CRICK ?     ? ? 
hydrog14 hydrog ?    ? A A   6  N1    ? ? ? 1_555 B U   5  N3 ? ? A A   6  B U   5  1_555 ? ? ? ? ? ? WATSON-CRICK ?     ? ? 
hydrog15 hydrog ?    ? A A   6  N6    ? ? ? 1_555 B U   5  O4 ? ? A A   6  B U   5  1_555 ? ? ? ? ? ? WATSON-CRICK ?     ? ? 
hydrog16 hydrog ?    ? A G   7  N1    ? ? ? 1_555 B C   4  N3 ? ? A G   7  B C   4  1_555 ? ? ? ? ? ? WATSON-CRICK ?     ? ? 
hydrog17 hydrog ?    ? A G   7  N2    ? ? ? 1_555 B C   4  O2 ? ? A G   7  B C   4  1_555 ? ? ? ? ? ? WATSON-CRICK ?     ? ? 
hydrog18 hydrog ?    ? A G   7  O6    ? ? ? 1_555 B C   4  N4 ? ? A G   7  B C   4  1_555 ? ? ? ? ? ? WATSON-CRICK ?     ? ? 
hydrog19 hydrog ?    ? A U   8  N3    ? ? ? 1_555 B 6MZ 3  N1 ? ? A U   8  B 6MZ 3  1_555 ? ? ? ? ? ? WATSON-CRICK ?     ? ? 
hydrog20 hydrog ?    ? A U   8  O4    ? ? ? 1_555 B 6MZ 3  N6 ? ? A U   8  B 6MZ 3  1_555 ? ? ? ? ? ? WATSON-CRICK ?     ? ? 
hydrog21 hydrog ?    ? A CBV 9  N3    ? ? ? 1_555 B G   2  N1 ? ? A CBV 9  B G   2  1_555 ? ? ? ? ? ? WATSON-CRICK ?     ? ? 
hydrog22 hydrog ?    ? A CBV 9  N4    ? ? ? 1_555 B G   2  O6 ? ? A CBV 9  B G   2  1_555 ? ? ? ? ? ? WATSON-CRICK ?     ? ? 
hydrog23 hydrog ?    ? A CBV 9  O2    ? ? ? 1_555 B G   2  N2 ? ? A CBV 9  B G   2  1_555 ? ? ? ? ? ? WATSON-CRICK ?     ? ? 
hydrog24 hydrog ?    ? A C   10 N3    ? ? ? 1_555 B G   1  N1 ? ? A C   10 B G   1  1_555 ? ? ? ? ? ? WATSON-CRICK ?     ? ? 
hydrog25 hydrog ?    ? A C   10 N4    ? ? ? 1_555 B G   1  O6 ? ? A C   10 B G   1  1_555 ? ? ? ? ? ? WATSON-CRICK ?     ? ? 
hydrog26 hydrog ?    ? A C   10 O2    ? ? ? 1_555 B G   1  N2 ? ? A C   10 B G   1  1_555 ? ? ? ? ? ? WATSON-CRICK ?     ? ? 
hydrog27 hydrog ?    ? C G   1  N1    ? ? ? 1_555 D C   10 N3 ? ? C G   1  D C   10 1_555 ? ? ? ? ? ? WATSON-CRICK ?     ? ? 
hydrog28 hydrog ?    ? C G   1  N2    ? ? ? 1_555 D C   10 O2 ? ? C G   1  D C   10 1_555 ? ? ? ? ? ? WATSON-CRICK ?     ? ? 
hydrog29 hydrog ?    ? C G   1  O6    ? ? ? 1_555 D C   10 N4 ? ? C G   1  D C   10 1_555 ? ? ? ? ? ? WATSON-CRICK ?     ? ? 
hydrog30 hydrog ?    ? C G   2  N1    ? ? ? 1_555 D CBV 9  N3 ? ? C G   2  D CBV 9  1_555 ? ? ? ? ? ? WATSON-CRICK ?     ? ? 
hydrog31 hydrog ?    ? C G   2  N2    ? ? ? 1_555 D CBV 9  O2 ? ? C G   2  D CBV 9  1_555 ? ? ? ? ? ? WATSON-CRICK ?     ? ? 
hydrog32 hydrog ?    ? C G   2  O6    ? ? ? 1_555 D CBV 9  N4 ? ? C G   2  D CBV 9  1_555 ? ? ? ? ? ? WATSON-CRICK ?     ? ? 
hydrog33 hydrog ?    ? C 6MZ 3  N1    ? ? ? 1_555 D U   8  N3 ? ? C 6MZ 3  D U   8  1_555 ? ? ? ? ? ? WATSON-CRICK ?     ? ? 
hydrog34 hydrog ?    ? C 6MZ 3  N6    ? ? ? 1_555 D U   8  O4 ? ? C 6MZ 3  D U   8  1_555 ? ? ? ? ? ? WATSON-CRICK ?     ? ? 
hydrog35 hydrog ?    ? C C   4  N3    ? ? ? 1_555 D G   7  N1 ? ? C C   4  D G   7  1_555 ? ? ? ? ? ? WATSON-CRICK ?     ? ? 
hydrog36 hydrog ?    ? C C   4  N4    ? ? ? 1_555 D G   7  O6 ? ? C C   4  D G   7  1_555 ? ? ? ? ? ? WATSON-CRICK ?     ? ? 
hydrog37 hydrog ?    ? C C   4  O2    ? ? ? 1_555 D G   7  N2 ? ? C C   4  D G   7  1_555 ? ? ? ? ? ? WATSON-CRICK ?     ? ? 
hydrog38 hydrog ?    ? C U   5  N3    ? ? ? 1_555 D A   6  N1 ? ? C U   5  D A   6  1_555 ? ? ? ? ? ? WATSON-CRICK ?     ? ? 
hydrog39 hydrog ?    ? C U   5  O4    ? ? ? 1_555 D A   6  N6 ? ? C U   5  D A   6  1_555 ? ? ? ? ? ? WATSON-CRICK ?     ? ? 
hydrog40 hydrog ?    ? C A   6  N1    ? ? ? 1_555 D U   5  N3 ? ? C A   6  D U   5  1_555 ? ? ? ? ? ? WATSON-CRICK ?     ? ? 
hydrog41 hydrog ?    ? C A   6  N6    ? ? ? 1_555 D U   5  O4 ? ? C A   6  D U   5  1_555 ? ? ? ? ? ? WATSON-CRICK ?     ? ? 
hydrog42 hydrog ?    ? C G   7  N1    ? ? ? 1_555 D C   4  N3 ? ? C G   7  D C   4  1_555 ? ? ? ? ? ? WATSON-CRICK ?     ? ? 
hydrog43 hydrog ?    ? C G   7  N2    ? ? ? 1_555 D C   4  O2 ? ? C G   7  D C   4  1_555 ? ? ? ? ? ? WATSON-CRICK ?     ? ? 
hydrog44 hydrog ?    ? C G   7  O6    ? ? ? 1_555 D C   4  N4 ? ? C G   7  D C   4  1_555 ? ? ? ? ? ? WATSON-CRICK ?     ? ? 
hydrog45 hydrog ?    ? C U   8  N3    ? ? ? 1_555 D 6MZ 3  N1 ? ? C U   8  D 6MZ 3  1_555 ? ? ? ? ? ? WATSON-CRICK ?     ? ? 
hydrog46 hydrog ?    ? C U   8  O4    ? ? ? 1_555 D 6MZ 3  N6 ? ? C U   8  D 6MZ 3  1_555 ? ? ? ? ? ? WATSON-CRICK ?     ? ? 
hydrog47 hydrog ?    ? C CBV 9  N3    ? ? ? 1_555 D G   2  N1 ? ? C CBV 9  D G   2  1_555 ? ? ? ? ? ? WATSON-CRICK ?     ? ? 
hydrog48 hydrog ?    ? C CBV 9  N4    ? ? ? 1_555 D G   2  O6 ? ? C CBV 9  D G   2  1_555 ? ? ? ? ? ? WATSON-CRICK ?     ? ? 
hydrog49 hydrog ?    ? C CBV 9  O2    ? ? ? 1_555 D G   2  N2 ? ? C CBV 9  D G   2  1_555 ? ? ? ? ? ? WATSON-CRICK ?     ? ? 
hydrog50 hydrog ?    ? C C   10 N3    ? ? ? 1_555 D G   1  N1 ? ? C C   10 D G   1  1_555 ? ? ? ? ? ? WATSON-CRICK ?     ? ? 
hydrog51 hydrog ?    ? C C   10 N4    ? ? ? 1_555 D G   1  O6 ? ? C C   10 D G   1  1_555 ? ? ? ? ? ? WATSON-CRICK ?     ? ? 
hydrog52 hydrog ?    ? C C   10 O2    ? ? ? 1_555 D G   1  N2 ? ? C C   10 D G   1  1_555 ? ? ? ? ? ? WATSON-CRICK ?     ? ? 
# 
loop_
_struct_conn_type.id 
_struct_conn_type.criteria 
_struct_conn_type.reference 
covale ? ? 
hydrog ? ? 
# 
loop_
_struct_site.id 
_struct_site.pdbx_evidence_code 
_struct_site.pdbx_auth_asym_id 
_struct_site.pdbx_auth_comp_id 
_struct_site.pdbx_auth_seq_id 
_struct_site.pdbx_auth_ins_code 
_struct_site.pdbx_num_residues 
_struct_site.details 
AC1 Software C SO4 101 ? 3 'binding site for residue SO4 C 101'                
AC2 Software B G   2   ? 7 'binding site for Di-nucleotide G B 2 and 6MZ B 3'  
AC3 Software B 6MZ 3   ? 6 'binding site for Di-nucleotide 6MZ B 3 and C B 4'  
AC4 Software B CBV 9   ? 5 'binding site for Di-nucleotide CBV B 9 and C B 10' 
AC5 Software C G   2   ? 6 'binding site for Di-nucleotide G C 2 and 6MZ C 3'  
AC6 Software C 6MZ 3   ? 7 'binding site for Di-nucleotide 6MZ C 3 and C C 4'  
AC7 Software C CBV 9   ? 9 'binding site for Di-nucleotide CBV C 9 and C C 10' 
AC8 Software D G   2   ? 6 'binding site for Di-nucleotide G D 2 and 6MZ D 3'  
AC9 Software D 6MZ 3   ? 7 'binding site for Di-nucleotide 6MZ D 3 and C D 4'  
AD1 Software D CBV 9   ? 7 'binding site for Di-nucleotide CBV D 9 and C D 10' 
# 
loop_
_struct_site_gen.id 
_struct_site_gen.site_id 
_struct_site_gen.pdbx_num_res 
_struct_site_gen.label_comp_id 
_struct_site_gen.label_asym_id 
_struct_site_gen.label_seq_id 
_struct_site_gen.pdbx_auth_ins_code 
_struct_site_gen.auth_comp_id 
_struct_site_gen.auth_asym_id 
_struct_site_gen.auth_seq_id 
_struct_site_gen.label_atom_id 
_struct_site_gen.label_alt_id 
_struct_site_gen.symmetry 
_struct_site_gen.details 
1  AC1 3 G   C 7  ? G   C 7   . ? 1_555 ? 
2  AC1 3 U   C 8  ? U   C 8   . ? 1_555 ? 
3  AC1 3 U   D 5  ? U   D 5   . ? 1_555 ? 
4  AC2 7 U   A 8  ? U   A 8   . ? 1_555 ? 
5  AC2 7 CBV A 9  ? CBV A 9   . ? 1_555 ? 
6  AC2 7 C   A 10 ? C   A 10  . ? 1_555 ? 
7  AC2 7 G   B 1  ? G   B 1   . ? 1_555 ? 
8  AC2 7 C   B 4  ? C   B 4   . ? 1_555 ? 
9  AC2 7 HOH G .  ? HOH B 101 . ? 1_555 ? 
10 AC2 7 HOH G .  ? HOH B 103 . ? 1_555 ? 
11 AC3 6 G   A 7  ? G   A 7   . ? 1_555 ? 
12 AC3 6 U   A 8  ? U   A 8   . ? 1_555 ? 
13 AC3 6 CBV A 9  ? CBV A 9   . ? 1_555 ? 
14 AC3 6 G   B 2  ? G   B 2   . ? 1_555 ? 
15 AC3 6 U   B 5  ? U   B 5   . ? 1_555 ? 
16 AC3 6 HOH G .  ? HOH B 103 . ? 1_555 ? 
17 AC4 5 G   A 1  ? G   A 1   . ? 1_555 ? 
18 AC4 5 G   A 2  ? G   A 2   . ? 1_555 ? 
19 AC4 5 6MZ A 3  ? 6MZ A 3   . ? 1_555 ? 
20 AC4 5 U   B 8  ? U   B 8   . ? 1_555 ? 
21 AC4 5 G   C 1  ? G   C 1   . ? 6_544 ? 
22 AC5 6 U   A 5  ? U   A 5   . ? 1_555 ? 
23 AC5 6 G   C 1  ? G   C 1   . ? 1_555 ? 
24 AC5 6 C   C 4  ? C   C 4   . ? 1_555 ? 
25 AC5 6 U   D 8  ? U   D 8   . ? 1_555 ? 
26 AC5 6 CBV D 9  ? CBV D 9   . ? 1_555 ? 
27 AC5 6 C   D 10 ? C   D 10  . ? 1_555 ? 
28 AC6 7 U   A 5  ? U   A 5   . ? 1_555 ? 
29 AC6 7 U   B 8  ? U   B 8   . ? 1_555 ? 
30 AC6 7 G   C 2  ? G   C 2   . ? 1_555 ? 
31 AC6 7 U   C 5  ? U   C 5   . ? 1_555 ? 
32 AC6 7 G   D 7  ? G   D 7   . ? 1_555 ? 
33 AC6 7 U   D 8  ? U   D 8   . ? 1_555 ? 
34 AC6 7 CBV D 9  ? CBV D 9   . ? 1_555 ? 
35 AC7 9 G   B 1  ? G   B 1   . ? 2_544 ? 
36 AC7 9 U   C 5  ? U   C 5   . ? 6_554 ? 
37 AC7 9 U   C 8  ? U   C 8   . ? 1_555 ? 
38 AC7 9 HOH H .  ? HOH C 201 . ? 1_555 ? 
39 AC7 9 G   D 1  ? G   D 1   . ? 1_555 ? 
40 AC7 9 G   D 2  ? G   D 2   . ? 1_555 ? 
41 AC7 9 6MZ D 3  ? 6MZ D 3   . ? 1_555 ? 
42 AC7 9 G   D 7  ? G   D 7   . ? 6_554 ? 
43 AC7 9 U   D 8  ? U   D 8   . ? 6_554 ? 
44 AC8 6 A   B 6  ? A   B 6   . ? 6_554 ? 
45 AC8 6 U   C 8  ? U   C 8   . ? 1_555 ? 
46 AC8 6 CBV C 9  ? CBV C 9   . ? 1_555 ? 
47 AC8 6 C   C 10 ? C   C 10  . ? 1_555 ? 
48 AC8 6 G   D 1  ? G   D 1   . ? 1_555 ? 
49 AC8 6 C   D 4  ? C   D 4   . ? 1_555 ? 
50 AC9 7 G   C 7  ? G   C 7   . ? 1_555 ? 
51 AC9 7 U   C 8  ? U   C 8   . ? 1_555 ? 
52 AC9 7 CBV C 9  ? CBV C 9   . ? 1_555 ? 
53 AC9 7 G   D 2  ? G   D 2   . ? 1_555 ? 
54 AC9 7 U   D 5  ? U   D 5   . ? 1_555 ? 
55 AC9 7 CBV D 9  ? CBV D 9   . ? 6_554 ? 
56 AC9 7 C   D 10 ? C   D 10  . ? 6_554 ? 
57 AD1 7 G   A 1  ? G   A 1   . ? 5_665 ? 
58 AD1 7 A   A 6  ? A   A 6   . ? 1_555 ? 
59 AD1 7 G   C 1  ? G   C 1   . ? 1_555 ? 
60 AD1 7 G   C 2  ? G   C 2   . ? 1_555 ? 
61 AD1 7 6MZ C 3  ? 6MZ C 3   . ? 1_555 ? 
62 AD1 7 C   D 4  ? C   D 4   . ? 5_555 ? 
63 AD1 7 U   D 8  ? U   D 8   . ? 1_555 ? 
# 
loop_
_pdbx_validate_close_contact.id 
_pdbx_validate_close_contact.PDB_model_num 
_pdbx_validate_close_contact.auth_atom_id_1 
_pdbx_validate_close_contact.auth_asym_id_1 
_pdbx_validate_close_contact.auth_comp_id_1 
_pdbx_validate_close_contact.auth_seq_id_1 
_pdbx_validate_close_contact.PDB_ins_code_1 
_pdbx_validate_close_contact.label_alt_id_1 
_pdbx_validate_close_contact.auth_atom_id_2 
_pdbx_validate_close_contact.auth_asym_id_2 
_pdbx_validate_close_contact.auth_comp_id_2 
_pdbx_validate_close_contact.auth_seq_id_2 
_pdbx_validate_close_contact.PDB_ins_code_2 
_pdbx_validate_close_contact.label_alt_id_2 
_pdbx_validate_close_contact.dist 
1  1 "O3'" A C   4 ? ? O A HOH 101 ? ? 1.86 
2  1 "O2'" B G   2 ? ? O B HOH 101 ? ? 1.88 
3  1 "O5'" B G   7 ? ? O B HOH 102 ? ? 1.91 
4  1 "C3'" B G   7 ? ? O B HOH 102 ? ? 1.92 
5  1 O1P   B 6MZ 3 ? ? O B HOH 103 ? ? 1.93 
6  1 "O2'" A CBV 9 ? ? O A HOH 102 ? ? 1.99 
7  1 "O4'" A 6MZ 3 ? ? O A HOH 103 ? ? 2.10 
8  1 "C1'" B G   2 ? ? O B HOH 101 ? ? 2.14 
9  1 "C2'" B G   2 ? ? O B HOH 101 ? ? 2.18 
10 1 "O3'" B A   6 ? ? O B HOH 104 ? ? 2.19 
# 
loop_
_pdbx_validate_rmsd_bond.id 
_pdbx_validate_rmsd_bond.PDB_model_num 
_pdbx_validate_rmsd_bond.auth_atom_id_1 
_pdbx_validate_rmsd_bond.auth_asym_id_1 
_pdbx_validate_rmsd_bond.auth_comp_id_1 
_pdbx_validate_rmsd_bond.auth_seq_id_1 
_pdbx_validate_rmsd_bond.PDB_ins_code_1 
_pdbx_validate_rmsd_bond.label_alt_id_1 
_pdbx_validate_rmsd_bond.auth_atom_id_2 
_pdbx_validate_rmsd_bond.auth_asym_id_2 
_pdbx_validate_rmsd_bond.auth_comp_id_2 
_pdbx_validate_rmsd_bond.auth_seq_id_2 
_pdbx_validate_rmsd_bond.PDB_ins_code_2 
_pdbx_validate_rmsd_bond.label_alt_id_2 
_pdbx_validate_rmsd_bond.bond_value 
_pdbx_validate_rmsd_bond.bond_target_value 
_pdbx_validate_rmsd_bond.bond_deviation 
_pdbx_validate_rmsd_bond.bond_standard_deviation 
_pdbx_validate_rmsd_bond.linker_flag 
1 1 "O3'" A G 2 ? ? P A 6MZ 3 ? ? 1.698 1.607 0.091 0.012 Y 
2 1 "O3'" B G 2 ? ? P B 6MZ 3 ? ? 1.698 1.607 0.091 0.012 Y 
3 1 "O3'" D U 8 ? ? P D CBV 9 ? ? 1.702 1.607 0.095 0.012 Y 
# 
loop_
_chem_comp_atom.comp_id 
_chem_comp_atom.atom_id 
_chem_comp_atom.type_symbol 
_chem_comp_atom.pdbx_aromatic_flag 
_chem_comp_atom.pdbx_stereo_config 
_chem_comp_atom.pdbx_ordinal 
6MZ C2     C  Y N 1   
6MZ C4     C  Y N 2   
6MZ C5     C  Y N 3   
6MZ O1P    O  N N 4   
6MZ O2P    O  N N 5   
6MZ N9     N  Y N 6   
6MZ N3     N  Y N 7   
6MZ N1     N  Y N 8   
6MZ C6     C  Y N 9   
6MZ N6     N  N N 10  
6MZ C9     C  N N 11  
6MZ N7     N  Y N 12  
6MZ C8     C  Y N 13  
6MZ "O5'"  O  N N 14  
6MZ "C5'"  C  N N 15  
6MZ "C4'"  C  N R 16  
6MZ "O4'"  O  N N 17  
6MZ "C1'"  C  N R 18  
6MZ "C2'"  C  N R 19  
6MZ "O2'"  O  N N 20  
6MZ "C3'"  C  N S 21  
6MZ "O3'"  O  N N 22  
6MZ P      P  N N 23  
6MZ O3P    O  N N 24  
6MZ H2     H  N N 25  
6MZ H1P    H  N N 26  
6MZ H8     H  N N 27  
6MZ "H1'"  H  N N 28  
6MZ H9C1   H  N N 29  
6MZ H9C2   H  N N 30  
6MZ "H5'1" H  N N 31  
6MZ "H5'2" H  N N 32  
6MZ "H4'"  H  N N 33  
6MZ "H3'"  H  N N 34  
6MZ "H2'"  H  N N 35  
6MZ HA     H  N N 36  
6MZ HB     H  N N 37  
6MZ H3P    H  N N 38  
6MZ H6     H  N N 39  
6MZ H9     H  N N 40  
A   OP3    O  N N 41  
A   P      P  N N 42  
A   OP1    O  N N 43  
A   OP2    O  N N 44  
A   "O5'"  O  N N 45  
A   "C5'"  C  N N 46  
A   "C4'"  C  N R 47  
A   "O4'"  O  N N 48  
A   "C3'"  C  N S 49  
A   "O3'"  O  N N 50  
A   "C2'"  C  N R 51  
A   "O2'"  O  N N 52  
A   "C1'"  C  N R 53  
A   N9     N  Y N 54  
A   C8     C  Y N 55  
A   N7     N  Y N 56  
A   C5     C  Y N 57  
A   C6     C  Y N 58  
A   N6     N  N N 59  
A   N1     N  Y N 60  
A   C2     C  Y N 61  
A   N3     N  Y N 62  
A   C4     C  Y N 63  
A   HOP3   H  N N 64  
A   HOP2   H  N N 65  
A   "H5'"  H  N N 66  
A   "H5''" H  N N 67  
A   "H4'"  H  N N 68  
A   "H3'"  H  N N 69  
A   "HO3'" H  N N 70  
A   "H2'"  H  N N 71  
A   "HO2'" H  N N 72  
A   "H1'"  H  N N 73  
A   H8     H  N N 74  
A   H61    H  N N 75  
A   H62    H  N N 76  
A   H2     H  N N 77  
C   OP3    O  N N 78  
C   P      P  N N 79  
C   OP1    O  N N 80  
C   OP2    O  N N 81  
C   "O5'"  O  N N 82  
C   "C5'"  C  N N 83  
C   "C4'"  C  N R 84  
C   "O4'"  O  N N 85  
C   "C3'"  C  N S 86  
C   "O3'"  O  N N 87  
C   "C2'"  C  N R 88  
C   "O2'"  O  N N 89  
C   "C1'"  C  N R 90  
C   N1     N  N N 91  
C   C2     C  N N 92  
C   O2     O  N N 93  
C   N3     N  N N 94  
C   C4     C  N N 95  
C   N4     N  N N 96  
C   C5     C  N N 97  
C   C6     C  N N 98  
C   HOP3   H  N N 99  
C   HOP2   H  N N 100 
C   "H5'"  H  N N 101 
C   "H5''" H  N N 102 
C   "H4'"  H  N N 103 
C   "H3'"  H  N N 104 
C   "HO3'" H  N N 105 
C   "H2'"  H  N N 106 
C   "HO2'" H  N N 107 
C   "H1'"  H  N N 108 
C   H41    H  N N 109 
C   H42    H  N N 110 
C   H5     H  N N 111 
C   H6     H  N N 112 
CBV O3P    O  N N 113 
CBV P      P  N N 114 
CBV O1P    O  N N 115 
CBV O2P    O  N N 116 
CBV "O5'"  O  N N 117 
CBV "C5'"  C  N N 118 
CBV "C4'"  C  N R 119 
CBV "O4'"  O  N N 120 
CBV "C3'"  C  N S 121 
CBV "O3'"  O  N N 122 
CBV "C2'"  C  N R 123 
CBV "O2'"  O  N N 124 
CBV "C1'"  C  N R 125 
CBV N1     N  N N 126 
CBV C2     C  N N 127 
CBV O2     O  N N 128 
CBV N3     N  N N 129 
CBV C4     C  N N 130 
CBV N4     N  N N 131 
CBV C5     C  N N 132 
CBV C6     C  N N 133 
CBV BR     BR N N 134 
CBV HO3P   H  N N 135 
CBV HO1P   H  N N 136 
CBV "H5'1" H  N N 137 
CBV "H5'2" H  N N 138 
CBV "H4'"  H  N N 139 
CBV "H3'"  H  N N 140 
CBV "HO3'" H  N N 141 
CBV "H2'"  H  N N 142 
CBV "HO2'" H  N N 143 
CBV "H1'"  H  N N 144 
CBV HN41   H  N N 145 
CBV HN42   H  N N 146 
CBV H6     H  N N 147 
G   OP3    O  N N 148 
G   P      P  N N 149 
G   OP1    O  N N 150 
G   OP2    O  N N 151 
G   "O5'"  O  N N 152 
G   "C5'"  C  N N 153 
G   "C4'"  C  N R 154 
G   "O4'"  O  N N 155 
G   "C3'"  C  N S 156 
G   "O3'"  O  N N 157 
G   "C2'"  C  N R 158 
G   "O2'"  O  N N 159 
G   "C1'"  C  N R 160 
G   N9     N  Y N 161 
G   C8     C  Y N 162 
G   N7     N  Y N 163 
G   C5     C  Y N 164 
G   C6     C  N N 165 
G   O6     O  N N 166 
G   N1     N  N N 167 
G   C2     C  N N 168 
G   N2     N  N N 169 
G   N3     N  N N 170 
G   C4     C  Y N 171 
G   HOP3   H  N N 172 
G   HOP2   H  N N 173 
G   "H5'"  H  N N 174 
G   "H5''" H  N N 175 
G   "H4'"  H  N N 176 
G   "H3'"  H  N N 177 
G   "HO3'" H  N N 178 
G   "H2'"  H  N N 179 
G   "HO2'" H  N N 180 
G   "H1'"  H  N N 181 
G   H8     H  N N 182 
G   H1     H  N N 183 
G   H21    H  N N 184 
G   H22    H  N N 185 
HOH O      O  N N 186 
HOH H1     H  N N 187 
HOH H2     H  N N 188 
SO4 S      S  N N 189 
SO4 O1     O  N N 190 
SO4 O2     O  N N 191 
SO4 O3     O  N N 192 
SO4 O4     O  N N 193 
U   OP3    O  N N 194 
U   P      P  N N 195 
U   OP1    O  N N 196 
U   OP2    O  N N 197 
U   "O5'"  O  N N 198 
U   "C5'"  C  N N 199 
U   "C4'"  C  N R 200 
U   "O4'"  O  N N 201 
U   "C3'"  C  N S 202 
U   "O3'"  O  N N 203 
U   "C2'"  C  N R 204 
U   "O2'"  O  N N 205 
U   "C1'"  C  N R 206 
U   N1     N  N N 207 
U   C2     C  N N 208 
U   O2     O  N N 209 
U   N3     N  N N 210 
U   C4     C  N N 211 
U   O4     O  N N 212 
U   C5     C  N N 213 
U   C6     C  N N 214 
U   HOP3   H  N N 215 
U   HOP2   H  N N 216 
U   "H5'"  H  N N 217 
U   "H5''" H  N N 218 
U   "H4'"  H  N N 219 
U   "H3'"  H  N N 220 
U   "HO3'" H  N N 221 
U   "H2'"  H  N N 222 
U   "HO2'" H  N N 223 
U   "H1'"  H  N N 224 
U   H3     H  N N 225 
U   H5     H  N N 226 
U   H6     H  N N 227 
# 
loop_
_chem_comp_bond.comp_id 
_chem_comp_bond.atom_id_1 
_chem_comp_bond.atom_id_2 
_chem_comp_bond.value_order 
_chem_comp_bond.pdbx_aromatic_flag 
_chem_comp_bond.pdbx_stereo_config 
_chem_comp_bond.pdbx_ordinal 
6MZ C4    C5     sing Y N 1   
6MZ C4    N9     sing Y N 2   
6MZ C2    N3     sing Y N 3   
6MZ C4    N3     doub Y N 4   
6MZ C2    N1     doub Y N 5   
6MZ C5    C6     doub Y N 6   
6MZ N1    C6     sing Y N 7   
6MZ C6    N6     sing N N 8   
6MZ N6    C9     sing N N 9   
6MZ C5    N7     sing Y N 10  
6MZ N9    C8     sing Y N 11  
6MZ N7    C8     doub Y N 12  
6MZ "O5'" "C5'"  sing N N 13  
6MZ "C1'" "H1'"  sing N N 14  
6MZ C9    H9C1   sing N N 15  
6MZ C9    H9C2   sing N N 16  
6MZ "C5'" "H5'1" sing N N 17  
6MZ "C5'" "H5'2" sing N N 18  
6MZ "C4'" "H4'"  sing N N 19  
6MZ "C3'" "H3'"  sing N N 20  
6MZ "C2'" "H2'"  sing N N 21  
6MZ "O2'" HA     sing N N 22  
6MZ "O3'" HB     sing N N 23  
6MZ O3P   H3P    sing N N 24  
6MZ "C5'" "C4'"  sing N N 25  
6MZ "C4'" "O4'"  sing N N 26  
6MZ N9    "C1'"  sing N N 27  
6MZ "O4'" "C1'"  sing N N 28  
6MZ "C1'" "C2'"  sing N N 29  
6MZ "C2'" "O2'"  sing N N 30  
6MZ "C4'" "C3'"  sing N N 31  
6MZ "C2'" "C3'"  sing N N 32  
6MZ "C3'" "O3'"  sing N N 33  
6MZ O1P   P      sing N N 34  
6MZ O2P   P      doub N N 35  
6MZ "O5'" P      sing N N 36  
6MZ P     O3P    sing N N 37  
6MZ C2    H2     sing N N 38  
6MZ O1P   H1P    sing N N 39  
6MZ C8    H8     sing N N 40  
6MZ N6    H6     sing N N 41  
6MZ C9    H9     sing N N 42  
A   OP3   P      sing N N 43  
A   OP3   HOP3   sing N N 44  
A   P     OP1    doub N N 45  
A   P     OP2    sing N N 46  
A   P     "O5'"  sing N N 47  
A   OP2   HOP2   sing N N 48  
A   "O5'" "C5'"  sing N N 49  
A   "C5'" "C4'"  sing N N 50  
A   "C5'" "H5'"  sing N N 51  
A   "C5'" "H5''" sing N N 52  
A   "C4'" "O4'"  sing N N 53  
A   "C4'" "C3'"  sing N N 54  
A   "C4'" "H4'"  sing N N 55  
A   "O4'" "C1'"  sing N N 56  
A   "C3'" "O3'"  sing N N 57  
A   "C3'" "C2'"  sing N N 58  
A   "C3'" "H3'"  sing N N 59  
A   "O3'" "HO3'" sing N N 60  
A   "C2'" "O2'"  sing N N 61  
A   "C2'" "C1'"  sing N N 62  
A   "C2'" "H2'"  sing N N 63  
A   "O2'" "HO2'" sing N N 64  
A   "C1'" N9     sing N N 65  
A   "C1'" "H1'"  sing N N 66  
A   N9    C8     sing Y N 67  
A   N9    C4     sing Y N 68  
A   C8    N7     doub Y N 69  
A   C8    H8     sing N N 70  
A   N7    C5     sing Y N 71  
A   C5    C6     sing Y N 72  
A   C5    C4     doub Y N 73  
A   C6    N6     sing N N 74  
A   C6    N1     doub Y N 75  
A   N6    H61    sing N N 76  
A   N6    H62    sing N N 77  
A   N1    C2     sing Y N 78  
A   C2    N3     doub Y N 79  
A   C2    H2     sing N N 80  
A   N3    C4     sing Y N 81  
C   OP3   P      sing N N 82  
C   OP3   HOP3   sing N N 83  
C   P     OP1    doub N N 84  
C   P     OP2    sing N N 85  
C   P     "O5'"  sing N N 86  
C   OP2   HOP2   sing N N 87  
C   "O5'" "C5'"  sing N N 88  
C   "C5'" "C4'"  sing N N 89  
C   "C5'" "H5'"  sing N N 90  
C   "C5'" "H5''" sing N N 91  
C   "C4'" "O4'"  sing N N 92  
C   "C4'" "C3'"  sing N N 93  
C   "C4'" "H4'"  sing N N 94  
C   "O4'" "C1'"  sing N N 95  
C   "C3'" "O3'"  sing N N 96  
C   "C3'" "C2'"  sing N N 97  
C   "C3'" "H3'"  sing N N 98  
C   "O3'" "HO3'" sing N N 99  
C   "C2'" "O2'"  sing N N 100 
C   "C2'" "C1'"  sing N N 101 
C   "C2'" "H2'"  sing N N 102 
C   "O2'" "HO2'" sing N N 103 
C   "C1'" N1     sing N N 104 
C   "C1'" "H1'"  sing N N 105 
C   N1    C2     sing N N 106 
C   N1    C6     sing N N 107 
C   C2    O2     doub N N 108 
C   C2    N3     sing N N 109 
C   N3    C4     doub N N 110 
C   C4    N4     sing N N 111 
C   C4    C5     sing N N 112 
C   N4    H41    sing N N 113 
C   N4    H42    sing N N 114 
C   C5    C6     doub N N 115 
C   C5    H5     sing N N 116 
C   C6    H6     sing N N 117 
CBV O3P   P      sing N N 118 
CBV O3P   HO3P   sing N N 119 
CBV P     O1P    sing N N 120 
CBV P     O2P    doub N N 121 
CBV P     "O5'"  sing N N 122 
CBV O1P   HO1P   sing N N 123 
CBV "O5'" "C5'"  sing N N 124 
CBV "C5'" "C4'"  sing N N 125 
CBV "C5'" "H5'1" sing N N 126 
CBV "C5'" "H5'2" sing N N 127 
CBV "C4'" "O4'"  sing N N 128 
CBV "C4'" "C3'"  sing N N 129 
CBV "C4'" "H4'"  sing N N 130 
CBV "O4'" "C1'"  sing N N 131 
CBV "C3'" "O3'"  sing N N 132 
CBV "C3'" "C2'"  sing N N 133 
CBV "C3'" "H3'"  sing N N 134 
CBV "O3'" "HO3'" sing N N 135 
CBV "C2'" "O2'"  sing N N 136 
CBV "C2'" "C1'"  sing N N 137 
CBV "C2'" "H2'"  sing N N 138 
CBV "O2'" "HO2'" sing N N 139 
CBV "C1'" N1     sing N N 140 
CBV "C1'" "H1'"  sing N N 141 
CBV N1    C2     sing N N 142 
CBV N1    C6     sing N N 143 
CBV C2    O2     doub N N 144 
CBV C2    N3     sing N N 145 
CBV N3    C4     doub N N 146 
CBV C4    N4     sing N N 147 
CBV C4    C5     sing N N 148 
CBV N4    HN41   sing N N 149 
CBV N4    HN42   sing N N 150 
CBV C5    C6     doub N N 151 
CBV C5    BR     sing N N 152 
CBV C6    H6     sing N N 153 
G   OP3   P      sing N N 154 
G   OP3   HOP3   sing N N 155 
G   P     OP1    doub N N 156 
G   P     OP2    sing N N 157 
G   P     "O5'"  sing N N 158 
G   OP2   HOP2   sing N N 159 
G   "O5'" "C5'"  sing N N 160 
G   "C5'" "C4'"  sing N N 161 
G   "C5'" "H5'"  sing N N 162 
G   "C5'" "H5''" sing N N 163 
G   "C4'" "O4'"  sing N N 164 
G   "C4'" "C3'"  sing N N 165 
G   "C4'" "H4'"  sing N N 166 
G   "O4'" "C1'"  sing N N 167 
G   "C3'" "O3'"  sing N N 168 
G   "C3'" "C2'"  sing N N 169 
G   "C3'" "H3'"  sing N N 170 
G   "O3'" "HO3'" sing N N 171 
G   "C2'" "O2'"  sing N N 172 
G   "C2'" "C1'"  sing N N 173 
G   "C2'" "H2'"  sing N N 174 
G   "O2'" "HO2'" sing N N 175 
G   "C1'" N9     sing N N 176 
G   "C1'" "H1'"  sing N N 177 
G   N9    C8     sing Y N 178 
G   N9    C4     sing Y N 179 
G   C8    N7     doub Y N 180 
G   C8    H8     sing N N 181 
G   N7    C5     sing Y N 182 
G   C5    C6     sing N N 183 
G   C5    C4     doub Y N 184 
G   C6    O6     doub N N 185 
G   C6    N1     sing N N 186 
G   N1    C2     sing N N 187 
G   N1    H1     sing N N 188 
G   C2    N2     sing N N 189 
G   C2    N3     doub N N 190 
G   N2    H21    sing N N 191 
G   N2    H22    sing N N 192 
G   N3    C4     sing N N 193 
HOH O     H1     sing N N 194 
HOH O     H2     sing N N 195 
SO4 S     O1     doub N N 196 
SO4 S     O2     doub N N 197 
SO4 S     O3     sing N N 198 
SO4 S     O4     sing N N 199 
U   OP3   P      sing N N 200 
U   OP3   HOP3   sing N N 201 
U   P     OP1    doub N N 202 
U   P     OP2    sing N N 203 
U   P     "O5'"  sing N N 204 
U   OP2   HOP2   sing N N 205 
U   "O5'" "C5'"  sing N N 206 
U   "C5'" "C4'"  sing N N 207 
U   "C5'" "H5'"  sing N N 208 
U   "C5'" "H5''" sing N N 209 
U   "C4'" "O4'"  sing N N 210 
U   "C4'" "C3'"  sing N N 211 
U   "C4'" "H4'"  sing N N 212 
U   "O4'" "C1'"  sing N N 213 
U   "C3'" "O3'"  sing N N 214 
U   "C3'" "C2'"  sing N N 215 
U   "C3'" "H3'"  sing N N 216 
U   "O3'" "HO3'" sing N N 217 
U   "C2'" "O2'"  sing N N 218 
U   "C2'" "C1'"  sing N N 219 
U   "C2'" "H2'"  sing N N 220 
U   "O2'" "HO2'" sing N N 221 
U   "C1'" N1     sing N N 222 
U   "C1'" "H1'"  sing N N 223 
U   N1    C2     sing N N 224 
U   N1    C6     sing N N 225 
U   C2    O2     doub N N 226 
U   C2    N3     sing N N 227 
U   N3    C4     sing N N 228 
U   N3    H3     sing N N 229 
U   C4    O4     doub N N 230 
U   C4    C5     sing N N 231 
U   C5    C6     doub N N 232 
U   C5    H5     sing N N 233 
U   C6    H6     sing N N 234 
# 
_ndb_struct_conf_na.entry_id   5LR5 
_ndb_struct_conf_na.feature    'a-form double helix' 
# 
loop_
_ndb_struct_na_base_pair.model_number 
_ndb_struct_na_base_pair.i_label_asym_id 
_ndb_struct_na_base_pair.i_label_comp_id 
_ndb_struct_na_base_pair.i_label_seq_id 
_ndb_struct_na_base_pair.i_symmetry 
_ndb_struct_na_base_pair.j_label_asym_id 
_ndb_struct_na_base_pair.j_label_comp_id 
_ndb_struct_na_base_pair.j_label_seq_id 
_ndb_struct_na_base_pair.j_symmetry 
_ndb_struct_na_base_pair.shear 
_ndb_struct_na_base_pair.stretch 
_ndb_struct_na_base_pair.stagger 
_ndb_struct_na_base_pair.buckle 
_ndb_struct_na_base_pair.propeller 
_ndb_struct_na_base_pair.opening 
_ndb_struct_na_base_pair.pair_number 
_ndb_struct_na_base_pair.pair_name 
_ndb_struct_na_base_pair.i_auth_asym_id 
_ndb_struct_na_base_pair.i_auth_seq_id 
_ndb_struct_na_base_pair.i_PDB_ins_code 
_ndb_struct_na_base_pair.j_auth_asym_id 
_ndb_struct_na_base_pair.j_auth_seq_id 
_ndb_struct_na_base_pair.j_PDB_ins_code 
_ndb_struct_na_base_pair.hbond_type_28 
_ndb_struct_na_base_pair.hbond_type_12 
1 A G   1  1_555 B C   10 1_555 -0.190 -0.138 -0.374 -4.839  -1.094  -0.039 1  A_G1:C10_B  A 1  ? B 10 ? 19 1 
1 A G   2  1_555 B CBV 9  1_555 -0.309 -0.153 -0.124 -7.085  -7.230  3.774  2  A_G2:CBV9_B A 2  ? B 9  ? 19 1 
1 A 6MZ 3  1_555 B U   8  1_555 -0.151 0.060  -0.014 1.082   -8.367  9.960  3  A_6MZ3:U8_B A 3  ? B 8  ? 20 1 
1 A C   4  1_555 B G   7  1_555 0.208  -0.097 0.135  1.612   -2.579  4.106  4  A_C4:G7_B   A 4  ? B 7  ? 19 1 
1 A U   5  1_555 B A   6  1_555 -0.088 -0.134 0.087  2.177   -1.821  4.967  5  A_U5:A6_B   A 5  ? B 6  ? 20 1 
1 A A   6  1_555 B U   5  1_555 0.804  0.099  0.105  -1.862  -2.835  9.774  6  A_A6:U5_B   A 6  ? B 5  ? 20 1 
1 A G   7  1_555 B C   4  1_555 -0.652 -0.092 -0.415 -7.848  -11.470 8.765  7  A_G7:C4_B   A 7  ? B 4  ? 19 1 
1 A U   8  1_555 B 6MZ 3  1_555 -0.316 -0.089 -0.072 1.186   -9.402  8.283  8  A_U8:6MZ3_B A 8  ? B 3  ? 20 1 
1 A CBV 9  1_555 B G   2  1_555 0.429  -0.308 0.088  1.149   -9.317  1.081  9  A_CBV9:G2_B A 9  ? B 2  ? 19 1 
1 A C   10 1_555 B G   1  1_555 0.214  -0.163 0.216  4.179   -1.939  1.480  10 A_C10:G1_B  A 10 ? B 1  ? 19 1 
1 C G   1  1_555 D C   10 1_555 -0.206 -0.120 -0.184 -4.093  -1.896  1.446  11 C_G1:C10_D  C 1  ? D 10 ? 19 1 
1 C G   2  1_555 D CBV 9  1_555 -0.380 -0.337 -0.522 -12.416 -11.337 -1.654 12 C_G2:CBV9_D C 2  ? D 9  ? 19 1 
1 C 6MZ 3  1_555 D U   8  1_555 0.205  -0.309 0.419  -3.382  -5.862  13.344 13 C_6MZ3:U8_D C 3  ? D 8  ? 20 1 
1 C C   4  1_555 D G   7  1_555 0.243  0.009  0.136  -0.565  -3.103  4.698  14 C_C4:G7_D   C 4  ? D 7  ? 19 1 
1 C U   5  1_555 D A   6  1_555 -0.044 -0.071 0.100  2.478   -0.994  2.788  15 C_U5:A6_D   C 5  ? D 6  ? 20 1 
1 C A   6  1_555 D U   5  1_555 0.059  -0.093 -0.029 -0.799  -4.097  2.589  16 C_A6:U5_D   C 6  ? D 5  ? 20 1 
1 C G   7  1_555 D C   4  1_555 -0.200 -0.107 -0.024 -1.026  -4.874  1.711  17 C_G7:C4_D   C 7  ? D 4  ? 19 1 
1 C U   8  1_555 D 6MZ 3  1_555 -0.575 0.090  0.167  1.599   -5.452  13.799 18 C_U8:6MZ3_D C 8  ? D 3  ? 20 1 
1 C CBV 9  1_555 D G   2  1_555 0.112  -0.112 -0.073 5.480   -3.687  1.147  19 C_CBV9:G2_D C 9  ? D 2  ? 19 1 
1 C C   10 1_555 D G   1  1_555 0.228  -0.127 -0.144 5.333   -2.458  2.304  20 C_C10:G1_D  C 10 ? D 1  ? 19 1 
# 
loop_
_ndb_struct_na_base_pair_step.model_number 
_ndb_struct_na_base_pair_step.i_label_asym_id_1 
_ndb_struct_na_base_pair_step.i_label_comp_id_1 
_ndb_struct_na_base_pair_step.i_label_seq_id_1 
_ndb_struct_na_base_pair_step.i_symmetry_1 
_ndb_struct_na_base_pair_step.j_label_asym_id_1 
_ndb_struct_na_base_pair_step.j_label_comp_id_1 
_ndb_struct_na_base_pair_step.j_label_seq_id_1 
_ndb_struct_na_base_pair_step.j_symmetry_1 
_ndb_struct_na_base_pair_step.i_label_asym_id_2 
_ndb_struct_na_base_pair_step.i_label_comp_id_2 
_ndb_struct_na_base_pair_step.i_label_seq_id_2 
_ndb_struct_na_base_pair_step.i_symmetry_2 
_ndb_struct_na_base_pair_step.j_label_asym_id_2 
_ndb_struct_na_base_pair_step.j_label_comp_id_2 
_ndb_struct_na_base_pair_step.j_label_seq_id_2 
_ndb_struct_na_base_pair_step.j_symmetry_2 
_ndb_struct_na_base_pair_step.shift 
_ndb_struct_na_base_pair_step.slide 
_ndb_struct_na_base_pair_step.rise 
_ndb_struct_na_base_pair_step.tilt 
_ndb_struct_na_base_pair_step.roll 
_ndb_struct_na_base_pair_step.twist 
_ndb_struct_na_base_pair_step.x_displacement 
_ndb_struct_na_base_pair_step.y_displacement 
_ndb_struct_na_base_pair_step.helical_rise 
_ndb_struct_na_base_pair_step.inclination 
_ndb_struct_na_base_pair_step.tip 
_ndb_struct_na_base_pair_step.helical_twist 
_ndb_struct_na_base_pair_step.step_number 
_ndb_struct_na_base_pair_step.step_name 
_ndb_struct_na_base_pair_step.i_auth_asym_id_1 
_ndb_struct_na_base_pair_step.i_auth_seq_id_1 
_ndb_struct_na_base_pair_step.i_PDB_ins_code_1 
_ndb_struct_na_base_pair_step.j_auth_asym_id_1 
_ndb_struct_na_base_pair_step.j_auth_seq_id_1 
_ndb_struct_na_base_pair_step.j_PDB_ins_code_1 
_ndb_struct_na_base_pair_step.i_auth_asym_id_2 
_ndb_struct_na_base_pair_step.i_auth_seq_id_2 
_ndb_struct_na_base_pair_step.i_PDB_ins_code_2 
_ndb_struct_na_base_pair_step.j_auth_asym_id_2 
_ndb_struct_na_base_pair_step.j_auth_seq_id_2 
_ndb_struct_na_base_pair_step.j_PDB_ins_code_2 
1 A G   1 1_555 B C   10 1_555 A G   2  1_555 B CBV 9 1_555 0.028  -1.638 3.366 -2.712 2.993  30.776 -3.640 -0.577 3.182 5.609  
5.083   31.034 1  AA_G1G2:CBV9C10_BB  A 1 ? B 10 ? A 2  ? B 9 ? 
1 A G   2 1_555 B CBV 9  1_555 A 6MZ 3  1_555 B U   8 1_555 -0.064 -1.474 3.149 -0.417 1.893  34.590 -2.752 0.047  3.067 3.180  
0.701   34.642 2  AA_G26MZ3:U8CBV9_BB A 2 ? B 9  ? A 3  ? B 8 ? 
1 A 6MZ 3 1_555 B U   8  1_555 A C   4  1_555 B G   7 1_555 -0.118 -1.531 3.202 -3.504 7.373  30.149 -4.144 -0.398 2.755 13.859 
6.585   31.210 3  AA_6MZ3C4:G7U8_BB   A 3 ? B 8  ? A 4  ? B 7 ? 
1 A C   4 1_555 B G   7  1_555 A U   5  1_555 B A   6 1_555 -0.446 -1.974 3.110 -0.347 5.917  29.265 -4.932 0.801  2.673 11.563 
0.678   29.846 4  AA_C4U5:A6G7_BB     A 4 ? B 7  ? A 5  ? B 6 ? 
1 A U   5 1_555 B A   6  1_555 A A   6  1_555 B U   5 1_555 0.169  -1.451 2.978 2.336  17.768 37.341 -3.629 -0.033 2.111 25.999 
-3.418  41.280 5  AA_U5A6:U5A6_BB     A 5 ? B 6  ? A 6  ? B 5 ? 
1 A A   6 1_555 B U   5  1_555 A G   7  1_555 B C   4 1_555 0.393  -1.866 3.335 5.323  7.473  21.916 -6.864 0.702  2.589 18.641 
-13.276 23.737 6  AA_A6G7:C4U5_BB     A 6 ? B 5  ? A 7  ? B 4 ? 
1 A G   7 1_555 B C   4  1_555 A U   8  1_555 B 6MZ 3 1_555 -0.334 -1.467 3.189 -4.922 -0.019 29.837 -2.809 -0.341 3.202 -0.037 
9.479   30.231 7  AA_G7U8:6MZ3C4_BB   A 7 ? B 4  ? A 8  ? B 3 ? 
1 A U   8 1_555 B 6MZ 3  1_555 A CBV 9  1_555 B G   2 1_555 -0.375 -1.345 3.344 -1.062 1.040  37.861 -2.207 0.439  3.316 1.602  
1.636   37.889 8  AA_U8CBV9:G26MZ3_BB A 8 ? B 3  ? A 9  ? B 2 ? 
1 A CBV 9 1_555 B G   2  1_555 A C   10 1_555 B G   1 1_555 0.127  -1.895 3.147 -0.770 2.128  28.545 -4.284 -0.420 2.996 4.308  
1.559   28.633 9  AA_CBV9C10:G1G2_BB  A 9 ? B 2  ? A 10 ? B 1 ? 
1 C G   1 1_555 D C   10 1_555 C G   2  1_555 D CBV 9 1_555 -0.635 -1.762 3.372 -1.106 12.859 29.784 -5.262 0.957  2.444 23.667 
2.036   32.402 10 CC_G1G2:CBV9C10_DD  C 1 ? D 10 ? C 2  ? D 9 ? 
1 C G   2 1_555 D CBV 9  1_555 C 6MZ 3  1_555 D U   8 1_555 0.675  -1.422 2.953 -5.835 5.115  37.568 -2.716 -1.656 2.614 7.840  
8.943   38.333 11 CC_G26MZ3:U8CBV9_DD C 2 ? D 9  ? C 3  ? D 8 ? 
1 C 6MZ 3 1_555 D U   8  1_555 C C   4  1_555 D G   7 1_555 0.004  -1.927 3.236 3.343  3.713  27.782 -4.775 0.733  2.938 7.655  
-6.892  28.219 12 CC_6MZ3C4:G7U8_DD   C 3 ? D 8  ? C 4  ? D 7 ? 
1 C C   4 1_555 D G   7  1_555 C U   5  1_555 D A   6 1_555 -0.259 -1.978 3.111 1.236  4.572  26.725 -5.253 0.832  2.727 9.793  
-2.647  27.134 13 CC_C4U5:A6G7_DD     C 4 ? D 7  ? C 5  ? D 6 ? 
1 C U   5 1_555 D A   6  1_555 C A   6  1_555 D U   5 1_555 -0.023 -1.543 3.081 0.186  14.154 33.359 -4.186 0.060  2.263 23.390 
-0.308  36.159 14 CC_U5A6:U5A6_DD     C 5 ? D 6  ? C 6  ? D 5 ? 
1 C A   6 1_555 D U   5  1_555 C G   7  1_555 D C   4 1_555 0.059  -1.846 3.301 -1.554 2.296  28.593 -4.231 -0.463 3.138 4.635  
3.137   28.725 15 CC_A6G7:C4U5_DD     C 6 ? D 5  ? C 7  ? D 4 ? 
1 C G   7 1_555 D C   4  1_555 C U   8  1_555 D 6MZ 3 1_555 0.472  -1.849 3.144 -2.219 3.023  26.410 -4.738 -1.558 2.870 6.573  
4.826   26.670 16 CC_G7U8:6MZ3C4_DD   C 7 ? D 4  ? C 8  ? D 3 ? 
1 C U   8 1_555 D 6MZ 3  1_555 C CBV 9  1_555 D G   2 1_555 -0.833 -1.544 3.135 -0.358 5.043  38.067 -2.934 1.225  2.922 7.691  
0.546   38.389 17 CC_U8CBV9:G26MZ3_DD C 8 ? D 3  ? C 9  ? D 2 ? 
1 C CBV 9 1_555 D G   2  1_555 C C   10 1_555 D G   1 1_555 0.611  -1.728 3.163 1.545  7.496  30.878 -4.404 -0.859 2.706 13.814 
-2.847  31.790 18 CC_CBV9C10:G1G2_DD  C 9 ? D 2  ? C 10 ? D 1 ? 
# 
_atom_sites.entry_id                    5LR5 
_atom_sites.fract_transf_matrix[1][1]   -0.00174949 
_atom_sites.fract_transf_matrix[1][2]   0.02281032 
_atom_sites.fract_transf_matrix[1][3]   -0.00027206 
_atom_sites.fract_transf_matrix[2][1]   0.00980037 
_atom_sites.fract_transf_matrix[2][2]   0.01242220 
_atom_sites.fract_transf_matrix[2][3]   0.01652544 
_atom_sites.fract_transf_matrix[3][1]   0.00772365 
_atom_sites.fract_transf_matrix[3][2]   0.00053297 
_atom_sites.fract_transf_matrix[3][3]   -0.00498113 
_atom_sites.fract_transf_vector[1]      0.410507 
_atom_sites.fract_transf_vector[2]      -0.231152 
_atom_sites.fract_transf_vector[3]      0.093876 
# 
loop_
_atom_type.symbol 
BR 
C  
N  
O  
P  
S  
# 
loop_
_atom_site.group_PDB 
_atom_site.id 
_atom_site.type_symbol 
_atom_site.label_atom_id 
_atom_site.label_alt_id 
_atom_site.label_comp_id 
_atom_site.label_asym_id 
_atom_site.label_entity_id 
_atom_site.label_seq_id 
_atom_site.pdbx_PDB_ins_code 
_atom_site.Cartn_x 
_atom_site.Cartn_y 
_atom_site.Cartn_z 
_atom_site.occupancy 
_atom_site.B_iso_or_equiv 
_atom_site.pdbx_formal_charge 
_atom_site.auth_seq_id 
_atom_site.auth_comp_id 
_atom_site.auth_asym_id 
_atom_site.auth_atom_id 
_atom_site.pdbx_PDB_model_num 
ATOM   1   O  "O5'" . G   A 1 1  ? -14.397 2.213   -14.395 1.00 52.95  ? 1   G   A "O5'" 1 
ATOM   2   C  "C5'" . G   A 1 1  ? -15.219 3.178   -15.034 1.00 50.11  ? 1   G   A "C5'" 1 
ATOM   3   C  "C4'" . G   A 1 1  ? -15.189 4.493   -14.301 1.00 48.52  ? 1   G   A "C4'" 1 
ATOM   4   O  "O4'" . G   A 1 1  ? -16.085 4.436   -13.163 1.00 48.80  ? 1   G   A "O4'" 1 
ATOM   5   C  "C3'" . G   A 1 1  ? -13.847 4.891   -13.702 1.00 50.37  ? 1   G   A "C3'" 1 
ATOM   6   O  "O3'" . G   A 1 1  ? -12.989 5.505   -14.645 1.00 58.17  ? 1   G   A "O3'" 1 
ATOM   7   C  "C2'" . G   A 1 1  ? -14.255 5.805   -12.559 1.00 47.76  ? 1   G   A "C2'" 1 
ATOM   8   O  "O2'" . G   A 1 1  ? -14.623 7.085   -13.049 1.00 47.61  ? 1   G   A "O2'" 1 
ATOM   9   C  "C1'" . G   A 1 1  ? -15.512 5.101   -12.059 1.00 47.69  ? 1   G   A "C1'" 1 
ATOM   10  N  N9    . G   A 1 1  ? -15.218 4.105   -11.013 1.00 50.09  ? 1   G   A N9    1 
ATOM   11  C  C8    . G   A 1 1  ? -15.294 2.739   -11.134 1.00 50.48  ? 1   G   A C8    1 
ATOM   12  N  N7    . G   A 1 1  ? -14.977 2.111   -10.034 1.00 50.99  ? 1   G   A N7    1 
ATOM   13  C  C5    . G   A 1 1  ? -14.669 3.123   -9.136  1.00 49.34  ? 1   G   A C5    1 
ATOM   14  C  C6    . G   A 1 1  ? -14.250 3.052   -7.785  1.00 47.73  ? 1   G   A C6    1 
ATOM   15  O  O6    . G   A 1 1  ? -14.068 2.044   -7.096  1.00 47.76  ? 1   G   A O6    1 
ATOM   16  N  N1    . G   A 1 1  ? -14.047 4.316   -7.242  1.00 50.05  ? 1   G   A N1    1 
ATOM   17  C  C2    . G   A 1 1  ? -14.219 5.501   -7.916  1.00 51.93  ? 1   G   A C2    1 
ATOM   18  N  N2    . G   A 1 1  ? -13.978 6.630   -7.235  1.00 52.76  ? 1   G   A N2    1 
ATOM   19  N  N3    . G   A 1 1  ? -14.607 5.580   -9.179  1.00 52.39  ? 1   G   A N3    1 
ATOM   20  C  C4    . G   A 1 1  ? -14.808 4.361   -9.724  1.00 51.54  ? 1   G   A C4    1 
ATOM   21  P  P     . G   A 1 2  ? -11.407 5.362   -14.501 1.00 56.68  ? 2   G   A P     1 
ATOM   22  O  OP1   . G   A 1 2  ? -10.784 5.958   -15.705 1.00 55.65  ? 2   G   A OP1   1 
ATOM   23  O  OP2   . G   A 1 2  ? -11.105 3.958   -14.132 1.00 55.03  ? 2   G   A OP2   1 
ATOM   24  O  "O5'" . G   A 1 2  ? -11.076 6.305   -13.263 1.00 56.57  ? 2   G   A "O5'" 1 
ATOM   25  C  "C5'" . G   A 1 2  ? -11.401 7.703   -13.309 1.00 57.14  ? 2   G   A "C5'" 1 
ATOM   26  C  "C4'" . G   A 1 2  ? -11.151 8.352   -11.970 1.00 60.26  ? 2   G   A "C4'" 1 
ATOM   27  O  "O4'" . G   A 1 2  ? -12.066 7.814   -10.977 1.00 60.81  ? 2   G   A "O4'" 1 
ATOM   28  C  "C3'" . G   A 1 2  ? -9.772  8.139   -11.365 1.00 64.93  ? 2   G   A "C3'" 1 
ATOM   29  O  "O3'" . G   A 1 2  ? -8.829  9.004   -12.014 1.00 69.27  ? 2   G   A "O3'" 1 
ATOM   30  C  "C2'" . G   A 1 2  ? -10.051 8.404   -9.891  1.00 61.56  ? 2   G   A "C2'" 1 
ATOM   31  O  "O2'" . G   A 1 2  ? -10.150 9.780   -9.586  1.00 61.90  ? 2   G   A "O2'" 1 
ATOM   32  C  "C1'" . G   A 1 2  ? -11.408 7.719   -9.725  1.00 60.31  ? 2   G   A "C1'" 1 
ATOM   33  N  N9    . G   A 1 2  ? -11.289 6.307   -9.382  1.00 58.76  ? 2   G   A N9    1 
ATOM   34  C  C8    . G   A 1 2  ? -11.574 5.233   -10.188 1.00 59.48  ? 2   G   A C8    1 
ATOM   35  N  N7    . G   A 1 2  ? -11.364 4.084   -9.606  1.00 58.81  ? 2   G   A N7    1 
ATOM   36  C  C5    . G   A 1 2  ? -10.909 4.418   -8.338  1.00 59.44  ? 2   G   A C5    1 
ATOM   37  C  C6    . G   A 1 2  ? -10.518 3.585   -7.246  1.00 60.00  ? 2   G   A C6    1 
ATOM   38  O  O6    . G   A 1 2  ? -10.498 2.350   -7.189  1.00 61.06  ? 2   G   A O6    1 
ATOM   39  N  N1    . G   A 1 2  ? -10.122 4.335   -6.141  1.00 58.54  ? 2   G   A N1    1 
ATOM   40  C  C2    . G   A 1 2  ? -10.106 5.711   -6.093  1.00 56.77  ? 2   G   A C2    1 
ATOM   41  N  N2    . G   A 1 2  ? -9.693  6.255   -4.939  1.00 57.38  ? 2   G   A N2    1 
ATOM   42  N  N3    . G   A 1 2  ? -10.468 6.497   -7.101  1.00 55.86  ? 2   G   A N3    1 
ATOM   43  C  C4    . G   A 1 2  ? -10.856 5.790   -8.185  1.00 57.15  ? 2   G   A C4    1 
HETATM 44  C  C2    . 6MZ A 1 3  ? -6.264  4.114   -4.623  1.00 46.45  ? 3   6MZ A C2    1 
HETATM 45  C  C4    . 6MZ A 1 3  ? -6.630  5.643   -6.351  1.00 52.96  ? 3   6MZ A C4    1 
HETATM 46  C  C5    . 6MZ A 1 3  ? -6.951  4.634   -7.179  1.00 53.92  ? 3   6MZ A C5    1 
HETATM 47  O  O1P   . 6MZ A 1 3  ? -5.672  8.439   -11.907 1.00 65.71  ? 3   6MZ A O1P   1 
HETATM 48  O  O2P   . 6MZ A 1 3  ? -7.039  7.439   -12.842 1.00 68.16  ? 3   6MZ A O2P   1 
HETATM 49  N  N9    . 6MZ A 1 3  ? -6.745  6.805   -7.037  1.00 56.13  ? 3   6MZ A N9    1 
HETATM 50  N  N3    . 6MZ A 1 3  ? -6.301  5.384   -5.070  1.00 46.71  ? 3   6MZ A N3    1 
HETATM 51  N  N1    . 6MZ A 1 3  ? -6.564  3.091   -5.464  1.00 46.71  ? 3   6MZ A N1    1 
HETATM 52  C  C6    . 6MZ A 1 3  ? -6.885  3.321   -6.724  1.00 50.20  ? 3   6MZ A C6    1 
HETATM 53  N  N6    . 6MZ A 1 3  ? -7.180  2.126   -7.507  1.00 45.88  ? 3   6MZ A N6    1 
HETATM 54  C  C9    . 6MZ A 1 3  ? -7.653  2.122   -8.906  1.00 43.27  ? 3   6MZ A C9    1 
HETATM 55  N  N7    . 6MZ A 1 3  ? -7.223  5.158   -8.385  1.00 54.55  ? 3   6MZ A N7    1 
HETATM 56  C  C8    . 6MZ A 1 3  ? -7.107  6.490   -8.292  1.00 54.44  ? 3   6MZ A C8    1 
HETATM 57  O  "O5'" . 6MZ A 1 3  ? -6.886  8.712   -10.324 1.00 65.28  ? 3   6MZ A "O5'" 1 
HETATM 58  C  "C5'" . 6MZ A 1 3  ? -6.649  9.965   -9.743  1.00 64.70  ? 3   6MZ A "C5'" 1 
HETATM 59  C  "C4'" . 6MZ A 1 3  ? -6.356  9.828   -8.259  1.00 65.65  ? 3   6MZ A "C4'" 1 
HETATM 60  O  "O4'" . 6MZ A 1 3  ? -7.292  9.104   -7.684  1.00 64.89  ? 3   6MZ A "O4'" 1 
HETATM 61  C  "C1'" . 6MZ A 1 3  ? -6.565  8.120   -6.734  1.00 63.72  ? 3   6MZ A "C1'" 1 
HETATM 62  C  "C2'" . 6MZ A 1 3  ? -5.061  8.526   -6.839  1.00 68.74  ? 3   6MZ A "C2'" 1 
HETATM 63  O  "O2'" . 6MZ A 1 3  ? -4.780  9.493   -5.770  1.00 72.47  ? 3   6MZ A "O2'" 1 
HETATM 64  C  "C3'" . 6MZ A 1 3  ? -4.949  9.041   -8.045  1.00 68.54  ? 3   6MZ A "C3'" 1 
HETATM 65  O  "O3'" . 6MZ A 1 3  ? -3.801  9.938   -8.237  1.00 73.95  ? 3   6MZ A "O3'" 1 
HETATM 66  P  P     . 6MZ A 1 3  ? -7.155  8.720   -11.986 1.00 67.49  ? 3   6MZ A P     1 
HETATM 67  O  O3P   . 6MZ A 1 3  ? -6.661  9.990   -12.708 1.00 69.62  ? 3   6MZ A O3P   1 
ATOM   68  P  P     . C   A 1 4  ? -2.409  9.359   -8.785  1.00 77.78  ? 4   C   A P     1 
ATOM   69  O  OP1   . C   A 1 4  ? -1.464  10.488  -8.972  1.00 82.40  ? 4   C   A OP1   1 
ATOM   70  O  OP2   . C   A 1 4  ? -2.703  8.448   -9.921  1.00 73.74  ? 4   C   A OP2   1 
ATOM   71  O  "O5'" . C   A 1 4  ? -1.888  8.473   -7.572  1.00 79.97  ? 4   C   A "O5'" 1 
ATOM   72  C  "C5'" . C   A 1 4  ? -1.393  9.073   -6.387  1.00 78.35  ? 4   C   A "C5'" 1 
ATOM   73  C  "C4'" . C   A 1 4  ? -1.238  8.049   -5.294  1.00 77.11  ? 4   C   A "C4'" 1 
ATOM   74  O  "O4'" . C   A 1 4  ? -2.475  7.307   -5.118  1.00 75.04  ? 4   C   A "O4'" 1 
ATOM   75  C  "C3'" . C   A 1 4  ? -0.198  6.970   -5.553  1.00 77.87  ? 4   C   A "C3'" 1 
ATOM   76  O  "O3'" . C   A 1 4  ? 1.128   7.397   -5.302  1.00 81.47  ? 4   C   A "O3'" 1 
ATOM   77  C  "C2'" . C   A 1 4  ? -0.658  5.851   -4.632  1.00 78.36  ? 4   C   A "C2'" 1 
ATOM   78  O  "O2'" . C   A 1 4  ? -0.291  6.121   -3.288  1.00 80.78  ? 4   C   A "O2'" 1 
ATOM   79  C  "C1'" . C   A 1 4  ? -2.180  5.973   -4.756  1.00 74.09  ? 4   C   A "C1'" 1 
ATOM   80  N  N1    . C   A 1 4  ? -2.755  5.054   -5.764  1.00 66.76  ? 4   C   A N1    1 
ATOM   81  C  C2    . C   A 1 4  ? -2.782  3.691   -5.465  1.00 67.01  ? 4   C   A C2    1 
ATOM   82  O  O2    . C   A 1 4  ? -2.289  3.334   -4.386  1.00 69.21  ? 4   C   A O2    1 
ATOM   83  N  N3    . C   A 1 4  ? -3.301  2.818   -6.354  1.00 64.95  ? 4   C   A N3    1 
ATOM   84  C  C4    . C   A 1 4  ? -3.805  3.272   -7.501  1.00 63.44  ? 4   C   A C4    1 
ATOM   85  N  N4    . C   A 1 4  ? -4.318  2.377   -8.350  1.00 64.89  ? 4   C   A N4    1 
ATOM   86  C  C5    . C   A 1 4  ? -3.810  4.661   -7.826  1.00 60.76  ? 4   C   A C5    1 
ATOM   87  C  C6    . C   A 1 4  ? -3.288  5.513   -6.935  1.00 61.36  ? 4   C   A C6    1 
ATOM   88  P  P     . U   A 1 5  ? 2.353   6.742   -6.113  1.00 82.65  ? 5   U   A P     1 
ATOM   89  O  OP1   . U   A 1 5  ? 3.562   7.551   -5.821  1.00 86.33  ? 5   U   A OP1   1 
ATOM   90  O  OP2   . U   A 1 5  ? 1.942   6.537   -7.525  1.00 86.31  ? 5   U   A OP2   1 
ATOM   91  O  "O5'" . U   A 1 5  ? 2.560   5.313   -5.438  1.00 73.33  ? 5   U   A "O5'" 1 
ATOM   92  C  "C5'" . U   A 1 5  ? 2.990   5.193   -4.091  1.00 65.72  ? 5   U   A "C5'" 1 
ATOM   93  C  "C4'" . U   A 1 5  ? 3.042   3.750   -3.666  1.00 62.98  ? 5   U   A "C4'" 1 
ATOM   94  O  "O4'" . U   A 1 5  ? 1.712   3.173   -3.659  1.00 66.08  ? 5   U   A "O4'" 1 
ATOM   95  C  "C3'" . U   A 1 5  ? 3.824   2.833   -4.590  1.00 62.68  ? 5   U   A "C3'" 1 
ATOM   96  O  "O3'" . U   A 1 5  ? 5.228   2.943   -4.436  1.00 61.05  ? 5   U   A "O3'" 1 
ATOM   97  C  "C2'" . U   A 1 5  ? 3.262   1.467   -4.234  1.00 66.20  ? 5   U   A "C2'" 1 
ATOM   98  O  "O2'" . U   A 1 5  ? 3.802   1.006   -3.005  1.00 68.03  ? 5   U   A "O2'" 1 
ATOM   99  C  "C1'" . U   A 1 5  ? 1.783   1.808   -4.019  1.00 66.12  ? 5   U   A "C1'" 1 
ATOM   100 N  N1    . U   A 1 5  ? 0.978   1.606   -5.244  1.00 66.91  ? 5   U   A N1    1 
ATOM   101 C  C2    . U   A 1 5  ? 0.628   0.314   -5.573  1.00 69.95  ? 5   U   A C2    1 
ATOM   102 O  O2    . U   A 1 5  ? 0.958   -0.651  -4.903  1.00 73.17  ? 5   U   A O2    1 
ATOM   103 N  N3    . U   A 1 5  ? -0.118  0.189   -6.719  1.00 68.44  ? 5   U   A N3    1 
ATOM   104 C  C4    . U   A 1 5  ? -0.544  1.204   -7.550  1.00 67.89  ? 5   U   A C4    1 
ATOM   105 O  O4    . U   A 1 5  ? -1.213  0.932   -8.551  1.00 70.25  ? 5   U   A O4    1 
ATOM   106 C  C5    . U   A 1 5  ? -0.141  2.516   -7.140  1.00 64.48  ? 5   U   A C5    1 
ATOM   107 C  C6    . U   A 1 5  ? 0.586   2.669   -6.028  1.00 65.12  ? 5   U   A C6    1 
ATOM   108 P  P     . A   A 1 6  ? 6.180   2.738   -5.713  1.00 120.13 ? 6   A   A P     1 
ATOM   109 O  OP1   . A   A 1 6  ? 7.562   3.070   -5.289  1.00 126.21 ? 6   A   A OP1   1 
ATOM   110 O  OP2   . A   A 1 6  ? 5.574   3.454   -6.863  1.00 119.62 ? 6   A   A OP2   1 
ATOM   111 O  "O5'" . A   A 1 6  ? 6.116   1.177   -6.011  1.00 109.26 ? 6   A   A "O5'" 1 
ATOM   112 C  "C5'" . A   A 1 6  ? 6.664   0.238   -5.099  1.00 101.21 ? 6   A   A "C5'" 1 
ATOM   113 C  "C4'" . A   A 1 6  ? 6.459   -1.177  -5.579  1.00 95.67  ? 6   A   A "C4'" 1 
ATOM   114 O  "O4'" . A   A 1 6  ? 5.055   -1.535  -5.478  1.00 92.93  ? 6   A   A "O4'" 1 
ATOM   115 C  "C3'" . A   A 1 6  ? 6.800   -1.446  -7.038  1.00 92.66  ? 6   A   A "C3'" 1 
ATOM   116 O  "O3'" . A   A 1 6  ? 8.184   -1.631  -7.274  1.00 90.12  ? 6   A   A "O3'" 1 
ATOM   117 C  "C2'" . A   A 1 6  ? 5.959   -2.671  -7.349  1.00 91.38  ? 6   A   A "C2'" 1 
ATOM   118 O  "O2'" . A   A 1 6  ? 6.551   -3.838  -6.795  1.00 93.56  ? 6   A   A "O2'" 1 
ATOM   119 C  "C1'" . A   A 1 6  ? 4.686   -2.352  -6.571  1.00 87.79  ? 6   A   A "C1'" 1 
ATOM   120 N  N9    . A   A 1 6  ? 3.719   -1.602  -7.393  1.00 84.00  ? 6   A   A N9    1 
ATOM   121 C  C8    . A   A 1 6  ? 3.509   -0.243  -7.402  1.00 82.09  ? 6   A   A C8    1 
ATOM   122 N  N7    . A   A 1 6  ? 2.579   0.146   -8.241  1.00 79.74  ? 6   A   A N7    1 
ATOM   123 C  C5    . A   A 1 6  ? 2.152   -1.038  -8.824  1.00 78.90  ? 6   A   A C5    1 
ATOM   124 C  C6    . A   A 1 6  ? 1.181   -1.309  -9.799  1.00 77.89  ? 6   A   A C6    1 
ATOM   125 N  N6    . A   A 1 6  ? 0.438   -0.362  -10.376 1.00 77.88  ? 6   A   A N6    1 
ATOM   126 N  N1    . A   A 1 6  ? 0.994   -2.595  -10.166 1.00 70.78  ? 6   A   A N1    1 
ATOM   127 C  C2    . A   A 1 6  ? 1.739   -3.541  -9.582  1.00 70.61  ? 6   A   A C2    1 
ATOM   128 N  N3    . A   A 1 6  ? 2.686   -3.412  -8.656  1.00 80.57  ? 6   A   A N3    1 
ATOM   129 C  C4    . A   A 1 6  ? 2.846   -2.121  -8.317  1.00 81.13  ? 6   A   A C4    1 
ATOM   130 P  P     . G   A 1 7  ? 8.791   -1.342  -8.735  1.00 91.11  ? 7   G   A P     1 
ATOM   131 O  OP1   . G   A 1 7  ? 10.260  -1.556  -8.685  1.00 98.05  ? 7   G   A OP1   1 
ATOM   132 O  OP2   . G   A 1 7  ? 8.262   -0.038  -9.207  1.00 90.96  ? 7   G   A OP2   1 
ATOM   133 O  "O5'" . G   A 1 7  ? 8.143   -2.486  -9.634  1.00 92.10  ? 7   G   A "O5'" 1 
ATOM   134 C  "C5'" . G   A 1 7  ? 8.569   -3.831  -9.489  1.00 89.78  ? 7   G   A "C5'" 1 
ATOM   135 C  "C4'" . G   A 1 7  ? 7.646   -4.796  -10.191 1.00 87.46  ? 7   G   A "C4'" 1 
ATOM   136 O  "O4'" . G   A 1 7  ? 6.263   -4.507  -9.858  1.00 80.55  ? 7   G   A "O4'" 1 
ATOM   137 C  "C3'" . G   A 1 7  ? 7.655   -4.777  -11.706 1.00 87.06  ? 7   G   A "C3'" 1 
ATOM   138 O  "O3'" . G   A 1 7  ? 8.777   -5.450  -12.246 1.00 88.26  ? 7   G   A "O3'" 1 
ATOM   139 C  "C2'" . G   A 1 7  ? 6.324   -5.432  -12.044 1.00 72.85  ? 7   G   A "C2'" 1 
ATOM   140 O  "O2'" . G   A 1 7  ? 6.398   -6.838  -11.869 1.00 72.52  ? 7   G   A "O2'" 1 
ATOM   141 C  "C1'" . G   A 1 7  ? 5.429   -4.859  -10.945 1.00 77.30  ? 7   G   A "C1'" 1 
ATOM   142 N  N9    . G   A 1 7  ? 4.675   -3.671  -11.392 1.00 75.16  ? 7   G   A N9    1 
ATOM   143 C  C8    . G   A 1 7  ? 4.848   -2.354  -11.035 1.00 74.97  ? 7   G   A C8    1 
ATOM   144 N  N7    . G   A 1 7  ? 3.993   -1.553  -11.617 1.00 72.85  ? 7   G   A N7    1 
ATOM   145 C  C5    . G   A 1 7  ? 3.207   -2.388  -12.402 1.00 73.15  ? 7   G   A C5    1 
ATOM   146 C  C6    . G   A 1 7  ? 2.109   -2.106  -13.264 1.00 71.80  ? 7   G   A C6    1 
ATOM   147 O  O6    . G   A 1 7  ? 1.581   -1.016  -13.527 1.00 72.15  ? 7   G   A O6    1 
ATOM   148 N  N1    . G   A 1 7  ? 1.615   -3.262  -13.861 1.00 71.16  ? 7   G   A N1    1 
ATOM   149 C  C2    . G   A 1 7  ? 2.108   -4.528  -13.655 1.00 73.17  ? 7   G   A C2    1 
ATOM   150 N  N2    . G   A 1 7  ? 1.514   -5.534  -14.308 1.00 71.56  ? 7   G   A N2    1 
ATOM   151 N  N3    . G   A 1 7  ? 3.123   -4.802  -12.857 1.00 74.05  ? 7   G   A N3    1 
ATOM   152 C  C4    . G   A 1 7  ? 3.620   -3.696  -12.271 1.00 74.55  ? 7   G   A C4    1 
ATOM   153 P  P     . U   A 1 8  ? 9.463   -4.925  -13.598 1.00 75.82  ? 8   U   A P     1 
ATOM   154 O  OP1   . U   A 1 8  ? 10.820  -5.521  -13.670 1.00 76.95  ? 8   U   A OP1   1 
ATOM   155 O  OP2   . U   A 1 8  ? 9.299   -3.451  -13.676 1.00 76.21  ? 8   U   A OP2   1 
ATOM   156 O  "O5'" . U   A 1 8  ? 8.562   -5.584  -14.733 1.00 75.05  ? 8   U   A "O5'" 1 
ATOM   157 C  "C5'" . U   A 1 8  ? 8.353   -6.988  -14.752 1.00 76.72  ? 8   U   A "C5'" 1 
ATOM   158 C  "C4'" . U   A 1 8  ? 7.131   -7.359  -15.551 1.00 73.66  ? 8   U   A "C4'" 1 
ATOM   159 O  "O4'" . U   A 1 8  ? 5.958   -6.709  -15.003 1.00 75.44  ? 8   U   A "O4'" 1 
ATOM   160 C  "C3'" . U   A 1 8  ? 7.135   -6.930  -17.005 1.00 74.04  ? 8   U   A "C3'" 1 
ATOM   161 O  "O3'" . U   A 1 8  ? 7.904   -7.787  -17.826 1.00 81.05  ? 8   U   A "O3'" 1 
ATOM   162 C  "C2'" . U   A 1 8  ? 5.651   -6.912  -17.352 1.00 73.01  ? 8   U   A "C2'" 1 
ATOM   163 O  "O2'" . U   A 1 8  ? 5.179   -8.224  -17.620 1.00 72.57  ? 8   U   A "O2'" 1 
ATOM   164 C  "C1'" . U   A 1 8  ? 5.034   -6.437  -16.036 1.00 73.93  ? 8   U   A "C1'" 1 
ATOM   165 N  N1    . U   A 1 8  ? 4.741   -4.986  -16.038 1.00 73.80  ? 8   U   A N1    1 
ATOM   166 C  C2    . U   A 1 8  ? 3.666   -4.529  -16.780 1.00 72.20  ? 8   U   A C2    1 
ATOM   167 O  O2    . U   A 1 8  ? 2.949   -5.252  -17.449 1.00 71.98  ? 8   U   A O2    1 
ATOM   168 N  N3    . U   A 1 8  ? 3.463   -3.175  -16.717 1.00 72.55  ? 8   U   A N3    1 
ATOM   169 C  C4    . U   A 1 8  ? 4.192   -2.249  -16.005 1.00 73.25  ? 8   U   A C4    1 
ATOM   170 O  O4    . U   A 1 8  ? 3.875   -1.061  -16.054 1.00 73.64  ? 8   U   A O4    1 
ATOM   171 C  C5    . U   A 1 8  ? 5.279   -2.800  -15.260 1.00 73.59  ? 8   U   A C5    1 
ATOM   172 C  C6    . U   A 1 8  ? 5.507   -4.116  -15.299 1.00 73.53  ? 8   U   A C6    1 
HETATM 173 O  O3P   . CBV A 1 9  ? 9.594   -6.682  -20.182 1.00 86.52  ? 9   CBV A O3P   1 
HETATM 174 P  P     . CBV A 1 9  ? 8.668   -7.202  -19.112 1.00 75.77  ? 9   CBV A P     1 
HETATM 175 O  O1P   . CBV A 1 9  ? 9.415   -8.515  -19.160 1.00 82.29  ? 9   CBV A O1P   1 
HETATM 176 O  O2P   . CBV A 1 9  ? 8.976   -5.948  -18.328 1.00 76.11  ? 9   CBV A O2P   1 
HETATM 177 O  "O5'" . CBV A 1 9  ? 7.426   -7.085  -20.098 1.00 78.11  ? 9   CBV A "O5'" 1 
HETATM 178 C  "C5'" . CBV A 1 9  ? 6.759   -8.244  -20.572 1.00 77.13  ? 9   CBV A "C5'" 1 
HETATM 179 C  "C4'" . CBV A 1 9  ? 5.570   -7.877  -21.420 1.00 76.21  ? 9   CBV A "C4'" 1 
HETATM 180 O  "O4'" . CBV A 1 9  ? 4.614   -7.125  -20.630 1.00 74.94  ? 9   CBV A "O4'" 1 
HETATM 181 C  "C3'" . CBV A 1 9  ? 5.859   -6.972  -22.605 1.00 77.64  ? 9   CBV A "C3'" 1 
HETATM 182 O  "O3'" . CBV A 1 9  ? 6.368   -7.667  -23.723 1.00 79.61  ? 9   CBV A "O3'" 1 
HETATM 183 C  "C2'" . CBV A 1 9  ? 4.511   -6.316  -22.858 1.00 77.41  ? 9   CBV A "C2'" 1 
HETATM 184 O  "O2'" . CBV A 1 9  ? 3.641   -7.202  -23.544 1.00 79.23  ? 9   CBV A "O2'" 1 
HETATM 185 C  "C1'" . CBV A 1 9  ? 3.998   -6.137  -21.432 1.00 74.38  ? 9   CBV A "C1'" 1 
HETATM 186 N  N1    . CBV A 1 9  ? 4.343   -4.809  -20.887 1.00 73.44  ? 9   CBV A N1    1 
HETATM 187 C  C2    . CBV A 1 9  ? 3.521   -3.633  -21.252 1.00 74.96  ? 9   CBV A C2    1 
HETATM 188 O  O2    . CBV A 1 9  ? 2.595   -3.760  -21.977 1.00 77.00  ? 9   CBV A O2    1 
HETATM 189 N  N3    . CBV A 1 9  ? 3.863   -2.301  -20.705 1.00 73.86  ? 9   CBV A N3    1 
HETATM 190 C  C4    . CBV A 1 9  ? 4.989   -2.130  -19.818 1.00 74.50  ? 9   CBV A C4    1 
HETATM 191 N  N4    . CBV A 1 9  ? 5.306   -0.817  -19.292 1.00 75.25  ? 9   CBV A N4    1 
HETATM 192 C  C5    . CBV A 1 9  ? 5.817   -3.308  -19.450 1.00 76.24  ? 9   CBV A C5    1 
HETATM 193 C  C6    . CBV A 1 9  ? 5.479   -4.651  -19.997 1.00 73.96  ? 9   CBV A C6    1 
HETATM 194 BR BR    . CBV A 1 9  ? 7.336   -3.082  -18.269 1.00 82.45  ? 9   CBV A BR    1 
ATOM   195 P  P     . C   A 1 10 ? 7.287   -6.891  -24.780 1.00 83.95  ? 10  C   A P     1 
ATOM   196 O  OP1   . C   A 1 10 ? 7.676   -7.854  -25.840 1.00 85.53  ? 10  C   A OP1   1 
ATOM   197 O  OP2   . C   A 1 10 ? 8.331   -6.154  -24.026 1.00 86.12  ? 10  C   A OP2   1 
ATOM   198 O  "O5'" . C   A 1 10 ? 6.289   -5.826  -25.416 1.00 83.08  ? 10  C   A "O5'" 1 
ATOM   199 C  "C5'" . C   A 1 10 ? 5.299   -6.234  -26.345 1.00 83.33  ? 10  C   A "C5'" 1 
ATOM   200 C  "C4'" . C   A 1 10 ? 4.390   -5.095  -26.734 1.00 82.13  ? 10  C   A "C4'" 1 
ATOM   201 O  "O4'" . C   A 1 10 ? 3.840   -4.445  -25.557 1.00 80.83  ? 10  C   A "O4'" 1 
ATOM   202 C  "C3'" . C   A 1 10 ? 5.038   -3.959  -27.503 1.00 83.13  ? 10  C   A "C3'" 1 
ATOM   203 O  "O3'" . C   A 1 10 ? 5.251   -4.271  -28.868 1.00 85.23  ? 10  C   A "O3'" 1 
ATOM   204 C  "C2'" . C   A 1 10 ? 4.053   -2.820  -27.278 1.00 82.22  ? 10  C   A "C2'" 1 
ATOM   205 O  "O2'" . C   A 1 10 ? 2.909   -2.974  -28.104 1.00 81.39  ? 10  C   A "O2'" 1 
ATOM   206 C  "C1'" . C   A 1 10 ? 3.635   -3.072  -25.826 1.00 79.96  ? 10  C   A "C1'" 1 
ATOM   207 N  N1    . C   A 1 10 ? 4.406   -2.256  -24.858 1.00 75.14  ? 10  C   A N1    1 
ATOM   208 C  C2    . C   A 1 10 ? 4.060   -0.910  -24.724 1.00 81.49  ? 10  C   A C2    1 
ATOM   209 O  O2    . C   A 1 10 ? 3.145   -0.475  -25.436 1.00 81.05  ? 10  C   A O2    1 
ATOM   210 N  N3    . C   A 1 10 ? 4.739   -0.132  -23.852 1.00 76.14  ? 10  C   A N3    1 
ATOM   211 C  C4    . C   A 1 10 ? 5.719   -0.655  -23.115 1.00 76.42  ? 10  C   A C4    1 
ATOM   212 N  N4    . C   A 1 10 ? 6.361   0.145   -22.260 1.00 77.16  ? 10  C   A N4    1 
ATOM   213 C  C5    . C   A 1 10 ? 6.085   -2.027  -23.222 1.00 76.08  ? 10  C   A C5    1 
ATOM   214 C  C6    . C   A 1 10 ? 5.407   -2.788  -24.094 1.00 75.46  ? 10  C   A C6    1 
ATOM   215 O  "O5'" . G   B 1 1  ? 2.240   9.238   -20.993 1.00 79.13  ? 1   G   B "O5'" 1 
ATOM   216 C  "C5'" . G   B 1 1  ? 1.761   10.011  -22.082 1.00 78.16  ? 1   G   B "C5'" 1 
ATOM   217 C  "C4'" . G   B 1 1  ? 1.187   9.138   -23.168 1.00 74.98  ? 1   G   B "C4'" 1 
ATOM   218 O  "O4'" . G   B 1 1  ? 2.265   8.609   -23.989 1.00 67.15  ? 1   G   B "O4'" 1 
ATOM   219 C  "C3'" . G   B 1 1  ? 0.437   7.897   -22.701 1.00 73.09  ? 1   G   B "C3'" 1 
ATOM   220 O  "O3'" . G   B 1 1  ? -0.903  8.144   -22.320 1.00 76.09  ? 1   G   B "O3'" 1 
ATOM   221 C  "C2'" . G   B 1 1  ? 0.573   6.963   -23.892 1.00 72.23  ? 1   G   B "C2'" 1 
ATOM   222 O  "O2'" . G   B 1 1  ? -0.303  7.359   -24.936 1.00 73.41  ? 1   G   B "O2'" 1 
ATOM   223 C  "C1'" . G   B 1 1  ? 2.000   7.263   -24.324 1.00 65.33  ? 1   G   B "C1'" 1 
ATOM   224 N  N9    . G   B 1 1  ? 2.956   6.421   -23.585 1.00 62.88  ? 1   G   B N9    1 
ATOM   225 C  C8    . G   B 1 1  ? 3.833   6.834   -22.613 1.00 61.61  ? 1   G   B C8    1 
ATOM   226 N  N7    . G   B 1 1  ? 4.552   5.860   -22.127 1.00 60.70  ? 1   G   B N7    1 
ATOM   227 C  C5    . G   B 1 1  ? 4.117   4.738   -22.817 1.00 59.39  ? 1   G   B C5    1 
ATOM   228 C  C6    . G   B 1 1  ? 4.530   3.387   -22.722 1.00 64.31  ? 1   G   B C6    1 
ATOM   229 O  O6    . G   B 1 1  ? 5.391   2.897   -21.985 1.00 64.14  ? 1   G   B O6    1 
ATOM   230 N  N1    . G   B 1 1  ? 3.826   2.576   -23.602 1.00 58.20  ? 1   G   B N1    1 
ATOM   231 C  C2    . G   B 1 1  ? 2.852   3.006   -24.468 1.00 60.34  ? 1   G   B C2    1 
ATOM   232 N  N2    . G   B 1 1  ? 2.275   2.081   -25.246 1.00 60.69  ? 1   G   B N2    1 
ATOM   233 N  N3    . G   B 1 1  ? 2.457   4.263   -24.566 1.00 62.07  ? 1   G   B N3    1 
ATOM   234 C  C4    . G   B 1 1  ? 3.131   5.066   -23.719 1.00 61.47  ? 1   G   B C4    1 
ATOM   235 P  P     . G   B 1 2  ? -1.543  7.329   -21.104 1.00 75.82  ? 2   G   B P     1 
ATOM   236 O  OP1   . G   B 1 2  ? -2.778  8.033   -20.680 1.00 81.59  ? 2   G   B OP1   1 
ATOM   237 O  OP2   . G   B 1 2  ? -0.472  7.066   -20.113 1.00 71.20  ? 2   G   B OP2   1 
ATOM   238 O  "O5'" . G   B 1 2  ? -1.953  5.948   -21.782 1.00 75.89  ? 2   G   B "O5'" 1 
ATOM   239 C  "C5'" . G   B 1 2  ? -2.632  5.938   -23.049 1.00 80.80  ? 2   G   B "C5'" 1 
ATOM   240 C  "C4'" . G   B 1 2  ? -2.588  4.563   -23.670 1.00 81.48  ? 2   G   B "C4'" 1 
ATOM   241 O  "O4'" . G   B 1 2  ? -1.222  4.227   -24.029 1.00 79.07  ? 2   G   B "O4'" 1 
ATOM   242 C  "C3'" . G   B 1 2  ? -3.038  3.411   -22.786 1.00 82.61  ? 2   G   B "C3'" 1 
ATOM   243 O  "O3'" . G   B 1 2  ? -4.471  3.383   -22.751 1.00 87.88  ? 2   G   B "O3'" 1 
ATOM   244 C  "C2'" . G   B 1 2  ? -2.361  2.225   -23.464 1.00 77.63  ? 2   G   B "C2'" 1 
ATOM   245 O  "O2'" . G   B 1 2  ? -3.050  1.763   -24.607 1.00 78.33  ? 2   G   B "O2'" 1 
ATOM   246 C  "C1'" . G   B 1 2  ? -1.015  2.835   -23.856 1.00 74.65  ? 2   G   B "C1'" 1 
ATOM   247 N  N9    . G   B 1 2  ? 0.019   2.652   -22.845 1.00 70.44  ? 2   G   B N9    1 
ATOM   248 C  C8    . G   B 1 2  ? 0.526   3.607   -21.998 1.00 70.06  ? 2   G   B C8    1 
ATOM   249 N  N7    . G   B 1 2  ? 1.451   3.145   -21.199 1.00 67.22  ? 2   G   B N7    1 
ATOM   250 C  C5    . G   B 1 2  ? 1.562   1.805   -21.541 1.00 62.75  ? 2   G   B C5    1 
ATOM   251 C  C6    . G   B 1 2  ? 2.410   0.784   -21.011 1.00 60.38  ? 2   G   B C6    1 
ATOM   252 O  O6    . G   B 1 2  ? 3.252   0.873   -20.111 1.00 58.92  ? 2   G   B O6    1 
ATOM   253 N  N1    . G   B 1 2  ? 2.199   -0.440  -21.644 1.00 59.76  ? 2   G   B N1    1 
ATOM   254 C  C2    . G   B 1 2  ? 1.291   -0.652  -22.656 1.00 63.47  ? 2   G   B C2    1 
ATOM   255 N  N2    . G   B 1 2  ? 1.231   -1.901  -23.140 1.00 63.19  ? 2   G   B N2    1 
ATOM   256 N  N3    . G   B 1 2  ? 0.496   0.289   -23.155 1.00 66.55  ? 2   G   B N3    1 
ATOM   257 C  C4    . G   B 1 2  ? 0.683   1.484   -22.555 1.00 64.07  ? 2   G   B C4    1 
HETATM 258 C  C2    . 6MZ B 1 3  ? 1.067   -3.031  -19.031 1.00 60.76  ? 3   6MZ B C2    1 
HETATM 259 C  C4    . 6MZ B 1 3  ? -0.564  -1.665  -19.995 1.00 64.83  ? 3   6MZ B C4    1 
HETATM 260 C  C5    . 6MZ B 1 3  ? -0.158  -0.636  -19.240 1.00 64.89  ? 3   6MZ B C5    1 
HETATM 261 O  O1P   . 6MZ B 1 3  ? -5.046  3.641   -20.318 1.00 87.99  ? 3   6MZ B O1P   1 
HETATM 262 O  O2P   . 6MZ B 1 3  ? -6.072  1.993   -20.360 1.00 92.28  ? 3   6MZ B O2P   1 
HETATM 263 N  N9    . 6MZ B 1 3  ? -1.583  -1.248  -20.775 1.00 67.07  ? 3   6MZ B N9    1 
HETATM 264 N  N3    . 6MZ B 1 3  ? 0.050   -2.861  -19.897 1.00 62.77  ? 3   6MZ B N3    1 
HETATM 265 N  N1    . 6MZ B 1 3  ? 1.477   -1.993  -18.262 1.00 60.82  ? 3   6MZ B N1    1 
HETATM 266 C  C6    . 6MZ B 1 3  ? 0.887   -0.815  -18.352 1.00 62.82  ? 3   6MZ B C6    1 
HETATM 267 N  N6    . 6MZ B 1 3  ? 1.432   0.210   -17.470 1.00 62.64  ? 3   6MZ B N6    1 
HETATM 268 C  C9    . 6MZ B 1 3  ? 0.940   1.543   -17.439 1.00 63.99  ? 3   6MZ B C9    1 
HETATM 269 N  N7    . 6MZ B 1 3  ? -0.926  0.425   -19.546 1.00 67.16  ? 3   6MZ B N7    1 
HETATM 270 C  C8    . 6MZ B 1 3  ? -1.803  0.046   -20.483 1.00 68.50  ? 3   6MZ B C8    1 
HETATM 271 O  "O5'" . 6MZ B 1 3  ? -4.651  1.115   -21.510 1.00 88.38  ? 3   6MZ B "O5'" 1 
HETATM 272 C  "C5'" . 6MZ B 1 3  ? -5.112  0.263   -22.523 1.00 88.78  ? 3   6MZ B "C5'" 1 
HETATM 273 C  "C4'" . 6MZ B 1 3  ? -4.359  -1.057  -22.511 1.00 85.94  ? 3   6MZ B "C4'" 1 
HETATM 274 O  "O4'" . 6MZ B 1 3  ? -3.072  -0.852  -22.679 1.00 81.80  ? 3   6MZ B "O4'" 1 
HETATM 275 C  "C1'" . 6MZ B 1 3  ? -2.362  -1.841  -21.717 1.00 78.44  ? 3   6MZ B "C1'" 1 
HETATM 276 C  "C2'" . 6MZ B 1 3  ? -3.522  -2.652  -21.075 1.00 81.03  ? 3   6MZ B "C2'" 1 
HETATM 277 O  "O2'" . 6MZ B 1 3  ? -3.805  -3.799  -21.951 1.00 78.79  ? 3   6MZ B "O2'" 1 
HETATM 278 C  "C3'" . 6MZ B 1 3  ? -4.494  -1.776  -21.062 1.00 86.39  ? 3   6MZ B "C3'" 1 
HETATM 279 O  "O3'" . 6MZ B 1 3  ? -5.818  -2.366  -20.882 1.00 87.99  ? 3   6MZ B "O3'" 1 
HETATM 280 P  P     . 6MZ B 1 3  ? -5.334  2.658   -21.481 1.00 90.78  ? 3   6MZ B P     1 
HETATM 281 O  O3P   . 6MZ B 1 3  ? -6.773  2.760   -22.069 1.00 93.51  ? 3   6MZ B O3P   1 
ATOM   282 P  P     . C   B 1 4  ? -6.432  -2.515  -19.415 1.00 79.09  ? 4   C   B P     1 
ATOM   283 O  OP1   . C   B 1 4  ? -7.813  -3.038  -19.545 1.00 85.36  ? 4   C   B OP1   1 
ATOM   284 O  OP2   . C   B 1 4  ? -6.197  -1.246  -18.686 1.00 77.93  ? 4   C   B OP2   1 
ATOM   285 O  "O5'" . C   B 1 4  ? -5.525  -3.650  -18.760 1.00 77.63  ? 4   C   B "O5'" 1 
ATOM   286 C  "C5'" . C   B 1 4  ? -5.530  -4.987  -19.289 1.00 78.38  ? 4   C   B "C5'" 1 
ATOM   287 C  "C4'" . C   B 1 4  ? -4.421  -5.804  -18.670 1.00 76.76  ? 4   C   B "C4'" 1 
ATOM   288 O  "O4'" . C   B 1 4  ? -3.153  -5.122  -18.855 1.00 76.10  ? 4   C   B "O4'" 1 
ATOM   289 C  "C3'" . C   B 1 4  ? -4.514  -6.023  -17.169 1.00 75.28  ? 4   C   B "C3'" 1 
ATOM   290 O  "O3'" . C   B 1 4  ? -5.356  -7.122  -16.839 1.00 77.92  ? 4   C   B "O3'" 1 
ATOM   291 C  "C2'" . C   B 1 4  ? -3.065  -6.312  -16.803 1.00 70.72  ? 4   C   B "C2'" 1 
ATOM   292 O  "O2'" . C   B 1 4  ? -2.683  -7.644  -17.077 1.00 69.21  ? 4   C   B "O2'" 1 
ATOM   293 C  "C1'" . C   B 1 4  ? -2.320  -5.350  -17.730 1.00 71.12  ? 4   C   B "C1'" 1 
ATOM   294 N  N1    . C   B 1 4  ? -2.021  -4.055  -17.100 1.00 68.40  ? 4   C   B N1    1 
ATOM   295 C  C2    . C   B 1 4  ? -0.841  -3.925  -16.365 1.00 65.01  ? 4   C   B C2    1 
ATOM   296 O  O2    . C   B 1 4  ? -0.080  -4.899  -16.276 1.00 63.31  ? 4   C   B O2    1 
ATOM   297 N  N3    . C   B 1 4  ? -0.556  -2.741  -15.775 1.00 64.70  ? 4   C   B N3    1 
ATOM   298 C  C4    . C   B 1 4  ? -1.403  -1.716  -15.896 1.00 66.83  ? 4   C   B C4    1 
ATOM   299 N  N4    . C   B 1 4  ? -1.081  -0.566  -15.299 1.00 66.88  ? 4   C   B N4    1 
ATOM   300 C  C5    . C   B 1 4  ? -2.615  -1.823  -16.637 1.00 69.01  ? 4   C   B C5    1 
ATOM   301 C  C6    . C   B 1 4  ? -2.883  -3.001  -17.215 1.00 68.86  ? 4   C   B C6    1 
ATOM   302 P  P     . U   B 1 5  ? -6.008  -7.209  -15.382 1.00 79.93  ? 5   U   B P     1 
ATOM   303 O  OP1   . U   B 1 5  ? -7.044  -8.274  -15.392 1.00 84.17  ? 5   U   B OP1   1 
ATOM   304 O  OP2   . U   B 1 5  ? -6.363  -5.834  -14.949 1.00 81.35  ? 5   U   B OP2   1 
ATOM   305 O  "O5'" . U   B 1 5  ? -4.805  -7.719  -14.475 1.00 75.50  ? 5   U   B "O5'" 1 
ATOM   306 C  "C5'" . U   B 1 5  ? -4.256  -9.013  -14.659 1.00 74.87  ? 5   U   B "C5'" 1 
ATOM   307 C  "C4'" . U   B 1 5  ? -3.058  -9.226  -13.770 1.00 75.43  ? 5   U   B "C4'" 1 
ATOM   308 O  "O4'" . U   B 1 5  ? -1.990  -8.310  -14.130 1.00 75.69  ? 5   U   B "O4'" 1 
ATOM   309 C  "C3'" . U   B 1 5  ? -3.287  -8.947  -12.298 1.00 75.74  ? 5   U   B "C3'" 1 
ATOM   310 O  "O3'" . U   B 1 5  ? -3.968  -9.990  -11.633 1.00 76.20  ? 5   U   B "O3'" 1 
ATOM   311 C  "C2'" . U   B 1 5  ? -1.873  -8.710  -11.792 1.00 71.55  ? 5   U   B "C2'" 1 
ATOM   312 O  "O2'" . U   B 1 5  ? -1.182  -9.940  -11.648 1.00 68.10  ? 5   U   B "O2'" 1 
ATOM   313 C  "C1'" . U   B 1 5  ? -1.266  -7.947  -12.971 1.00 72.20  ? 5   U   B "C1'" 1 
ATOM   314 N  N1    . U   B 1 5  ? -1.365  -6.481  -12.794 1.00 73.10  ? 5   U   B N1    1 
ATOM   315 C  C2    . U   B 1 5  ? -0.478  -5.879  -11.924 1.00 74.61  ? 5   U   B C2    1 
ATOM   316 O  O2    . U   B 1 5  ? 0.364   -6.499  -11.300 1.00 74.87  ? 5   U   B O2    1 
ATOM   317 N  N3    . U   B 1 5  ? -0.620  -4.520  -11.805 1.00 75.06  ? 5   U   B N3    1 
ATOM   318 C  C4    . U   B 1 5  ? -1.534  -3.717  -12.457 1.00 74.32  ? 5   U   B C4    1 
ATOM   319 O  O4    . U   B 1 5  ? -1.536  -2.503  -12.244 1.00 74.23  ? 5   U   B O4    1 
ATOM   320 C  C5    . U   B 1 5  ? -2.414  -4.417  -13.343 1.00 73.08  ? 5   U   B C5    1 
ATOM   321 C  C6    . U   B 1 5  ? -2.301  -5.741  -13.479 1.00 72.47  ? 5   U   B C6    1 
ATOM   322 P  P     . A   B 1 6  ? -4.926  -9.636  -10.397 1.00 90.09  ? 6   A   B P     1 
ATOM   323 O  OP1   . A   B 1 6  ? -5.594  -10.894 -9.989  1.00 96.57  ? 6   A   B OP1   1 
ATOM   324 O  OP2   . A   B 1 6  ? -5.752  -8.452  -10.742 1.00 85.00  ? 6   A   B OP2   1 
ATOM   325 O  "O5'" . A   B 1 6  ? -3.922  -9.221  -9.235  1.00 91.14  ? 6   A   B "O5'" 1 
ATOM   326 C  "C5'" . A   B 1 6  ? -3.029  -10.163 -8.662  1.00 93.15  ? 6   A   B "C5'" 1 
ATOM   327 C  "C4'" . A   B 1 6  ? -2.196  -9.524  -7.580  1.00 93.86  ? 6   A   B "C4'" 1 
ATOM   328 O  "O4'" . A   B 1 6  ? -1.230  -8.611  -8.164  1.00 92.91  ? 6   A   B "O4'" 1 
ATOM   329 C  "C3'" . A   B 1 6  ? -2.962  -8.661  -6.588  1.00 92.65  ? 6   A   B "C3'" 1 
ATOM   330 O  "O3'" . A   B 1 6  ? -3.615  -9.403  -5.576  1.00 94.12  ? 6   A   B "O3'" 1 
ATOM   331 C  "C2'" . A   B 1 6  ? -1.881  -7.733  -6.061  1.00 91.54  ? 6   A   B "C2'" 1 
ATOM   332 O  "O2'" . A   B 1 6  ? -1.044  -8.410  -5.136  1.00 92.09  ? 6   A   B "O2'" 1 
ATOM   333 C  "C1'" . A   B 1 6  ? -1.074  -7.483  -7.329  1.00 91.71  ? 6   A   B "C1'" 1 
ATOM   334 N  N9    . A   B 1 6  ? -1.515  -6.277  -8.052  1.00 91.29  ? 6   A   B N9    1 
ATOM   335 C  C8    . A   B 1 6  ? -2.258  -6.166  -9.201  1.00 90.49  ? 6   A   B C8    1 
ATOM   336 N  N7    . A   B 1 6  ? -2.448  -4.923  -9.581  1.00 90.35  ? 6   A   B N7    1 
ATOM   337 C  C5    . A   B 1 6  ? -1.781  -4.170  -8.623  1.00 89.44  ? 6   A   B C5    1 
ATOM   338 C  C6    . A   B 1 6  ? -1.598  -2.787  -8.444  1.00 86.39  ? 6   A   B C6    1 
ATOM   339 N  N6    . A   B 1 6  ? -2.088  -1.853  -9.260  1.00 81.52  ? 6   A   B N6    1 
ATOM   340 N  N1    . A   B 1 6  ? -0.873  -2.385  -7.378  1.00 88.47  ? 6   A   B N1    1 
ATOM   341 C  C2    . A   B 1 6  ? -0.374  -3.314  -6.554  1.00 90.80  ? 6   A   B C2    1 
ATOM   342 N  N3    . A   B 1 6  ? -0.477  -4.636  -6.612  1.00 91.87  ? 6   A   B N3    1 
ATOM   343 C  C4    . A   B 1 6  ? -1.197  -4.998  -7.683  1.00 89.65  ? 6   A   B C4    1 
ATOM   344 P  P     . G   B 1 7  ? -4.924  -8.800  -4.870  1.00 95.26  ? 7   G   B P     1 
ATOM   345 O  OP1   . G   B 1 7  ? -5.418  -9.798  -3.889  1.00 99.19  ? 7   G   B OP1   1 
ATOM   346 O  OP2   . G   B 1 7  ? -5.830  -8.287  -5.931  1.00 93.80  ? 7   G   B OP2   1 
ATOM   347 O  "O5'" . G   B 1 7  ? -4.393  -7.544  -4.047  1.00 91.36  ? 7   G   B "O5'" 1 
ATOM   348 C  "C5'" . G   B 1 7  ? -3.640  -7.720  -2.859  1.00 90.36  ? 7   G   B "C5'" 1 
ATOM   349 C  "C4'" . G   B 1 7  ? -3.054  -6.418  -2.381  1.00 87.82  ? 7   G   B "C4'" 1 
ATOM   350 O  "O4'" . G   B 1 7  ? -2.354  -5.749  -3.457  1.00 86.92  ? 7   G   B "O4'" 1 
ATOM   351 C  "C3'" . G   B 1 7  ? -4.056  -5.384  -1.910  1.00 86.95  ? 7   G   B "C3'" 1 
ATOM   352 O  "O3'" . G   B 1 7  ? -4.570  -5.665  -0.621  1.00 88.13  ? 7   G   B "O3'" 1 
ATOM   353 C  "C2'" . G   B 1 7  ? -3.252  -4.095  -2.005  1.00 85.76  ? 7   G   B "C2'" 1 
ATOM   354 O  "O2'" . G   B 1 7  ? -2.335  -3.992  -0.928  1.00 79.14  ? 7   G   B "O2'" 1 
ATOM   355 C  "C1'" . G   B 1 7  ? -2.449  -4.348  -3.283  1.00 86.25  ? 7   G   B "C1'" 1 
ATOM   356 N  N9    . G   B 1 7  ? -3.060  -3.733  -4.476  1.00 86.09  ? 7   G   B N9    1 
ATOM   357 C  C8    . G   B 1 7  ? -3.692  -4.318  -5.547  1.00 86.06  ? 7   G   B C8    1 
ATOM   358 N  N7    . G   B 1 7  ? -4.100  -3.445  -6.434  1.00 85.45  ? 7   G   B N7    1 
ATOM   359 C  C5    . G   B 1 7  ? -3.713  -2.212  -5.917  1.00 84.91  ? 7   G   B C5    1 
ATOM   360 C  C6    . G   B 1 7  ? -3.868  -0.887  -6.415  1.00 82.53  ? 7   G   B C6    1 
ATOM   361 O  O6    . G   B 1 7  ? -4.405  -0.498  -7.463  1.00 76.34  ? 7   G   B O6    1 
ATOM   362 N  N1    . G   B 1 7  ? -3.311  0.051   -5.546  1.00 80.57  ? 7   G   B N1    1 
ATOM   363 C  C2    . G   B 1 7  ? -2.689  -0.246  -4.356  1.00 84.09  ? 7   G   B C2    1 
ATOM   364 N  N2    . G   B 1 7  ? -2.205  0.765   -3.625  1.00 86.52  ? 7   G   B N2    1 
ATOM   365 N  N3    . G   B 1 7  ? -2.540  -1.467  -3.889  1.00 84.22  ? 7   G   B N3    1 
ATOM   366 C  C4    . G   B 1 7  ? -3.073  -2.387  -4.712  1.00 84.94  ? 7   G   B C4    1 
ATOM   367 P  P     . U   B 1 8  ? -6.120  -5.385  -0.310  1.00 90.08  ? 8   U   B P     1 
ATOM   368 O  OP1   . U   B 1 8  ? -6.501  -6.151  0.904   1.00 92.86  ? 8   U   B OP1   1 
ATOM   369 O  OP2   . U   B 1 8  ? -6.875  -5.582  -1.573  1.00 89.89  ? 8   U   B OP2   1 
ATOM   370 O  "O5'" . U   B 1 8  ? -6.161  -3.839  0.058   1.00 88.06  ? 8   U   B "O5'" 1 
ATOM   371 C  "C5'" . U   B 1 8  ? -5.364  -3.328  1.113   1.00 85.34  ? 8   U   B "C5'" 1 
ATOM   372 C  "C4'" . U   B 1 8  ? -5.166  -1.842  0.986   1.00 84.25  ? 8   U   B "C4'" 1 
ATOM   373 O  "O4'" . U   B 1 8  ? -4.520  -1.534  -0.273  1.00 83.45  ? 8   U   B "O4'" 1 
ATOM   374 C  "C3'" . U   B 1 8  ? -6.422  -0.993  0.957   1.00 76.32  ? 8   U   B "C3'" 1 
ATOM   375 O  "O3'" . U   B 1 8  ? -6.992  -0.783  2.234   1.00 82.05  ? 8   U   B "O3'" 1 
ATOM   376 C  "C2'" . U   B 1 8  ? -5.943  0.286   0.282   1.00 76.04  ? 8   U   B "C2'" 1 
ATOM   377 O  "O2'" . U   B 1 8  ? -5.245  1.106   1.205   1.00 76.24  ? 8   U   B "O2'" 1 
ATOM   378 C  "C1'" . U   B 1 8  ? -4.935  -0.263  -0.727  1.00 81.97  ? 8   U   B "C1'" 1 
ATOM   379 N  N1    . U   B 1 8  ? -5.523  -0.408  -2.076  1.00 81.34  ? 8   U   B N1    1 
ATOM   380 C  C2    . U   B 1 8  ? -5.682  0.738   -2.828  1.00 79.58  ? 8   U   B C2    1 
ATOM   381 O  O2    . U   B 1 8  ? -5.346  1.843   -2.438  1.00 80.64  ? 8   U   B O2    1 
ATOM   382 N  N3    . U   B 1 8  ? -6.224  0.542   -4.070  1.00 76.68  ? 8   U   B N3    1 
ATOM   383 C  C4    . U   B 1 8  ? -6.634  -0.653  -4.619  1.00 76.69  ? 8   U   B C4    1 
ATOM   384 O  O4    . U   B 1 8  ? -7.111  -0.665  -5.755  1.00 75.82  ? 8   U   B O4    1 
ATOM   385 C  C5    . U   B 1 8  ? -6.449  -1.791  -3.774  1.00 80.05  ? 8   U   B C5    1 
ATOM   386 C  C6    . U   B 1 8  ? -5.917  -1.633  -2.558  1.00 81.86  ? 8   U   B C6    1 
HETATM 387 O  O3P   . CBV B 1 9  ? -8.383  -0.770  3.862   1.00 82.67  ? 9   CBV B O3P   1 
HETATM 388 P  P     . CBV B 1 9  ? -8.582  -0.609  2.374   1.00 75.45  ? 9   CBV B P     1 
HETATM 389 O  O1P   . CBV B 1 9  ? -8.770  -1.661  1.305   1.00 82.84  ? 9   CBV B O1P   1 
HETATM 390 O  O2P   . CBV B 1 9  ? -10.064 -0.702  2.621   1.00 81.93  ? 9   CBV B O2P   1 
HETATM 391 O  "O5'" . CBV B 1 9  ? -8.701  0.895   1.860   1.00 74.85  ? 9   CBV B "O5'" 1 
HETATM 392 C  "C5'" . CBV B 1 9  ? -8.156  1.961   2.620   1.00 74.86  ? 9   CBV B "C5'" 1 
HETATM 393 C  "C4'" . CBV B 1 9  ? -8.264  3.279   1.895   1.00 76.24  ? 9   CBV B "C4'" 1 
HETATM 394 O  "O4'" . CBV B 1 9  ? -7.586  3.201   0.617   1.00 74.46  ? 9   CBV B "O4'" 1 
HETATM 395 C  "C3'" . CBV B 1 9  ? -9.663  3.742   1.532   1.00 73.55  ? 9   CBV B "C3'" 1 
HETATM 396 O  "O3'" . CBV B 1 9  ? -10.360 4.313   2.620   1.00 73.29  ? 9   CBV B "O3'" 1 
HETATM 397 C  "C2'" . CBV B 1 9  ? -9.402  4.712   0.391   1.00 73.21  ? 9   CBV B "C2'" 1 
HETATM 398 O  "O2'" . CBV B 1 9  ? -8.932  5.956   0.889   1.00 76.18  ? 9   CBV B "O2'" 1 
HETATM 399 C  "C1'" . CBV B 1 9  ? -8.246  4.019   -0.328  1.00 73.80  ? 9   CBV B "C1'" 1 
HETATM 400 N  N1    . CBV B 1 9  ? -8.708  3.167   -1.444  1.00 74.64  ? 9   CBV B N1    1 
HETATM 401 C  C2    . CBV B 1 9  ? -8.971  3.769   -2.775  1.00 73.22  ? 9   CBV B C2    1 
HETATM 402 O  O2    . CBV B 1 9  ? -8.825  4.931   -2.939  1.00 72.93  ? 9   CBV B O2    1 
HETATM 403 N  N3    . CBV B 1 9  ? -9.425  2.915   -3.899  1.00 73.16  ? 9   CBV B N3    1 
HETATM 404 C  C4    . CBV B 1 9  ? -9.610  1.493   -3.714  1.00 73.57  ? 9   CBV B C4    1 
HETATM 405 N  N4    . CBV B 1 9  ? -10.052 0.665   -4.817  1.00 73.56  ? 9   CBV B N4    1 
HETATM 406 C  C5    . CBV B 1 9  ? -9.344  0.882   -2.384  1.00 77.27  ? 9   CBV B C5    1 
HETATM 407 C  C6    . CBV B 1 9  ? -8.888  1.737   -1.250  1.00 76.72  ? 9   CBV B C6    1 
HETATM 408 BR BR    . CBV B 1 9  ? -9.605  -1.024  -2.139  1.00 78.34  ? 9   CBV B BR    1 
ATOM   409 P  P     . C   B 1 10 ? -11.962 4.299   2.621   1.00 82.09  ? 10  C   B P     1 
ATOM   410 O  OP1   . C   B 1 10 ? -12.422 4.882   3.905   1.00 86.81  ? 10  C   B OP1   1 
ATOM   411 O  OP2   . C   B 1 10 ? -12.403 2.931   2.245   1.00 82.41  ? 10  C   B OP2   1 
ATOM   412 O  "O5'" . C   B 1 10 ? -12.341 5.282   1.424   1.00 78.53  ? 10  C   B "O5'" 1 
ATOM   413 C  "C5'" . C   B 1 10 ? -12.231 6.690   1.583   1.00 77.99  ? 10  C   B "C5'" 1 
ATOM   414 C  "C4'" . C   B 1 10 ? -12.518 7.433   0.300   1.00 77.95  ? 10  C   B "C4'" 1 
ATOM   415 O  "O4'" . C   B 1 10 ? -11.693 6.930   -0.785  1.00 78.08  ? 10  C   B "O4'" 1 
ATOM   416 C  "C3'" . C   B 1 10 ? -13.932 7.329   -0.243  1.00 80.00  ? 10  C   B "C3'" 1 
ATOM   417 O  "O3'" . C   B 1 10 ? -14.852 8.157   0.445   1.00 80.28  ? 10  C   B "O3'" 1 
ATOM   418 C  "C2'" . C   B 1 10 ? -13.742 7.714   -1.704  1.00 81.57  ? 10  C   B "C2'" 1 
ATOM   419 O  "O2'" . C   B 1 10 ? -13.603 9.120   -1.834  1.00 85.83  ? 10  C   B "O2'" 1 
ATOM   420 C  "C1'" . C   B 1 10 ? -12.391 7.057   -2.010  1.00 77.87  ? 10  C   B "C1'" 1 
ATOM   421 N  N1    . C   B 1 10 ? -12.553 5.714   -2.611  1.00 74.20  ? 10  C   B N1    1 
ATOM   422 C  C2    . C   B 1 10 ? -12.853 5.618   -3.974  1.00 70.93  ? 10  C   B C2    1 
ATOM   423 O  O2    . C   B 1 10 ? -12.961 6.661   -4.634  1.00 70.50  ? 10  C   B O2    1 
ATOM   424 N  N3    . C   B 1 10 ? -13.010 4.395   -4.529  1.00 71.61  ? 10  C   B N3    1 
ATOM   425 C  C4    . C   B 1 10 ? -12.880 3.301   -3.776  1.00 71.67  ? 10  C   B C4    1 
ATOM   426 N  N4    . C   B 1 10 ? -13.042 2.110   -4.357  1.00 71.94  ? 10  C   B N4    1 
ATOM   427 C  C5    . C   B 1 10 ? -12.579 3.371   -2.386  1.00 71.94  ? 10  C   B C5    1 
ATOM   428 C  C6    . C   B 1 10 ? -12.425 4.586   -1.850  1.00 72.55  ? 10  C   B C6    1 
ATOM   429 O  "O5'" . G   C 1 1  ? 8.945   9.643   7.079   1.00 79.02  ? 1   G   C "O5'" 1 
ATOM   430 C  "C5'" . G   C 1 1  ? 9.143   10.911  6.472   1.00 76.40  ? 1   G   C "C5'" 1 
ATOM   431 C  "C4'" . G   C 1 1  ? 8.961   10.844  4.977   1.00 71.61  ? 1   G   C "C4'" 1 
ATOM   432 O  "O4'" . G   C 1 1  ? 10.181  10.364  4.346   1.00 69.19  ? 1   G   C "O4'" 1 
ATOM   433 C  "C3'" . G   C 1 1  ? 7.882   9.891   4.479   1.00 70.90  ? 1   G   C "C3'" 1 
ATOM   434 O  "O3'" . G   C 1 1  ? 6.585   10.457  4.530   1.00 78.31  ? 1   G   C "O3'" 1 
ATOM   435 C  "C2'" . G   C 1 1  ? 8.351   9.569   3.071   1.00 67.74  ? 1   G   C "C2'" 1 
ATOM   436 O  "O2'" . G   C 1 1  ? 8.075   10.655  2.200   1.00 65.17  ? 1   G   C "O2'" 1 
ATOM   437 C  "C1'" . G   C 1 1  ? 9.861   9.495   3.279   1.00 67.14  ? 1   G   C "C1'" 1 
ATOM   438 N  N9    . G   C 1 1  ? 10.313  8.137   3.633   1.00 63.47  ? 1   G   C N9    1 
ATOM   439 C  C8    . G   C 1 1  ? 10.836  7.732   4.837   1.00 64.78  ? 1   G   C C8    1 
ATOM   440 N  N7    . G   C 1 1  ? 11.156  6.467   4.859   1.00 63.80  ? 1   G   C N7    1 
ATOM   441 C  C5    . G   C 1 1  ? 10.824  6.008   3.593   1.00 61.73  ? 1   G   C C5    1 
ATOM   442 C  C6    . G   C 1 1  ? 10.943  4.716   3.026   1.00 59.97  ? 1   G   C C6    1 
ATOM   443 O  O6    . G   C 1 1  ? 11.381  3.685   3.546   1.00 66.17  ? 1   G   C O6    1 
ATOM   444 N  N1    . G   C 1 1  ? 10.494  4.691   1.710   1.00 59.69  ? 1   G   C N1    1 
ATOM   445 C  C2    . G   C 1 1  ? 9.991   5.770   1.028   1.00 61.47  ? 1   G   C C2    1 
ATOM   446 N  N2    . G   C 1 1  ? 9.600   5.569   -0.238  1.00 60.82  ? 1   G   C N2    1 
ATOM   447 N  N3    . G   C 1 1  ? 9.874   6.980   1.548   1.00 63.10  ? 1   G   C N3    1 
ATOM   448 C  C4    . G   C 1 1  ? 10.308  7.027   2.823   1.00 63.92  ? 1   G   C C4    1 
ATOM   449 P  P     . G   C 1 2  ? 5.311   9.533   4.846   1.00 73.36  ? 2   G   C P     1 
ATOM   450 O  OP1   . G   C 1 2  ? 4.162   10.428  5.122   1.00 79.91  ? 2   G   C OP1   1 
ATOM   451 O  OP2   . G   C 1 2  ? 5.706   8.517   5.851   1.00 74.13  ? 2   G   C OP2   1 
ATOM   452 O  "O5'" . G   C 1 2  ? 5.038   8.764   3.481   1.00 70.86  ? 2   G   C "O5'" 1 
ATOM   453 C  "C5'" . G   C 1 2  ? 4.631   9.466   2.316   1.00 71.62  ? 2   G   C "C5'" 1 
ATOM   454 C  "C4'" . G   C 1 2  ? 4.629   8.563   1.108   1.00 74.07  ? 2   G   C "C4'" 1 
ATOM   455 O  "O4'" . G   C 1 2  ? 5.965   8.054   0.849   1.00 71.19  ? 2   G   C "O4'" 1 
ATOM   456 C  "C3'" . G   C 1 2  ? 3.772   7.312   1.233   1.00 79.00  ? 2   G   C "C3'" 1 
ATOM   457 O  "O3'" . G   C 1 2  ? 2.399   7.543   0.977   1.00 86.87  ? 2   G   C "O3'" 1 
ATOM   458 C  "C2'" . G   C 1 2  ? 4.413   6.378   0.220   1.00 70.85  ? 2   G   C "C2'" 1 
ATOM   459 O  "O2'" . G   C 1 2  ? 4.044   6.745   -1.099  1.00 65.83  ? 2   G   C "O2'" 1 
ATOM   460 C  "C1'" . G   C 1 2  ? 5.888   6.716   0.404   1.00 68.85  ? 2   G   C "C1'" 1 
ATOM   461 N  N9    . G   C 1 2  ? 6.554   5.829   1.374   1.00 67.91  ? 2   G   C N9    1 
ATOM   462 C  C8    . G   C 1 2  ? 7.095   6.144   2.598   1.00 68.17  ? 2   G   C C8    1 
ATOM   463 N  N7    . G   C 1 2  ? 7.632   5.112   3.193   1.00 68.33  ? 2   G   C N7    1 
ATOM   464 C  C5    . G   C 1 2  ? 7.440   4.060   2.305   1.00 66.56  ? 2   G   C C5    1 
ATOM   465 C  C6    . G   C 1 2  ? 7.804   2.690   2.388   1.00 62.22  ? 2   G   C C6    1 
ATOM   466 O  O6    . G   C 1 2  ? 8.394   2.089   3.290   1.00 62.76  ? 2   G   C O6    1 
ATOM   467 N  N1    . G   C 1 2  ? 7.409   1.989   1.260   1.00 60.47  ? 2   G   C N1    1 
ATOM   468 C  C2    . G   C 1 2  ? 6.754   2.519   0.185   1.00 61.77  ? 2   G   C C2    1 
ATOM   469 N  N2    . G   C 1 2  ? 6.465   1.667   -0.807  1.00 59.60  ? 2   G   C N2    1 
ATOM   470 N  N3    . G   C 1 2  ? 6.411   3.788   0.091   1.00 60.54  ? 2   G   C N3    1 
ATOM   471 C  C4    . G   C 1 2  ? 6.788   4.493   1.176   1.00 62.23  ? 2   G   C C4    1 
HETATM 472 C  C2    . 6MZ C 1 3  ? 5.088   -1.209  2.812   1.00 69.07  ? 3   6MZ C C2    1 
HETATM 473 C  C4    . 6MZ C 1 3  ? 4.221   0.878   2.234   1.00 68.79  ? 3   6MZ C C4    1 
HETATM 474 C  C5    . 6MZ C 1 3  ? 4.762   1.425   3.329   1.00 69.92  ? 3   6MZ C C5    1 
HETATM 475 O  O1P   . 6MZ C 1 3  ? 2.126   7.138   3.104   1.00 93.37  ? 3   6MZ C O1P   1 
HETATM 476 O  O2P   . 6MZ C 1 3  ? 0.168   6.448   2.815   1.00 96.98  ? 3   6MZ C O2P   1 
HETATM 477 N  N9    . 6MZ C 1 3  ? 3.573   1.841   1.552   1.00 70.60  ? 3   6MZ C N9    1 
HETATM 478 N  N3    . 6MZ C 1 3  ? 4.378   -0.435  1.970   1.00 68.62  ? 3   6MZ C N3    1 
HETATM 479 N  N1    . 6MZ C 1 3  ? 5.639   -0.659  3.923   1.00 70.63  ? 3   6MZ C N1    1 
HETATM 480 C  C6    . 6MZ C 1 3  ? 5.499   0.627   4.192   1.00 71.27  ? 3   6MZ C C6    1 
HETATM 481 N  N6    . 6MZ C 1 3  ? 6.141   1.070   5.421   1.00 71.81  ? 3   6MZ C N6    1 
HETATM 482 C  C9    . 6MZ C 1 3  ? 6.142   2.483   6.090   1.00 73.33  ? 3   6MZ C C9    1 
HETATM 483 N  N7    . 6MZ C 1 3  ? 4.441   2.734   3.322   1.00 70.71  ? 3   6MZ C N7    1 
HETATM 484 C  C8    . 6MZ C 1 3  ? 3.704   2.990   2.229   1.00 70.21  ? 3   6MZ C C8    1 
HETATM 485 O  "O5'" . 6MZ C 1 3  ? 1.389   5.330   1.351   1.00 86.93  ? 3   6MZ C "O5'" 1 
HETATM 486 C  "C5'" . 6MZ C 1 3  ? 0.996   4.981   0.036   1.00 83.56  ? 3   6MZ C "C5'" 1 
HETATM 487 C  "C4'" . 6MZ C 1 3  ? 1.220   3.513   -0.224  1.00 79.95  ? 3   6MZ C "C4'" 1 
HETATM 488 O  "O4'" . 6MZ C 1 3  ? 2.632   3.199   -0.132  1.00 77.97  ? 3   6MZ C "O4'" 1 
HETATM 489 C  "C1'" . 6MZ C 1 3  ? 2.789   1.860   0.306   1.00 75.14  ? 3   6MZ C "C1'" 1 
HETATM 490 C  "C2'" . 6MZ C 1 3  ? 1.390   1.283   0.524   1.00 78.04  ? 3   6MZ C "C2'" 1 
HETATM 491 O  "O2'" . 6MZ C 1 3  ? 0.976   0.654   -0.680  1.00 76.96  ? 3   6MZ C "O2'" 1 
HETATM 492 C  "C3'" . 6MZ C 1 3  ? 0.591   2.552   0.768   1.00 81.66  ? 3   6MZ C "C3'" 1 
HETATM 493 O  "O3'" . 6MZ C 1 3  ? -0.805  2.394   0.615   1.00 84.91  ? 3   6MZ C "O3'" 1 
HETATM 494 P  P     . 6MZ C 1 3  ? 1.282   6.827   1.882   1.00 90.43  ? 3   6MZ C P     1 
HETATM 495 O  O3P   . 6MZ C 1 3  ? 0.300   7.696   1.122   1.00 93.40  ? 3   6MZ C O3P   1 
ATOM   496 P  P     . C   C 1 4  ? -1.709  2.109   1.915   1.00 86.43  ? 4   C   C P     1 
ATOM   497 O  OP1   . C   C 1 4  ? -3.134  2.152   1.501   1.00 91.11  ? 4   C   C OP1   1 
ATOM   498 O  OP2   . C   C 1 4  ? -1.223  2.988   3.007   1.00 91.26  ? 4   C   C OP2   1 
ATOM   499 O  "O5'" . C   C 1 4  ? -1.336  0.613   2.312   1.00 81.34  ? 4   C   C "O5'" 1 
ATOM   500 C  "C5'" . C   C 1 4  ? -1.755  -0.463  1.495   1.00 83.22  ? 4   C   C "C5'" 1 
ATOM   501 C  "C4'" . C   C 1 4  ? -1.055  -1.753  1.842   1.00 84.50  ? 4   C   C "C4'" 1 
ATOM   502 O  "O4'" . C   C 1 4  ? 0.384   -1.554  1.892   1.00 81.82  ? 4   C   C "O4'" 1 
ATOM   503 C  "C3'" . C   C 1 4  ? -1.373  -2.365  3.193   1.00 85.02  ? 4   C   C "C3'" 1 
ATOM   504 O  "O3'" . C   C 1 4  ? -2.617  -3.033  3.234   1.00 83.72  ? 4   C   C "O3'" 1 
ATOM   505 C  "C2'" . C   C 1 4  ? -0.180  -3.286  3.411   1.00 82.48  ? 4   C   C "C2'" 1 
ATOM   506 O  "O2'" . C   C 1 4  ? -0.290  -4.452  2.608   1.00 77.88  ? 4   C   C "O2'" 1 
ATOM   507 C  "C1'" . C   C 1 4  ? 0.952   -2.432  2.849   1.00 82.94  ? 4   C   C "C1'" 1 
ATOM   508 N  N1    . C   C 1 4  ? 1.626   -1.651  3.914   1.00 87.04  ? 4   C   C N1    1 
ATOM   509 C  C2    . C   C 1 4  ? 2.499   -2.346  4.764   1.00 88.69  ? 4   C   C C2    1 
ATOM   510 O  O2    . C   C 1 4  ? 2.660   -3.558  4.550   1.00 89.34  ? 4   C   C O2    1 
ATOM   511 N  N3    . C   C 1 4  ? 3.142   -1.691  5.762   1.00 88.12  ? 4   C   C N3    1 
ATOM   512 C  C4    . C   C 1 4  ? 2.919   -0.383  5.925   1.00 86.48  ? 4   C   C C4    1 
ATOM   513 N  N4    . C   C 1 4  ? 3.561   0.245   6.915   1.00 84.03  ? 4   C   C N4    1 
ATOM   514 C  C5    . C   C 1 4  ? 2.029   0.347   5.081   1.00 87.51  ? 4   C   C C5    1 
ATOM   515 C  C6    . C   C 1 4  ? 1.404   -0.315  4.097   1.00 86.77  ? 4   C   C C6    1 
ATOM   516 P  P     . U   C 1 5  ? -3.397  -3.156  4.632   1.00 80.03  ? 5   U   C P     1 
ATOM   517 O  OP1   . U   C 1 5  ? -4.765  -3.662  4.356   1.00 88.08  ? 5   U   C OP1   1 
ATOM   518 O  OP2   . U   C 1 5  ? -3.186  -1.897  5.394   1.00 81.57  ? 5   U   C OP2   1 
ATOM   519 O  "O5'" . U   C 1 5  ? -2.595  -4.294  5.394   1.00 79.68  ? 5   U   C "O5'" 1 
ATOM   520 C  "C5'" . U   C 1 5  ? -2.545  -5.604  4.864   1.00 82.25  ? 5   U   C "C5'" 1 
ATOM   521 C  "C4'" . U   C 1 5  ? -1.632  -6.484  5.672   1.00 82.57  ? 5   U   C "C4'" 1 
ATOM   522 O  "O4'" . U   C 1 5  ? -0.271  -5.975  5.630   1.00 75.99  ? 5   U   C "O4'" 1 
ATOM   523 C  "C3'" . U   C 1 5  ? -1.930  -6.566  7.154   1.00 80.89  ? 5   U   C "C3'" 1 
ATOM   524 O  "O3'" . U   C 1 5  ? -3.032  -7.405  7.446   1.00 88.04  ? 5   U   C "O3'" 1 
ATOM   525 C  "C2'" . U   C 1 5  ? -0.603  -7.045  7.722   1.00 79.75  ? 5   U   C "C2'" 1 
ATOM   526 O  "O2'" . U   C 1 5  ? -0.424  -8.430  7.477   1.00 78.55  ? 5   U   C "O2'" 1 
ATOM   527 C  "C1'" . U   C 1 5  ? 0.383   -6.267  6.850   1.00 77.07  ? 5   U   C "C1'" 1 
ATOM   528 N  N1    . U   C 1 5  ? 0.802   -4.999  7.493   1.00 78.07  ? 5   U   C N1    1 
ATOM   529 C  C2    . U   C 1 5  ? 1.755   -5.085  8.488   1.00 78.43  ? 5   U   C C2    1 
ATOM   530 O  O2    . U   C 1 5  ? 2.256   -6.140  8.828   1.00 77.91  ? 5   U   C O2    1 
ATOM   531 N  N3    . U   C 1 5  ? 2.115   -3.894  9.068   1.00 84.55  ? 5   U   C N3    1 
ATOM   532 C  C4    . U   C 1 5  ? 1.618   -2.645  8.763   1.00 80.10  ? 5   U   C C4    1 
ATOM   533 O  O4    . U   C 1 5  ? 2.033   -1.653  9.368   1.00 81.02  ? 5   U   C O4    1 
ATOM   534 C  C5    . U   C 1 5  ? 0.630   -2.642  7.727   1.00 79.68  ? 5   U   C C5    1 
ATOM   535 C  C6    . U   C 1 5  ? 0.261   -3.786  7.141   1.00 78.71  ? 5   U   C C6    1 
ATOM   536 P  P     . A   C 1 6  ? -3.909  -7.143  8.764   1.00 63.35  ? 6   A   C P     1 
ATOM   537 O  OP1   . A   C 1 6  ? -5.094  -8.036  8.713   1.00 70.71  ? 6   A   C OP1   1 
ATOM   538 O  OP2   . A   C 1 6  ? -4.081  -5.674  8.920   1.00 58.64  ? 6   A   C OP2   1 
ATOM   539 O  "O5'" . A   C 1 6  ? -2.943  -7.642  9.921   1.00 62.75  ? 6   A   C "O5'" 1 
ATOM   540 C  "C5'" . A   C 1 6  ? -2.550  -9.003  9.974   1.00 64.93  ? 6   A   C "C5'" 1 
ATOM   541 C  "C4'" . A   C 1 6  ? -1.574  -9.247  11.093  1.00 62.06  ? 6   A   C "C4'" 1 
ATOM   542 O  "O4'" . A   C 1 6  ? -0.315  -8.582  10.799  1.00 59.79  ? 6   A   C "O4'" 1 
ATOM   543 C  "C3'" . A   C 1 6  ? -1.976  -8.692  12.446  1.00 61.33  ? 6   A   C "C3'" 1 
ATOM   544 O  "O3'" . A   C 1 6  ? -2.887  -9.537  13.124  1.00 64.07  ? 6   A   C "O3'" 1 
ATOM   545 C  "C2'" . A   C 1 6  ? -0.635  -8.531  13.144  1.00 57.52  ? 6   A   C "C2'" 1 
ATOM   546 O  "O2'" . A   C 1 6  ? -0.141  -9.789  13.581  1.00 57.36  ? 6   A   C "O2'" 1 
ATOM   547 C  "C1'" . A   C 1 6  ? 0.238   -8.058  11.988  1.00 56.96  ? 6   A   C "C1'" 1 
ATOM   548 N  N9    . A   C 1 6  ? 0.294   -6.587  11.879  1.00 50.74  ? 6   A   C N9    1 
ATOM   549 C  C8    . A   C 1 6  ? -0.334  -5.777  10.965  1.00 51.86  ? 6   A   C C8    1 
ATOM   550 N  N7    . A   C 1 6  ? -0.064  -4.503  11.118  1.00 51.65  ? 6   A   C N7    1 
ATOM   551 C  C5    . A   C 1 6  ? 0.810   -4.474  12.197  1.00 49.48  ? 6   A   C C5    1 
ATOM   552 C  C6    . A   C 1 6  ? 1.466   -3.425  12.864  1.00 47.25  ? 6   A   C C6    1 
ATOM   553 N  N6    . A   C 1 6  ? 1.344   -2.141  12.531  1.00 47.15  ? 6   A   C N6    1 
ATOM   554 N  N1    . A   C 1 6  ? 2.265   -3.739  13.906  1.00 45.61  ? 6   A   C N1    1 
ATOM   555 C  C2    . A   C 1 6  ? 2.393   -5.024  14.248  1.00 45.72  ? 6   A   C C2    1 
ATOM   556 N  N3    . A   C 1 6  ? 1.831   -6.096  13.700  1.00 54.44  ? 6   A   C N3    1 
ATOM   557 C  C4    . A   C 1 6  ? 1.046   -5.751  12.666  1.00 48.86  ? 6   A   C C4    1 
ATOM   558 P  P     . G   C 1 7  ? -3.888  -8.931  14.224  1.00 65.61  ? 7   G   C P     1 
ATOM   559 O  OP1   . G   C 1 7  ? -4.765  -10.032 14.697  1.00 68.55  ? 7   G   C OP1   1 
ATOM   560 O  OP2   . G   C 1 7  ? -4.487  -7.692  13.663  1.00 65.96  ? 7   G   C OP2   1 
ATOM   561 O  "O5'" . G   C 1 7  ? -2.929  -8.500  15.417  1.00 60.46  ? 7   G   C "O5'" 1 
ATOM   562 C  "C5'" . G   C 1 7  ? -2.321  -9.475  16.250  1.00 53.75  ? 7   G   C "C5'" 1 
ATOM   563 C  "C4'" . G   C 1 7  ? -1.254  -8.862  17.119  1.00 54.43  ? 7   G   C "C4'" 1 
ATOM   564 O  "O4'" . G   C 1 7  ? -0.345  -8.062  16.320  1.00 52.88  ? 7   G   C "O4'" 1 
ATOM   565 C  "C3'" . G   C 1 7  ? -1.746  -7.891  18.174  1.00 56.12  ? 7   G   C "C3'" 1 
ATOM   566 O  "O3'" . G   C 1 7  ? -2.306  -8.527  19.305  1.00 58.59  ? 7   G   C "O3'" 1 
ATOM   567 C  "C2'" . G   C 1 7  ? -0.494  -7.085  18.481  1.00 54.77  ? 7   G   C "C2'" 1 
ATOM   568 O  "O2'" . G   C 1 7  ? 0.391   -7.826  19.306  1.00 54.87  ? 7   G   C "O2'" 1 
ATOM   569 C  "C1'" . G   C 1 7  ? 0.124   -6.971  17.087  1.00 52.27  ? 7   G   C "C1'" 1 
ATOM   570 N  N9    . G   C 1 7  ? -0.249  -5.716  16.412  1.00 53.83  ? 7   G   C N9    1 
ATOM   571 C  C8    . G   C 1 7  ? -1.053  -5.546  15.310  1.00 56.03  ? 7   G   C C8    1 
ATOM   572 N  N7    . G   C 1 7  ? -1.165  -4.293  14.949  1.00 55.13  ? 7   G   C N7    1 
ATOM   573 C  C5    . G   C 1 7  ? -0.381  -3.600  15.866  1.00 53.37  ? 7   G   C C5    1 
ATOM   574 C  C6    . G   C 1 7  ? -0.106  -2.212  15.994  1.00 52.52  ? 7   G   C C6    1 
ATOM   575 O  O6    . G   C 1 7  ? -0.516  -1.275  15.300  1.00 55.03  ? 7   G   C O6    1 
ATOM   576 N  N1    . G   C 1 7  ? 0.739   -1.954  17.068  1.00 49.08  ? 7   G   C N1    1 
ATOM   577 C  C2    . G   C 1 7  ? 1.257   -2.906  17.910  1.00 49.80  ? 7   G   C C2    1 
ATOM   578 N  N2    . G   C 1 7  ? 2.058   -2.485  18.897  1.00 51.75  ? 7   G   C N2    1 
ATOM   579 N  N3    . G   C 1 7  ? 1.010   -4.196  17.800  1.00 50.34  ? 7   G   C N3    1 
ATOM   580 C  C4    . G   C 1 7  ? 0.195   -4.468  16.765  1.00 52.36  ? 7   G   C C4    1 
ATOM   581 P  P     . U   C 1 8  ? -3.579  -7.874  20.026  1.00 62.21  ? 8   U   C P     1 
ATOM   582 O  OP1   . U   C 1 8  ? -4.204  -8.907  20.890  1.00 66.73  ? 8   U   C OP1   1 
ATOM   583 O  OP2   . U   C 1 8  ? -4.382  -7.181  18.983  1.00 60.60  ? 8   U   C OP2   1 
ATOM   584 O  "O5'" . U   C 1 8  ? -2.946  -6.759  20.968  1.00 58.79  ? 8   U   C "O5'" 1 
ATOM   585 C  "C5'" . U   C 1 8  ? -1.928  -7.085  21.901  1.00 54.22  ? 8   U   C "C5'" 1 
ATOM   586 C  "C4'" . U   C 1 8  ? -1.174  -5.855  22.336  1.00 51.02  ? 8   U   C "C4'" 1 
ATOM   587 O  "O4'" . U   C 1 8  ? -0.578  -5.195  21.191  1.00 49.67  ? 8   U   C "O4'" 1 
ATOM   588 C  "C3'" . U   C 1 8  ? -2.014  -4.769  22.980  1.00 54.45  ? 8   U   C "C3'" 1 
ATOM   589 O  "O3'" . U   C 1 8  ? -2.319  -5.047  24.333  1.00 56.46  ? 8   U   C "O3'" 1 
ATOM   590 C  "C2'" . U   C 1 8  ? -1.162  -3.525  22.783  1.00 52.16  ? 8   U   C "C2'" 1 
ATOM   591 O  "O2'" . U   C 1 8  ? -0.121  -3.471  23.746  1.00 52.53  ? 8   U   C "O2'" 1 
ATOM   592 C  "C1'" . U   C 1 8  ? -0.530  -3.801  21.418  1.00 48.89  ? 8   U   C "C1'" 1 
ATOM   593 N  N1    . U   C 1 8  ? -1.224  -3.113  20.307  1.00 50.44  ? 8   U   C N1    1 
ATOM   594 C  C2    . U   C 1 8  ? -1.083  -1.742  20.198  1.00 52.52  ? 8   U   C C2    1 
ATOM   595 O  O2    . U   C 1 8  ? -0.449  -1.068  20.992  1.00 57.37  ? 8   U   C O2    1 
ATOM   596 N  N3    . U   C 1 8  ? -1.741  -1.175  19.137  1.00 51.06  ? 8   U   C N3    1 
ATOM   597 C  C4    . U   C 1 8  ? -2.493  -1.824  18.180  1.00 53.68  ? 8   U   C C4    1 
ATOM   598 O  O4    . U   C 1 8  ? -3.018  -1.171  17.276  1.00 51.15  ? 8   U   C O4    1 
ATOM   599 C  C5    . U   C 1 8  ? -2.573  -3.243  18.350  1.00 53.32  ? 8   U   C C5    1 
ATOM   600 C  C6    . U   C 1 8  ? -1.946  -3.824  19.379  1.00 51.44  ? 8   U   C C6    1 
HETATM 601 O  O3P   . CBV C 1 9  ? -4.383  -4.834  23.633  1.00 61.42  ? 9   CBV C O3P   1 
HETATM 602 P  P     . CBV C 1 9  ? -3.718  -4.571  24.964  1.00 49.90  ? 9   CBV C P     1 
HETATM 603 O  O1P   . CBV C 1 9  ? -3.403  -5.514  26.101  1.00 63.06  ? 9   CBV C O1P   1 
HETATM 604 O  O2P   . CBV C 1 9  ? -5.096  -4.424  25.556  1.00 64.42  ? 9   CBV C O2P   1 
HETATM 605 O  "O5'" . CBV C 1 9  ? -3.401  -3.038  25.243  1.00 48.74  ? 9   CBV C "O5'" 1 
HETATM 606 C  "C5'" . CBV C 1 9  ? -2.454  -2.662  26.228  1.00 48.80  ? 9   CBV C "C5'" 1 
HETATM 607 C  "C4'" . CBV C 1 9  ? -2.318  -1.163  26.317  1.00 48.66  ? 9   CBV C "C4'" 1 
HETATM 608 O  "O4'" . CBV C 1 9  ? -1.690  -0.641  25.120  1.00 50.90  ? 9   CBV C "O4'" 1 
HETATM 609 C  "C3'" . CBV C 1 9  ? -3.620  -0.391  26.398  1.00 52.55  ? 9   CBV C "C3'" 1 
HETATM 610 O  "O3'" . CBV C 1 9  ? -4.206  -0.398  27.680  1.00 55.78  ? 9   CBV C "O3'" 1 
HETATM 611 C  "C2'" . CBV C 1 9  ? -3.209  0.992   25.927  1.00 52.84  ? 9   CBV C "C2'" 1 
HETATM 612 O  "O2'" . CBV C 1 9  ? -2.509  1.682   26.953  1.00 52.58  ? 9   CBV C "O2'" 1 
HETATM 613 C  "C1'" . CBV C 1 9  ? -2.222  0.636   24.821  1.00 53.04  ? 9   CBV C "C1'" 1 
HETATM 614 N  N1    . CBV C 1 9  ? -2.893  0.560   23.509  1.00 57.36  ? 9   CBV C N1    1 
HETATM 615 C  C2    . CBV C 1 9  ? -3.119  1.795   22.726  1.00 59.04  ? 9   CBV C C2    1 
HETATM 616 O  O2    . CBV C 1 9  ? -2.760  2.838   23.152  1.00 59.92  ? 9   CBV C O2    1 
HETATM 617 N  N3    . CBV C 1 9  ? -3.795  1.715   21.409  1.00 59.63  ? 9   CBV C N3    1 
HETATM 618 C  C4    . CBV C 1 9  ? -4.237  0.445   20.880  1.00 57.80  ? 9   CBV C C4    1 
HETATM 619 N  N4    . CBV C 1 9  ? -4.894  0.385   19.588  1.00 58.14  ? 9   CBV C N4    1 
HETATM 620 C  C5    . CBV C 1 9  ? -4.011  -0.795  21.670  1.00 58.36  ? 9   CBV C C5    1 
HETATM 621 C  C6    . CBV C 1 9  ? -3.334  -0.721  22.993  1.00 59.20  ? 9   CBV C C6    1 
HETATM 622 BR BR    . CBV C 1 9  ? -4.614  -2.502  20.988  1.00 65.31  ? 9   CBV C BR    1 
ATOM   623 P  P     . C   C 1 10 ? -5.795  -0.239  27.802  1.00 50.42  ? 10  C   C P     1 
ATOM   624 O  OP1   . C   C 1 10 ? -6.166  -0.285  29.239  1.00 50.42  ? 10  C   C OP1   1 
ATOM   625 O  OP2   . C   C 1 10 ? -6.402  -1.204  26.851  1.00 52.07  ? 10  C   C OP2   1 
ATOM   626 O  "O5'" . C   C 1 10 ? -6.057  1.227   27.240  1.00 50.61  ? 10  C   C "O5'" 1 
ATOM   627 C  "C5'" . C   C 1 10 ? -5.734  2.371   28.012  1.00 52.59  ? 10  C   C "C5'" 1 
ATOM   628 C  "C4'" . C   C 1 10 ? -5.958  3.644   27.234  1.00 54.28  ? 10  C   C "C4'" 1 
ATOM   629 O  "O4'" . C   C 1 10 ? -5.286  3.577   25.947  1.00 54.28  ? 10  C   C "O4'" 1 
ATOM   630 C  "C3'" . C   C 1 10 ? -7.398  3.959   26.870  1.00 59.51  ? 10  C   C "C3'" 1 
ATOM   631 O  "O3'" . C   C 1 10 ? -8.143  4.491   27.954  1.00 58.03  ? 10  C   C "O3'" 1 
ATOM   632 C  "C2'" . C   C 1 10 ? -7.231  4.925   25.705  1.00 61.86  ? 10  C   C "C2'" 1 
ATOM   633 O  "O2'" . C   C 1 10 ? -6.872  6.219   26.166  1.00 67.94  ? 10  C   C "O2'" 1 
ATOM   634 C  "C1'" . C   C 1 10 ? -6.020  4.317   24.990  1.00 58.31  ? 10  C   C "C1'" 1 
ATOM   635 N  N1    . C   C 1 10 ? -6.420  3.428   23.874  1.00 57.94  ? 10  C   C N1    1 
ATOM   636 C  C2    . C   C 1 10 ? -6.827  4.034   22.684  1.00 55.94  ? 10  C   C C2    1 
ATOM   637 O  O2    . C   C 1 10 ? -6.832  5.271   22.644  1.00 57.68  ? 10  C   C O2    1 
ATOM   638 N  N3    . C   C 1 10 ? -7.209  3.271   21.638  1.00 55.49  ? 10  C   C N3    1 
ATOM   639 C  C4    . C   C 1 10 ? -7.183  1.943   21.748  1.00 56.74  ? 10  C   C C4    1 
ATOM   640 N  N4    . C   C 1 10 ? -7.568  1.222   20.692  1.00 57.35  ? 10  C   C N4    1 
ATOM   641 C  C5    . C   C 1 10 ? -6.766  1.296   22.947  1.00 58.60  ? 10  C   C C5    1 
ATOM   642 C  C6    . C   C 1 10 ? -6.391  2.066   23.978  1.00 59.44  ? 10  C   C C6    1 
ATOM   643 O  "O5'" . G   D 1 1  ? -9.366  6.861   12.251  1.00 71.08  ? 1   G   D "O5'" 1 
ATOM   644 C  "C5'" . G   D 1 1  ? -10.115 8.060   12.380  1.00 68.73  ? 1   G   D "C5'" 1 
ATOM   645 C  "C4'" . G   D 1 1  ? -9.870  8.732   13.709  1.00 62.74  ? 1   G   D "C4'" 1 
ATOM   646 O  "O4'" . G   D 1 1  ? -10.695 8.121   14.737  1.00 58.46  ? 1   G   D "O4'" 1 
ATOM   647 C  "C3'" . G   D 1 1  ? -8.452  8.635   14.259  1.00 62.74  ? 1   G   D "C3'" 1 
ATOM   648 O  "O3'" . G   D 1 1  ? -7.578  9.599   13.699  1.00 66.15  ? 1   G   D "O3'" 1 
ATOM   649 C  "C2'" . G   D 1 1  ? -8.668  8.800   15.755  1.00 60.63  ? 1   G   D "C2'" 1 
ATOM   650 O  "O2'" . G   D 1 1  ? -8.907  10.162  16.075  1.00 62.32  ? 1   G   D "O2'" 1 
ATOM   651 C  "C1'" . G   D 1 1  ? -9.970  8.026   15.944  1.00 57.39  ? 1   G   D "C1'" 1 
ATOM   652 N  N9    . G   D 1 1  ? -9.738  6.601   16.244  1.00 52.57  ? 1   G   D N9    1 
ATOM   653 C  C8    . G   D 1 1  ? -10.019 5.520   15.442  1.00 55.78  ? 1   G   D C8    1 
ATOM   654 N  N7    . G   D 1 1  ? -9.702  4.377   15.990  1.00 53.54  ? 1   G   D N7    1 
ATOM   655 C  C5    . G   D 1 1  ? -9.180  4.724   17.229  1.00 52.67  ? 1   G   D C5    1 
ATOM   656 C  C6    . G   D 1 1  ? -8.665  3.915   18.278  1.00 55.57  ? 1   G   D C6    1 
ATOM   657 O  O6    . G   D 1 1  ? -8.566  2.683   18.328  1.00 59.58  ? 1   G   D O6    1 
ATOM   658 N  N1    . G   D 1 1  ? -8.246  4.686   19.357  1.00 50.77  ? 1   G   D N1    1 
ATOM   659 C  C2    . G   D 1 1  ? -8.309  6.055   19.421  1.00 47.92  ? 1   G   D C2    1 
ATOM   660 N  N2    . G   D 1 1  ? -7.860  6.644   20.535  1.00 46.79  ? 1   G   D N2    1 
ATOM   661 N  N3    . G   D 1 1  ? -8.785  6.816   18.455  1.00 50.91  ? 1   G   D N3    1 
ATOM   662 C  C4    . G   D 1 1  ? -9.198  6.091   17.397  1.00 52.62  ? 1   G   D C4    1 
ATOM   663 P  P     . G   D 1 2  ? -6.030  9.243   13.463  1.00 69.04  ? 2   G   D P     1 
ATOM   664 O  OP1   . G   D 1 2  ? -5.463  10.313  12.607  1.00 70.68  ? 2   G   D OP1   1 
ATOM   665 O  OP2   . G   D 1 2  ? -5.922  7.828   13.029  1.00 67.61  ? 2   G   D OP2   1 
ATOM   666 O  "O5'" . G   D 1 2  ? -5.361  9.370   14.902  1.00 56.92  ? 2   G   D "O5'" 1 
ATOM   667 C  "C5'" . G   D 1 2  ? -5.258  10.633  15.542  1.00 57.46  ? 2   G   D "C5'" 1 
ATOM   668 C  "C4'" . G   D 1 2  ? -4.774  10.500  16.964  1.00 57.15  ? 2   G   D "C4'" 1 
ATOM   669 O  "O4'" . G   D 1 2  ? -5.718  9.728   17.750  1.00 55.76  ? 2   G   D "O4'" 1 
ATOM   670 C  "C3'" . G   D 1 2  ? -3.457  9.762   17.140  1.00 59.72  ? 2   G   D "C3'" 1 
ATOM   671 O  "O3'" . G   D 1 2  ? -2.318  10.560  16.883  1.00 64.30  ? 2   G   D "O3'" 1 
ATOM   672 C  "C2'" . G   D 1 2  ? -3.546  9.276   18.575  1.00 56.06  ? 2   G   D "C2'" 1 
ATOM   673 O  "O2'" . G   D 1 2  ? -3.302  10.341  19.481  1.00 56.13  ? 2   G   D "O2'" 1 
ATOM   674 C  "C1'" . G   D 1 2  ? -5.021  8.903   18.660  1.00 53.99  ? 2   G   D "C1'" 1 
ATOM   675 N  N9    . G   D 1 2  ? -5.237  7.500   18.278  1.00 53.14  ? 2   G   D N9    1 
ATOM   676 C  C8    . G   D 1 2  ? -5.830  7.011   17.141  1.00 52.18  ? 2   G   D C8    1 
ATOM   677 N  N7    . G   D 1 2  ? -5.861  5.706   17.111  1.00 53.82  ? 2   G   D N7    1 
ATOM   678 C  C5    . G   D 1 2  ? -5.248  5.320   18.297  1.00 50.57  ? 2   G   D C5    1 
ATOM   679 C  C6    . G   D 1 2  ? -4.984  4.034   18.831  1.00 51.78  ? 2   G   D C6    1 
ATOM   680 O  O6    . G   D 1 2  ? -5.245  2.923   18.358  1.00 55.55  ? 2   G   D O6    1 
ATOM   681 N  N1    . G   D 1 2  ? -4.343  4.117   20.058  1.00 46.63  ? 2   G   D N1    1 
ATOM   682 C  C2    . G   D 1 2  ? -3.998  5.273   20.703  1.00 46.49  ? 2   G   D C2    1 
ATOM   683 N  N2    . G   D 1 2  ? -3.384  5.133   21.885  1.00 44.90  ? 2   G   D N2    1 
ATOM   684 N  N3    . G   D 1 2  ? -4.239  6.477   20.221  1.00 47.83  ? 2   G   D N3    1 
ATOM   685 C  C4    . G   D 1 2  ? -4.859  6.419   19.026  1.00 49.34  ? 2   G   D C4    1 
HETATM 686 C  C2    . 6MZ D 1 3  ? -0.977  1.962   19.634  1.00 52.25  ? 3   6MZ D C2    1 
HETATM 687 C  C4    . 6MZ D 1 3  ? -1.046  4.232   19.099  1.00 51.90  ? 3   6MZ D C4    1 
HETATM 688 C  C5    . 6MZ D 1 3  ? -1.703  3.951   17.965  1.00 50.06  ? 3   6MZ D C5    1 
HETATM 689 O  O1P   . 6MZ D 1 3  ? -0.506  11.324  16.023  1.00 68.30  ? 3   6MZ D O1P   1 
HETATM 690 O  O2P   . 6MZ D 1 3  ? -2.035  9.179   15.234  1.00 66.88  ? 3   6MZ D O2P   1 
HETATM 691 N  N9    . 6MZ D 1 3  ? -0.874  5.569   19.168  1.00 51.05  ? 3   6MZ D N9    1 
HETATM 692 N  N3    . 6MZ D 1 3  ? -0.681  3.241   19.937  1.00 52.79  ? 3   6MZ D N3    1 
HETATM 693 N  N1    . 6MZ D 1 3  ? -1.642  1.674   18.486  1.00 51.87  ? 3   6MZ D N1    1 
HETATM 694 C  C6    . 6MZ D 1 3  ? -2.007  2.634   17.659  1.00 49.83  ? 3   6MZ D C6    1 
HETATM 695 N  N6    . 6MZ D 1 3  ? -2.710  2.183   16.465  1.00 50.94  ? 3   6MZ D N6    1 
HETATM 696 C  C9    . 6MZ D 1 3  ? -3.214  3.059   15.493  1.00 52.42  ? 3   6MZ D C9    1 
HETATM 697 N  N7    . 6MZ D 1 3  ? -1.934  5.119   17.335  1.00 53.26  ? 3   6MZ D N7    1 
HETATM 698 C  C8    . 6MZ D 1 3  ? -1.427  6.113   18.077  1.00 52.66  ? 3   6MZ D C8    1 
HETATM 699 O  "O5'" . 6MZ D 1 3  ? -0.446  9.039   17.309  1.00 54.33  ? 3   6MZ D "O5'" 1 
HETATM 700 C  "C5'" . 6MZ D 1 3  ? 0.124   9.653   18.453  1.00 53.23  ? 3   6MZ D "C5'" 1 
HETATM 701 C  "C4'" . 6MZ D 1 3  ? 0.487   8.627   19.494  1.00 51.24  ? 3   6MZ D "C4'" 1 
HETATM 702 O  "O4'" . 6MZ D 1 3  ? -0.670  7.816   19.817  1.00 50.42  ? 3   6MZ D "O4'" 1 
HETATM 703 C  "C1'" . 6MZ D 1 3  ? -0.258  6.498   20.130  1.00 48.89  ? 3   6MZ D "C1'" 1 
HETATM 704 C  "C2'" . 6MZ D 1 3  ? 1.265   6.467   20.058  1.00 54.28  ? 3   6MZ D "C2'" 1 
HETATM 705 O  "O2'" . 6MZ D 1 3  ? 1.774   6.781   21.345  1.00 52.26  ? 3   6MZ D "O2'" 1 
HETATM 706 C  "C3'" . 6MZ D 1 3  ? 1.532   7.605   19.086  1.00 55.91  ? 3   6MZ D "C3'" 1 
HETATM 707 O  "O3'" . 6MZ D 1 3  ? 2.851   8.101   19.130  1.00 61.07  ? 3   6MZ D "O3'" 1 
HETATM 708 P  P     . 6MZ D 1 3  ? -1.056  9.914   16.128  1.00 65.73  ? 3   6MZ D P     1 
HETATM 709 O  O3P   . 6MZ D 1 3  ? 0.033   9.461   15.200  1.00 68.51  ? 3   6MZ D O3P   1 
ATOM   710 P  P     . C   D 1 4  ? 3.940   7.537   18.097  1.00 54.29  ? 4   C   D P     1 
ATOM   711 O  OP1   . C   D 1 4  ? 5.178   8.334   18.279  1.00 58.22  ? 4   C   D OP1   1 
ATOM   712 O  OP2   . C   D 1 4  ? 3.312   7.430   16.757  1.00 55.13  ? 4   C   D OP2   1 
ATOM   713 O  "O5'" . C   D 1 4  ? 4.229   6.067   18.623  1.00 51.95  ? 4   C   D "O5'" 1 
ATOM   714 C  "C5'" . C   D 1 4  ? 4.949   5.882   19.828  1.00 52.40  ? 4   C   D "C5'" 1 
ATOM   715 C  "C4'" . C   D 1 4  ? 4.883   4.457   20.313  1.00 52.20  ? 4   C   D "C4'" 1 
ATOM   716 O  "O4'" . C   D 1 4  ? 3.507   3.997   20.378  1.00 53.26  ? 4   C   D "O4'" 1 
ATOM   717 C  "C3'" . C   D 1 4  ? 5.565   3.420   19.442  1.00 53.39  ? 4   C   D "C3'" 1 
ATOM   718 O  "O3'" . C   D 1 4  ? 6.969   3.401   19.593  1.00 54.62  ? 4   C   D "O3'" 1 
ATOM   719 C  "C2'" . C   D 1 4  ? 4.894   2.134   19.894  1.00 52.15  ? 4   C   D "C2'" 1 
ATOM   720 O  "O2'" . C   D 1 4  ? 5.407   1.720   21.149  1.00 52.17  ? 4   C   D "O2'" 1 
ATOM   721 C  "C1'" . C   D 1 4  ? 3.457   2.611   20.098  1.00 52.51  ? 4   C   D "C1'" 1 
ATOM   722 N  N1    . C   D 1 4  ? 2.622   2.380   18.898  1.00 53.55  ? 4   C   D N1    1 
ATOM   723 C  C2    . C   D 1 4  ? 2.209   1.070   18.634  1.00 55.26  ? 4   C   D C2    1 
ATOM   724 O  O2    . C   D 1 4  ? 2.554   0.176   19.422  1.00 56.56  ? 4   C   D O2    1 
ATOM   725 N  N3    . C   D 1 4  ? 1.448   0.819   17.546  1.00 55.46  ? 4   C   D N3    1 
ATOM   726 C  C4    . C   D 1 4  ? 1.104   1.818   16.735  1.00 51.26  ? 4   C   D C4    1 
ATOM   727 N  N4    . C   D 1 4  ? 0.351   1.531   15.671  1.00 52.42  ? 4   C   D N4    1 
ATOM   728 C  C5    . C   D 1 4  ? 1.515   3.161   16.978  1.00 54.53  ? 4   C   D C5    1 
ATOM   729 C  C6    . C   D 1 4  ? 2.269   3.399   18.059  1.00 53.60  ? 4   C   D C6    1 
ATOM   730 P  P     . U   D 1 5  ? 7.888   2.912   18.374  1.00 51.59  ? 5   U   D P     1 
ATOM   731 O  OP1   . U   D 1 5  ? 9.302   3.224   18.703  1.00 64.59  ? 5   U   D OP1   1 
ATOM   732 O  OP2   . U   D 1 5  ? 7.279   3.405   17.113  1.00 53.44  ? 5   U   D OP2   1 
ATOM   733 O  "O5'" . U   D 1 5  ? 7.705   1.334   18.391  1.00 56.41  ? 5   U   D "O5'" 1 
ATOM   734 C  "C5'" . U   D 1 5  ? 8.123   0.567   19.506  1.00 55.12  ? 5   U   D "C5'" 1 
ATOM   735 C  "C4'" . U   D 1 5  ? 7.726   -0.875  19.346  1.00 54.52  ? 5   U   D "C4'" 1 
ATOM   736 O  "O4'" . U   D 1 5  ? 6.281   -0.984  19.268  1.00 52.75  ? 5   U   D "O4'" 1 
ATOM   737 C  "C3'" . U   D 1 5  ? 8.200   -1.552  18.075  1.00 56.86  ? 5   U   D "C3'" 1 
ATOM   738 O  "O3'" . U   D 1 5  ? 9.563   -1.924  18.119  1.00 59.63  ? 5   U   D "O3'" 1 
ATOM   739 C  "C2'" . U   D 1 5  ? 7.230   -2.718  17.952  1.00 56.03  ? 5   U   D "C2'" 1 
ATOM   740 O  "O2'" . U   D 1 5  ? 7.565   -3.752  18.865  1.00 55.39  ? 5   U   D "O2'" 1 
ATOM   741 C  "C1'" . U   D 1 5  ? 5.929   -2.061  18.420  1.00 53.90  ? 5   U   D "C1'" 1 
ATOM   742 N  N1    . U   D 1 5  ? 5.149   -1.533  17.278  1.00 55.32  ? 5   U   D N1    1 
ATOM   743 C  C2    . U   D 1 5  ? 4.415   -2.439  16.536  1.00 56.04  ? 5   U   D C2    1 
ATOM   744 O  O2    . U   D 1 5  ? 4.379   -3.629  16.802  1.00 56.32  ? 5   U   D O2    1 
ATOM   745 N  N3    . U   D 1 5  ? 3.720   -1.900  15.480  1.00 55.98  ? 5   U   D N3    1 
ATOM   746 C  C4    . U   D 1 5  ? 3.693   -0.574  15.096  1.00 55.93  ? 5   U   D C4    1 
ATOM   747 O  O4    . U   D 1 5  ? 3.023   -0.226  14.122  1.00 54.34  ? 5   U   D O4    1 
ATOM   748 C  C5    . U   D 1 5  ? 4.482   0.296   15.911  1.00 56.29  ? 5   U   D C5    1 
ATOM   749 C  C6    . U   D 1 5  ? 5.168   -0.200  16.946  1.00 56.44  ? 5   U   D C6    1 
ATOM   750 P  P     . A   D 1 6  ? 10.415  -1.981  16.762  1.00 66.30  ? 6   A   D P     1 
ATOM   751 O  OP1   . A   D 1 6  ? 11.839  -2.210  17.115  1.00 68.13  ? 6   A   D OP1   1 
ATOM   752 O  OP2   . A   D 1 6  ? 10.039  -0.804  15.938  1.00 63.93  ? 6   A   D OP2   1 
ATOM   753 O  "O5'" . A   D 1 6  ? 9.861   -3.284  16.038  1.00 64.63  ? 6   A   D "O5'" 1 
ATOM   754 C  "C5'" . A   D 1 6  ? 10.046  -4.564  16.623  1.00 64.84  ? 6   A   D "C5'" 1 
ATOM   755 C  "C4'" . A   D 1 6  ? 9.419   -5.647  15.785  1.00 65.75  ? 6   A   D "C4'" 1 
ATOM   756 O  "O4'" . A   D 1 6  ? 7.973   -5.531  15.830  1.00 67.04  ? 6   A   D "O4'" 1 
ATOM   757 C  "C3'" . A   D 1 6  ? 9.745   -5.605  14.302  1.00 63.11  ? 6   A   D "C3'" 1 
ATOM   758 O  "O3'" . A   D 1 6  ? 11.002  -6.176  13.996  1.00 64.11  ? 6   A   D "O3'" 1 
ATOM   759 C  "C2'" . A   D 1 6  ? 8.572   -6.348  13.690  1.00 63.94  ? 6   A   D "C2'" 1 
ATOM   760 O  "O2'" . A   D 1 6  ? 8.714   -7.747  13.885  1.00 66.22  ? 6   A   D "O2'" 1 
ATOM   761 C  "C1'" . A   D 1 6  ? 7.429   -5.851  14.568  1.00 66.29  ? 6   A   D "C1'" 1 
ATOM   762 N  N9    . A   D 1 6  ? 6.790   -4.645  14.011  1.00 65.74  ? 6   A   D N9    1 
ATOM   763 C  C8    . A   D 1 6  ? 6.943   -3.338  14.405  1.00 62.39  ? 6   A   D C8    1 
ATOM   764 N  N7    . A   D 1 6  ? 6.221   -2.495  13.708  1.00 62.31  ? 6   A   D N7    1 
ATOM   765 C  C5    . A   D 1 6  ? 5.544   -3.302  12.803  1.00 61.16  ? 6   A   D C5    1 
ATOM   766 C  C6    . A   D 1 6  ? 4.620   -3.023  11.783  1.00 60.39  ? 6   A   D C6    1 
ATOM   767 N  N6    . A   D 1 6  ? 4.191   -1.797  11.483  1.00 65.58  ? 6   A   D N6    1 
ATOM   768 N  N1    . A   D 1 6  ? 4.137   -4.060  11.064  1.00 61.10  ? 6   A   D N1    1 
ATOM   769 C  C2    . A   D 1 6  ? 4.562   -5.294  11.361  1.00 62.05  ? 6   A   D C2    1 
ATOM   770 N  N3    . A   D 1 6  ? 5.427   -5.684  12.292  1.00 62.42  ? 6   A   D N3    1 
ATOM   771 C  C4    . A   D 1 6  ? 5.881   -4.628  12.986  1.00 61.70  ? 6   A   D C4    1 
ATOM   772 P  P     . G   D 1 7  ? 11.784  -5.719  12.672  1.00 64.27  ? 7   G   D P     1 
ATOM   773 O  OP1   . G   D 1 7  ? 13.085  -6.433  12.639  1.00 62.42  ? 7   G   D OP1   1 
ATOM   774 O  OP2   . G   D 1 7  ? 11.736  -4.236  12.610  1.00 58.43  ? 7   G   D OP2   1 
ATOM   775 O  "O5'" . G   D 1 7  ? 10.884  -6.275  11.483  1.00 66.08  ? 7   G   D "O5'" 1 
ATOM   776 C  "C5'" . G   D 1 7  ? 10.840  -7.663  11.195  1.00 69.27  ? 7   G   D "C5'" 1 
ATOM   777 C  "C4'" . G   D 1 7  ? 9.733   -7.993  10.228  1.00 69.13  ? 7   G   D "C4'" 1 
ATOM   778 O  "O4'" . G   D 1 7  ? 8.488   -7.388  10.660  1.00 70.54  ? 7   G   D "O4'" 1 
ATOM   779 C  "C3'" . G   D 1 7  ? 9.907   -7.473  8.812   1.00 66.79  ? 7   G   D "C3'" 1 
ATOM   780 O  "O3'" . G   D 1 7  ? 10.817  -8.245  8.051   1.00 66.43  ? 7   G   D "O3'" 1 
ATOM   781 C  "C2'" . G   D 1 7  ? 8.479   -7.498  8.288   1.00 66.68  ? 7   G   D "C2'" 1 
ATOM   782 O  "O2'" . G   D 1 7  ? 8.089   -8.826  7.978   1.00 67.14  ? 7   G   D "O2'" 1 
ATOM   783 C  "C1'" . G   D 1 7  ? 7.706   -7.057  9.530   1.00 68.28  ? 7   G   D "C1'" 1 
ATOM   784 N  N9    . G   D 1 7  ? 7.426   -5.608  9.540   1.00 66.60  ? 7   G   D N9    1 
ATOM   785 C  C8    . G   D 1 7  ? 7.936   -4.649  10.384  1.00 65.76  ? 7   G   D C8    1 
ATOM   786 N  N7    . G   D 1 7  ? 7.466   -3.455  10.138  1.00 65.16  ? 7   G   D N7    1 
ATOM   787 C  C5    . G   D 1 7  ? 6.583   -3.636  9.080   1.00 65.46  ? 7   G   D C5    1 
ATOM   788 C  C6    . G   D 1 7  ? 5.768   -2.705  8.378   1.00 66.96  ? 7   G   D C6    1 
ATOM   789 O  O6    . G   D 1 7  ? 5.667   -1.486  8.564   1.00 65.37  ? 7   G   D O6    1 
ATOM   790 N  N1    . G   D 1 7  ? 5.025   -3.323  7.368   1.00 67.89  ? 7   G   D N1    1 
ATOM   791 C  C2    . G   D 1 7  ? 5.070   -4.670  7.084   1.00 67.38  ? 7   G   D C2    1 
ATOM   792 N  N2    . G   D 1 7  ? 4.302   -5.126  6.085   1.00 67.06  ? 7   G   D N2    1 
ATOM   793 N  N3    . G   D 1 7  ? 5.821   -5.540  7.735   1.00 66.45  ? 7   G   D N3    1 
ATOM   794 C  C4    . G   D 1 7  ? 6.543   -4.962  8.712   1.00 65.46  ? 7   G   D C4    1 
ATOM   795 P  P     . U   D 1 8  ? 11.684  -7.555  6.901   1.00 66.84  ? 8   U   D P     1 
ATOM   796 O  OP1   . U   D 1 8  ? 12.676  -8.544  6.420   1.00 70.31  ? 8   U   D OP1   1 
ATOM   797 O  OP2   . U   D 1 8  ? 12.142  -6.237  7.398   1.00 66.99  ? 8   U   D OP2   1 
ATOM   798 O  "O5'" . U   D 1 8  ? 10.619  -7.318  5.741   1.00 62.89  ? 8   U   D "O5'" 1 
ATOM   799 C  "C5'" . U   D 1 8  ? 9.849   -8.415  5.227   1.00 64.90  ? 8   U   D "C5'" 1 
ATOM   800 C  "C4'" . U   D 1 8  ? 8.896   -7.945  4.155   1.00 65.82  ? 8   U   D "C4'" 1 
ATOM   801 O  "O4'" . U   D 1 8  ? 7.816   -7.185  4.756   1.00 58.68  ? 8   U   D "O4'" 1 
ATOM   802 C  "C3'" . U   D 1 8  ? 9.470   -7.008  3.104   1.00 65.45  ? 8   U   D "C3'" 1 
ATOM   803 O  "O3'" . U   D 1 8  ? 10.236  -7.775  2.159   1.00 68.09  ? 8   U   D "O3'" 1 
ATOM   804 C  "C2'" . U   D 1 8  ? 8.210   -6.332  2.577   1.00 60.62  ? 8   U   D "C2'" 1 
ATOM   805 O  "O2'" . U   D 1 8  ? 7.500   -7.129  1.652   1.00 57.43  ? 8   U   D "O2'" 1 
ATOM   806 C  "C1'" . U   D 1 8  ? 7.398   -6.166  3.863   1.00 61.43  ? 8   U   D "C1'" 1 
ATOM   807 N  N1    . U   D 1 8  ? 7.588   -4.859  4.512   1.00 62.55  ? 8   U   D N1    1 
ATOM   808 C  C2    . U   D 1 8  ? 6.902   -3.782  3.982   1.00 66.27  ? 8   U   D C2    1 
ATOM   809 O  O2    . U   D 1 8  ? 6.160   -3.879  3.019   1.00 69.42  ? 8   U   D O2    1 
ATOM   810 N  N3    . U   D 1 8  ? 7.116   -2.587  4.623   1.00 64.78  ? 8   U   D N3    1 
ATOM   811 C  C4    . U   D 1 8  ? 7.929   -2.361  5.714   1.00 61.33  ? 8   U   D C4    1 
ATOM   812 O  O4    . U   D 1 8  ? 8.017   -1.224  6.178   1.00 59.21  ? 8   U   D O4    1 
ATOM   813 C  C5    . U   D 1 8  ? 8.607   -3.525  6.204   1.00 60.21  ? 8   U   D C5    1 
ATOM   814 C  C6    . U   D 1 8  ? 8.421   -4.705  5.600   1.00 59.99  ? 8   U   D C6    1 
HETATM 815 O  O3P   . CBV D 1 9  ? 11.803  -8.343  0.321   1.00 69.03  ? 9   CBV D O3P   1 
HETATM 816 P  P     . CBV D 1 9  ? 11.391  -7.081  1.119   1.00 60.65  ? 9   CBV D P     1 
HETATM 817 O  O1P   . CBV D 1 9  ? 12.388  -6.438  0.193   1.00 63.72  ? 9   CBV D O1P   1 
HETATM 818 O  O2P   . CBV D 1 9  ? 12.467  -6.602  2.112   1.00 57.78  ? 9   CBV D O2P   1 
HETATM 819 O  "O5'" . CBV D 1 9  ? 10.438  -6.029  0.287   1.00 56.94  ? 9   CBV D "O5'" 1 
HETATM 820 C  "C5'" . CBV D 1 9  ? 9.930   -6.509  -0.923  1.00 56.56  ? 9   CBV D "C5'" 1 
HETATM 821 C  "C4'" . CBV D 1 9  ? 9.105   -5.460  -1.639  1.00 55.10  ? 9   CBV D "C4'" 1 
HETATM 822 O  "O4'" . CBV D 1 9  ? 7.987   -4.853  -0.645  1.00 53.85  ? 9   CBV D "O4'" 1 
HETATM 823 C  "C3'" . CBV D 1 9  ? 9.835   -4.440  -1.981  1.00 54.54  ? 9   CBV D "C3'" 1 
HETATM 824 O  "O3'" . CBV D 1 9  ? 10.546  -4.667  -3.275  1.00 55.41  ? 9   CBV D "O3'" 1 
HETATM 825 C  "C2'" . CBV D 1 9  ? 8.784   -3.335  -2.137  1.00 56.19  ? 9   CBV D "C2'" 1 
HETATM 826 O  "O2'" . CBV D 1 9  ? 8.107   -3.504  -3.298  1.00 59.13  ? 9   CBV D "O2'" 1 
HETATM 827 C  "C1'" . CBV D 1 9  ? 7.847   -3.590  -0.946  1.00 57.76  ? 9   CBV D "C1'" 1 
HETATM 828 N  N1    . CBV D 1 9  ? 8.261   -2.766  0.203   1.00 59.04  ? 9   CBV D N1    1 
HETATM 829 C  C2    . CBV D 1 9  ? 7.648   -1.433  0.415   1.00 54.51  ? 9   CBV D C2    1 
HETATM 830 O  O2    . CBV D 1 9  ? 6.832   -1.035  -0.340  1.00 51.29  ? 9   CBV D O2    1 
HETATM 831 N  N3    . CBV D 1 9  ? 8.058   -0.599  1.571   1.00 56.32  ? 9   CBV D N3    1 
HETATM 832 C  C4    . CBV D 1 9  ? 9.059   -1.085  2.496   1.00 60.90  ? 9   CBV D C4    1 
HETATM 833 N  N4    . CBV D 1 9  ? 9.459   -0.270  3.625   1.00 62.63  ? 9   CBV D N4    1 
HETATM 834 C  C5    . CBV D 1 9  ? 9.678   -2.423  2.287   1.00 65.46  ? 9   CBV D C5    1 
HETATM 835 C  C6    . CBV D 1 9  ? 9.266   -3.260  1.127   1.00 63.59  ? 9   CBV D C6    1 
HETATM 836 BR BR    . CBV D 1 9  ? 11.018  -3.070  3.525   1.00 72.56  ? 9   CBV D BR    1 
ATOM   837 P  P     . C   D 1 10 ? 11.944  -3.947  -3.544  1.00 49.60  ? 10  C   D P     1 
ATOM   838 O  OP1   . C   D 1 10 ? 12.470  -4.442  -4.841  1.00 53.11  ? 10  C   D OP1   1 
ATOM   839 O  OP2   . C   D 1 10 ? 12.750  -4.070  -2.305  1.00 49.93  ? 10  C   D OP2   1 
ATOM   840 O  "O5'" . C   D 1 10 ? 11.518  -2.420  -3.700  1.00 48.42  ? 10  C   D "O5'" 1 
ATOM   841 C  "C5'" . C   D 1 10 ? 10.903  -1.958  -4.890  1.00 51.06  ? 10  C   D "C5'" 1 
ATOM   842 C  "C4'" . C   D 1 10 ? 10.479  -0.513  -4.775  1.00 52.21  ? 10  C   D "C4'" 1 
ATOM   843 O  "O4'" . C   D 1 10 ? 9.654   -0.305  -3.598  1.00 53.90  ? 10  C   D "O4'" 1 
ATOM   844 C  "C3'" . C   D 1 10 ? 11.590  0.509   -4.620  1.00 53.56  ? 10  C   D "C3'" 1 
ATOM   845 O  "O3'" . C   D 1 10 ? 12.259  0.790   -5.837  1.00 57.17  ? 10  C   D "O3'" 1 
ATOM   846 C  "C2'" . C   D 1 10 ? 10.840  1.706   -4.047  1.00 53.79  ? 10  C   D "C2'" 1 
ATOM   847 O  "O2'" . C   D 1 10 ? 10.108  2.369   -5.064  1.00 54.42  ? 10  C   D "O2'" 1 
ATOM   848 C  "C1'" . C   D 1 10 ? 9.844   1.012   -3.113  1.00 53.34  ? 10  C   D "C1'" 1 
ATOM   849 N  N1    . C   D 1 10 ? 10.319  0.968   -1.711  1.00 47.22  ? 10  C   D N1    1 
ATOM   850 C  C2    . C   D 1 10 ? 10.184  2.132   -0.948  1.00 52.86  ? 10  C   D C2    1 
ATOM   851 O  O2    . C   D 1 10 ? 9.675   3.125   -1.489  1.00 53.81  ? 10  C   D O2    1 
ATOM   852 N  N3    . C   D 1 10 ? 10.606  2.145   0.336   1.00 47.18  ? 10  C   D N3    1 
ATOM   853 C  C4    . C   D 1 10 ? 11.143  1.047   0.863   1.00 48.08  ? 10  C   D C4    1 
ATOM   854 N  N4    . C   D 1 10 ? 11.551  1.096   2.134   1.00 53.36  ? 10  C   D N4    1 
ATOM   855 C  C5    . C   D 1 10 ? 11.294  -0.153  0.110   1.00 48.60  ? 10  C   D C5    1 
ATOM   856 C  C6    . C   D 1 10 ? 10.872  -0.154  -1.162  1.00 48.15  ? 10  C   D C6    1 
HETATM 857 S  S     . SO4 E 2 .  ? 3.649   -4.188  21.525  1.00 156.53 ? 101 SO4 C S     1 
HETATM 858 O  O1    . SO4 E 2 .  ? 2.659   -3.186  21.908  1.00 156.54 ? 101 SO4 C O1    1 
HETATM 859 O  O2    . SO4 E 2 .  ? 3.162   -5.518  21.878  1.00 155.75 ? 101 SO4 C O2    1 
HETATM 860 O  O3    . SO4 E 2 .  ? 4.902   -3.923  22.226  1.00 156.92 ? 101 SO4 C O3    1 
HETATM 861 O  O4    . SO4 E 2 .  ? 3.873   -4.122  20.084  1.00 157.36 ? 101 SO4 C O4    1 
HETATM 862 O  O     . HOH F 3 .  ? 0.957   8.823   -6.484  1.00 68.80  ? 101 HOH A O     1 
HETATM 863 O  O     . HOH F 3 .  ? 2.088   -5.967  -23.422 1.00 68.80  ? 102 HOH A O     1 
HETATM 864 O  O     . HOH F 3 .  ? -8.288  10.427  -6.385  1.00 68.80  ? 103 HOH A O     1 
HETATM 865 O  O     . HOH G 3 .  ? -1.347  1.068   -25.014 1.00 68.80  ? 101 HOH B O     1 
HETATM 866 O  O     . HOH G 3 .  ? -5.234  -6.003  -3.293  1.00 68.80  ? 102 HOH B O     1 
HETATM 867 O  O     . HOH G 3 .  ? -3.735  2.473   -19.506 1.00 68.80  ? 103 HOH B O     1 
HETATM 868 O  O     . HOH G 3 .  ? -3.953  -11.542 -5.248  1.00 68.80  ? 104 HOH B O     1 
HETATM 869 O  O     . HOH H 3 .  ? -4.537  7.122   27.581  1.00 48.75  ? 201 HOH C O     1 
HETATM 870 O  O     . HOH H 3 .  ? 2.505   -9.869  14.839  1.00 68.80  ? 202 HOH C O     1 
HETATM 871 O  O     . HOH H 3 .  ? 14.090  3.020   4.944   1.00 68.80  ? 203 HOH C O     1 
# 
loop_
_atom_site_anisotrop.id 
_atom_site_anisotrop.type_symbol 
_atom_site_anisotrop.pdbx_label_atom_id 
_atom_site_anisotrop.pdbx_label_alt_id 
_atom_site_anisotrop.pdbx_label_comp_id 
_atom_site_anisotrop.pdbx_label_asym_id 
_atom_site_anisotrop.pdbx_label_seq_id 
_atom_site_anisotrop.pdbx_PDB_ins_code 
_atom_site_anisotrop.U[1][1] 
_atom_site_anisotrop.U[2][2] 
_atom_site_anisotrop.U[3][3] 
_atom_site_anisotrop.U[1][2] 
_atom_site_anisotrop.U[1][3] 
_atom_site_anisotrop.U[2][3] 
_atom_site_anisotrop.pdbx_auth_seq_id 
_atom_site_anisotrop.pdbx_auth_comp_id 
_atom_site_anisotrop.pdbx_auth_asym_id 
_atom_site_anisotrop.pdbx_auth_atom_id 
108 P  P     . A   A 6  ? 0.9964 1.9851 1.5831 0.1236  0.0781  -0.3184 6  A   A P     
109 O  OP1   . A   A 6  ? 1.0737 2.0367 1.6850 0.1246  0.0958  -0.3441 6  A   A OP1   
110 O  OP2   . A   A 6  ? 0.9906 1.9591 1.5952 0.1243  0.1005  -0.3071 6  A   A OP2   
111 O  "O5'" . A   A 6  ? 0.8664 1.8823 1.4025 0.1285  0.0572  -0.3049 6  A   A "O5'" 
112 C  "C5'" . A   A 6  ? 0.7676 1.8028 1.2754 0.1306  0.0358  -0.3135 6  A   A "C5'" 
113 C  "C4'" . A   A 6  ? 0.7060 1.7697 1.1595 0.1375  0.0153  -0.2951 6  A   A "C4'" 
114 O  "O4'" . A   A 6  ? 0.6738 1.7717 1.0854 0.1280  -0.0180 -0.2600 6  A   A "O4'" 
115 C  "C3'" . A   A 6  ? 0.6752 1.7197 1.1257 0.1495  0.0416  -0.2903 6  A   A "C3'" 
116 O  "O3'" . A   A 6  ? 0.6527 1.6581 1.1135 0.1611  0.0694  -0.3152 6  A   A "O3'" 
117 C  "C2'" . A   A 6  ? 0.6701 1.7525 1.0493 0.1501  0.0031  -0.2510 6  A   A "C2'" 
118 O  "O2'" . A   A 6  ? 0.7058 1.8052 1.0439 0.1589  -0.0199 -0.2549 6  A   A "O2'" 
119 C  "C1'" . A   A 6  ? 0.6155 1.7324 0.9878 0.1315  -0.0303 -0.2297 6  A   A "C1'" 
120 N  N9    . A   A 6  ? 0.5623 1.6808 0.9485 0.1240  -0.0244 -0.2062 6  A   A N9    
121 C  C8    . A   A 6  ? 0.5279 1.6226 0.9686 0.1214  0.0032  -0.2221 6  A   A C8    
122 N  N7    . A   A 6  ? 0.5014 1.5943 0.9339 0.1155  0.0034  -0.1930 6  A   A N7    
123 C  C5    . A   A 6  ? 0.5568 1.5727 0.8682 0.1005  -0.0282 -0.1395 6  A   A C5    
124 C  C6    . A   A 6  ? 0.6047 1.5335 0.8214 0.0816  -0.0450 -0.0815 6  A   A C6    
125 N  N6    . A   A 6  ? 0.6066 1.5135 0.8389 0.0764  -0.0313 -0.0676 6  A   A N6    
126 N  N1    . A   A 6  ? 0.5750 1.4376 0.6768 0.0680  -0.0773 -0.0377 6  A   A N1    
127 C  C2    . A   A 6  ? 0.5729 1.4544 0.6556 0.0753  -0.0913 -0.0521 6  A   A C2    
128 N  N3    . A   A 6  ? 0.6444 1.6071 0.8098 0.0946  -0.0776 -0.1050 6  A   A N3    
129 C  C4    . A   A 6  ? 0.5910 1.6199 0.8715 0.1057  -0.0457 -0.1472 6  A   A C4    
130 P  P     . G   A 7  ? 0.6857 1.6252 1.1507 0.1718  0.1189  -0.3202 7  G   A P     
131 O  OP1   . G   A 7  ? 0.7852 1.6845 1.2556 0.1800  0.1392  -0.3418 7  G   A OP1   
132 O  OP2   . G   A 7  ? 0.6795 1.5906 1.1857 0.1604  0.1418  -0.3174 7  G   A OP2   
133 O  "O5'" . G   A 7  ? 0.7621 1.6306 1.1065 0.1689  0.0956  -0.2686 7  G   A "O5'" 
134 C  "C5'" . G   A 7  ? 0.7676 1.6115 1.0323 0.1765  0.0703  -0.2546 7  G   A "C5'" 
135 C  "C4'" . G   A 7  ? 0.8158 1.5627 0.9445 0.1595  0.0330  -0.1899 7  G   A "C4'" 
136 O  "O4'" . G   A 7  ? 0.7146 1.5044 0.8414 0.1392  0.0008  -0.1622 7  G   A "O4'" 
137 C  "C3'" . G   A 7  ? 0.8834 1.4873 0.9374 0.1532  0.0562  -0.1564 7  G   A "C3'" 
138 O  "O3'" . G   A 7  ? 0.9381 1.4702 0.9453 0.1702  0.0753  -0.1629 7  G   A "O3'" 
139 C  "C2'" . G   A 7  ? 0.7567 1.3080 0.7032 0.1293  0.0105  -0.0942 7  G   A "C2'" 
140 O  "O2'" . G   A 7  ? 0.7976 1.3156 0.6423 0.1298  -0.0270 -0.0691 7  G   A "O2'" 
141 C  "C1'" . G   A 7  ? 0.7460 1.4242 0.7667 0.1202  -0.0132 -0.1046 7  G   A "C1'" 
142 N  N9    . G   A 7  ? 0.7041 1.3808 0.7710 0.1095  0.0049  -0.0985 7  G   A N9    
143 C  C8    . G   A 7  ? 0.6381 1.3855 0.8248 0.1176  0.0375  -0.1415 7  G   A C8    
144 N  N7    . G   A 7  ? 0.6196 1.3386 0.8097 0.1060  0.0448  -0.1206 7  G   A N7    
145 C  C5    . G   A 7  ? 0.6942 1.3225 0.7626 0.0883  0.0154  -0.0602 7  G   A C5    
146 C  C6    . G   A 7  ? 0.7167 1.2810 0.7306 0.0704  0.0074  -0.0138 7  G   A C6    
147 O  O6    . G   A 7  ? 0.7016 1.2751 0.7645 0.0684  0.0256  -0.0166 7  G   A O6    
148 N  N1    . G   A 7  ? 0.7797 1.2595 0.6645 0.0538  -0.0263 0.0412  7  G   A N1    
149 C  C2    . G   A 7  ? 0.8374 1.2920 0.6507 0.0552  -0.0497 0.0503  7  G   A C2    
150 N  N2    . G   A 7  ? 0.8899 1.2544 0.5745 0.0364  -0.0821 0.1063  7  G   A N2    
151 N  N3    . G   A 7  ? 0.8131 1.3256 0.6750 0.0741  -0.0425 0.0074  7  G   A N3    
152 C  C4    . G   A 7  ? 0.7475 1.3470 0.7378 0.0894  -0.0096 -0.0461 7  G   A C4    
153 P  P     . U   A 8  ? 0.8187 1.2432 0.8188 0.1754  0.1264  -0.1642 8  U   A P     
154 O  OP1   . U   A 8  ? 0.8425 1.2485 0.8328 0.1999  0.1469  -0.1896 8  U   A OP1   
155 O  OP2   . U   A 8  ? 0.7761 1.2390 0.8806 0.1691  0.1608  -0.1898 8  U   A OP2   
156 O  "O5'" . U   A 8  ? 0.8991 1.1901 0.7623 0.1570  0.1033  -0.0976 8  U   A "O5'" 
157 C  "C5'" . U   A 8  ? 0.9787 1.2160 0.7205 0.1552  0.0616  -0.0601 8  U   A "C5'" 
158 C  "C4'" . U   A 8  ? 1.0067 1.1516 0.6404 0.1291  0.0320  0.0026  8  U   A "C4'" 
159 O  "O4'" . U   A 8  ? 0.9871 1.2106 0.6688 0.1092  0.0109  0.0116  8  U   A "O4'" 
160 C  "C3'" . U   A 8  ? 1.0656 1.0878 0.6598 0.1238  0.0647  0.0256  8  U   A "C3'" 
161 O  "O3'" . U   A 8  ? 1.2221 1.1332 0.7241 0.1367  0.0741  0.0396  8  U   A "O3'" 
162 C  "C2'" . U   A 8  ? 1.0830 1.0736 0.6173 0.0942  0.0317  0.0779  8  U   A "C2'" 
163 O  "O2'" . U   A 8  ? 1.1490 1.0630 0.5452 0.0820  -0.0120 0.1273  8  U   A "O2'" 
164 C  "C1'" . U   A 8  ? 1.0161 1.1532 0.6398 0.0884  0.0092  0.0567  8  U   A "C1'" 
165 N  N1    . U   A 8  ? 0.9611 1.1506 0.6925 0.0864  0.0398  0.0334  8  U   A N1    
166 C  C2    . U   A 8  ? 0.9686 1.1082 0.6666 0.0666  0.0349  0.0724  8  U   A C2    
167 O  O2    . U   A 8  ? 1.0311 1.0869 0.6171 0.0489  0.0069  0.1256  8  U   A O2    
168 N  N3    . U   A 8  ? 0.9227 1.1123 0.7214 0.0683  0.0640  0.0468  8  U   A N3    
169 C  C4    . U   A 8  ? 0.8594 1.1396 0.7842 0.0852  0.0960  -0.0120 8  U   A C4    
170 O  O4    . U   A 8  ? 0.8302 1.1393 0.8286 0.0844  0.1187  -0.0281 8  U   A O4    
171 C  C5    . U   A 8  ? 0.8372 1.1676 0.7911 0.1028  0.0987  -0.0492 8  U   A C5    
172 C  C6    . U   A 8  ? 0.8829 1.1687 0.7421 0.1038  0.0714  -0.0258 8  U   A C6    
173 O  O3P   . CBV A 9  ? 1.3430 1.0799 0.8644 0.1594  0.1826  0.0182  9  CBV A O3P   
174 P  P     . CBV A 9  ? 1.1863 1.0000 0.6928 0.1465  0.1287  0.0328  9  CBV A P     
175 O  O1P   . CBV A 9  ? 1.3175 1.0775 0.7315 0.1649  0.1141  0.0400  9  CBV A O1P   
176 O  O2P   . CBV A 9  ? 1.0980 1.0354 0.7584 0.1519  0.1581  -0.0211 9  CBV A O2P   
177 O  "O5'" . CBV A 9  ? 1.2735 0.9930 0.7013 0.1187  0.1136  0.0895  9  CBV A "O5'" 
178 C  "C5'" . CBV A 9  ? 1.3399 0.9659 0.6245 0.1045  0.0719  0.1454  9  CBV A "C5'" 
179 C  "C4'" . CBV A 9  ? 1.3665 0.9259 0.6032 0.0772  0.0626  0.1924  9  CBV A "C4'" 
180 O  "O4'" . CBV A 9  ? 1.2880 0.9567 0.6027 0.0617  0.0462  0.1873  9  CBV A "O4'" 
181 C  "C3'" . CBV A 9  ? 1.4036 0.8842 0.6623 0.0794  0.1118  0.1903  9  CBV A "C3'" 
182 O  "O3'" . CBV A 9  ? 1.5085 0.8530 0.6635 0.0860  0.1230  0.2150  9  CBV A "O3'" 
183 C  "C2'" . CBV A 9  ? 1.3986 0.8827 0.6597 0.0530  0.0973  0.2223  9  CBV A "C2'" 
184 O  "O2'" . CBV A 9  ? 1.4996 0.8857 0.6249 0.0318  0.0601  0.2837  9  CBV A "O2'" 
185 C  "C1'" . CBV A 9  ? 1.2862 0.9173 0.6226 0.0489  0.0679  0.2022  9  CBV A "C1'" 
186 N  N1    . CBV A 9  ? 1.1928 0.9229 0.6748 0.0602  0.1044  0.1502  9  CBV A N1    
187 C  C2    . CBV A 9  ? 1.1932 0.9310 0.7241 0.0481  0.1189  0.1571  9  CBV A C2    
188 O  O2    . CBV A 9  ? 1.2663 0.9362 0.7230 0.0298  0.1018  0.2043  9  CBV A O2    
189 N  N3    . CBV A 9  ? 1.1024 0.9318 0.7723 0.0593  0.1544  0.1049  9  CBV A N3    
190 C  C4    . CBV A 9  ? 1.0516 0.9664 0.8129 0.0797  0.1750  0.0475  9  CBV A C4    
191 N  N4    . CBV A 9  ? 0.9891 0.9887 0.8814 0.0881  0.2086  -0.0028 9  CBV A N4    
192 C  C5    . CBV A 9  ? 1.0891 1.0024 0.8055 0.0922  0.1609  0.0405  9  CBV A C5    
193 C  C6    . CBV A 9  ? 1.1395 0.9573 0.7135 0.0834  0.1253  0.0925  9  CBV A C6    
194 BR BR    . CBV A 9  ? 1.0869 1.1199 0.9261 0.1202  0.1886  -0.0362 9  CBV A BR    
195 P  P     . C   A 10 ? 1.5744 0.8498 0.7656 0.1004  0.1839  0.1944  10 C   A P     
196 O  OP1   . C   A 10 ? 1.6837 0.8188 0.7470 0.1070  0.1841  0.2271  10 C   A OP1   
197 O  OP2   . C   A 10 ? 1.5224 0.9034 0.8463 0.1215  0.2202  0.1306  10 C   A OP2   
198 O  "O5'" . C   A 10 ? 1.5623 0.8151 0.7791 0.0780  0.1949  0.2154  10 C   A "O5'" 
199 C  "C5'" . C   A 10 ? 1.6248 0.7913 0.7500 0.0552  0.1671  0.2671  10 C   A "C5'" 
200 C  "C4'" . C   A 10 ? 1.5893 0.7667 0.7645 0.0379  0.1774  0.2767  10 C   A "C4'" 
201 O  "O4'" . C   A 10 ? 1.5097 0.8019 0.7594 0.0344  0.1681  0.2619  10 C   A "O4'" 
202 C  "C3'" . C   A 10 ? 1.6076 0.7246 0.8265 0.0483  0.2411  0.2591  10 C   A "C3'" 
203 O  "O3'" . C   A 10 ? 1.6515 0.7254 0.8615 0.0450  0.2351  0.2546  10 C   A "O3'" 
204 C  "C2'" . C   A 10 ? 1.5517 0.7296 0.8424 0.0342  0.2413  0.2587  10 C   A "C2'" 
205 O  "O2'" . C   A 10 ? 1.5499 0.7236 0.8189 0.0119  0.2003  0.2872  10 C   A "O2'" 
206 C  "C1'" . C   A 10 ? 1.4631 0.7753 0.7996 0.0328  0.2026  0.2440  10 C   A "C1'" 
207 N  N1    . C   A 10 ? 1.3183 0.7465 0.7901 0.0499  0.2300  0.1813  10 C   A N1    
208 C  C2    . C   A 10 ? 1.3494 0.8299 0.9171 0.0479  0.2534  0.1590  10 C   A C2    
209 O  O2    . C   A 10 ? 1.3724 0.7999 0.9074 0.0337  0.2508  0.1928  10 C   A O2    
210 N  N3    . C   A 10 ? 1.2074 0.7896 0.8959 0.0616  0.2781  0.1022  10 C   A N3    
211 C  C4    . C   A 10 ? 1.1824 0.8203 0.9009 0.0768  0.2796  0.0681  10 C   A C4    
212 N  N4    . C   A 10 ? 1.1181 0.8576 0.9561 0.0886  0.3036  0.0125  10 C   A N4    
213 C  C5    . C   A 10 ? 1.2257 0.8155 0.8495 0.0813  0.2560  0.0897  10 C   A C5    
214 C  C6    . C   A 10 ? 1.2940 0.7778 0.7954 0.0676  0.2316  0.1460  10 C   A C6    
215 O  "O5'" . G   B 1  ? 1.0023 0.8945 1.1099 -0.0223 0.2909  -0.0637 1  G   B "O5'" 
216 C  "C5'" . G   B 1  ? 0.9860 0.8363 1.1475 -0.0131 0.2783  -0.0368 1  G   B "C5'" 
217 C  "C4'" . G   B 1  ? 0.9815 0.7653 1.1022 -0.0135 0.2025  0.0184  1  G   B "C4'" 
218 O  "O4'" . G   B 1  ? 0.9450 0.6641 0.9422 -0.0011 0.1680  0.0135  1  G   B "O4'" 
219 C  "C3'" . G   B 1  ? 0.9581 0.7557 1.0633 -0.0301 0.1627  0.0489  1  G   B "C3'" 
220 O  "O3'" . G   B 1  ? 0.9450 0.7821 1.1637 -0.0425 0.1690  0.0760  1  G   B "O3'" 
221 C  "C2'" . G   B 1  ? 1.0055 0.7223 1.0167 -0.0246 0.0897  0.0863  1  G   B "C2'" 
222 O  "O2'" . G   B 1  ? 1.0145 0.6910 1.0837 -0.0209 0.0594  0.1296  1  G   B "O2'" 
223 C  "C1'" . G   B 1  ? 0.9586 0.6408 0.8830 -0.0080 0.1033  0.0496  1  G   B "C1'" 
224 N  N9    . G   B 1  ? 0.9548 0.6532 0.7812 -0.0109 0.1075  0.0179  1  G   B N9    
225 C  C8    . G   B 1  ? 0.9254 0.6739 0.7416 -0.0093 0.1656  -0.0363 1  G   B C8    
226 N  N7    . G   B 1  ? 0.9450 0.6966 0.6649 -0.0126 0.1538  -0.0532 1  G   B N7    
227 C  C5    . G   B 1  ? 0.9642 0.6645 0.6279 -0.0165 0.0840  -0.0074 1  G   B C5    
228 C  C6    . G   B 1  ? 1.0697 0.7485 0.6251 -0.0212 0.0419  -0.0006 1  G   B C6    
229 O  O6    . G   B 1  ? 1.0832 0.7852 0.5685 -0.0223 0.0583  -0.0346 1  G   B O6    
230 N  N1    . G   B 1  ? 1.0182 0.6432 0.5501 -0.0244 -0.0256 0.0523  1  G   B N1    
231 C  C2    . G   B 1  ? 1.0314 0.6270 0.6342 -0.0233 -0.0499 0.0934  1  G   B C2    
232 N  N2    . G   B 1  ? 1.0650 0.6095 0.6313 -0.0271 -0.1169 0.1419  1  G   B N2    
233 N  N3    . G   B 1  ? 1.0130 0.6284 0.7170 -0.0189 -0.0112 0.0878  1  G   B N3    
234 C  C4    . G   B 1  ? 0.9799 0.6471 0.7085 -0.0157 0.0546  0.0367  1  G   B C4    
235 P  P     . G   B 2  ? 0.9167 0.8105 1.1538 -0.0622 0.1675  0.0826  2  G   B P     
236 O  OP1   . G   B 2  ? 0.9303 0.8686 1.3010 -0.0719 0.1881  0.1027  2  G   B OP1   
237 O  OP2   . G   B 2  ? 0.8638 0.7992 1.0425 -0.0636 0.2054  0.0326  2  G   B OP2   
238 O  "O5'" . G   B 2  ? 0.9640 0.8005 1.1191 -0.0667 0.0884  0.1286  2  G   B "O5'" 
239 C  "C5'" . G   B 2  ? 1.0323 0.8197 1.2182 -0.0660 0.0385  0.1810  2  G   B "C5'" 
240 C  "C4'" . G   B 2  ? 1.0946 0.8230 1.1782 -0.0679 -0.0335 0.2148  2  G   B "C4'" 
241 O  "O4'" . G   B 2  ? 1.1174 0.8025 1.0844 -0.0547 -0.0412 0.1886  2  G   B "O4'" 
242 C  "C3'" . G   B 2  ? 1.1098 0.8680 1.1611 -0.0844 -0.0536 0.2237  2  G   B "C3'" 
243 O  "O3'" . G   B 2  ? 1.1426 0.9202 1.2761 -0.0983 -0.0741 0.2648  2  G   B "O3'" 
244 C  "C2'" . G   B 2  ? 1.1135 0.8063 1.0299 -0.0791 -0.1100 0.2349  2  G   B "C2'" 
245 O  "O2'" . G   B 2  ? 1.1448 0.7758 1.0554 -0.0779 -0.1721 0.2870  2  G   B "O2'" 
246 C  "C1'" . G   B 2  ? 1.1009 0.7690 0.9667 -0.0611 -0.0822 0.1961  2  G   B "C1'" 
247 N  N9    . G   B 2  ? 1.0511 0.7612 0.8640 -0.0611 -0.0398 0.1443  2  G   B N9    
248 C  C8    . G   B 2  ? 1.0120 0.7779 0.8722 -0.0582 0.0299  0.0965  2  G   B C8    
249 N  N7    . G   B 2  ? 0.9904 0.7828 0.7808 -0.0591 0.0520  0.0578  2  G   B N7    
250 C  C5    . G   B 2  ? 0.9806 0.7318 0.6719 -0.0628 -0.0067 0.0817  2  G   B C5    
251 C  C6    . G   B 2  ? 0.9849 0.7391 0.5702 -0.0650 -0.0153 0.0602  2  G   B C6    
252 O  O6    . G   B 2  ? 0.9624 0.7580 0.5183 -0.0641 0.0281  0.0140  2  G   B O6    
253 N  N1    . G   B 2  ? 1.0200 0.7219 0.5288 -0.0685 -0.0832 0.0988  2  G   B N1    
254 C  C2    . G   B 2  ? 1.0762 0.7291 0.6061 -0.0698 -0.1364 0.1509  2  G   B C2    
255 N  N2    . G   B 2  ? 1.1167 0.7233 0.5610 -0.0734 -0.1983 0.1816  2  G   B N2    
256 N  N3    . G   B 2  ? 1.0836 0.7335 0.7115 -0.0677 -0.1293 0.1715  2  G   B N3    
257 C  C4    . G   B 2  ? 1.0100 0.7103 0.7140 -0.0642 -0.0635 0.1349  2  G   B C4    
258 C  C2    . 6MZ B 3  ? 1.0072 0.8154 0.4861 -0.1128 -0.1108 0.1187  3  6MZ B C2    
259 C  C4    . 6MZ B 3  ? 1.0058 0.8026 0.6547 -0.1121 -0.1119 0.1652  3  6MZ B C4    
260 C  C5    . 6MZ B 3  ? 0.9708 0.8217 0.6729 -0.1087 -0.0443 0.1208  3  6MZ B C5    
261 O  O1P   . 6MZ B 3  ? 1.0941 0.9856 1.2636 -0.1102 0.0113  0.2014  3  6MZ B O1P   
262 O  O2P   . 6MZ B 3  ? 1.1196 1.0410 1.3455 -0.1348 -0.0314 0.2552  3  6MZ B O2P   
263 N  N9    . 6MZ B 3  ? 1.0164 0.7901 0.7418 -0.1126 -0.1338 0.2050  3  6MZ B N9    
264 N  N3    . 6MZ B 3  ? 1.0243 0.7992 0.5615 -0.1142 -0.1453 0.1644  3  6MZ B N3    
265 N  N1    . 6MZ B 3  ? 0.9716 0.8350 0.5043 -0.1094 -0.0426 0.0736  3  6MZ B N1    
266 C  C6    . 6MZ B 3  ? 0.9534 0.8383 0.5951 -0.1074 -0.0090 0.0736  3  6MZ B C6    
267 N  N6    . 6MZ B 3  ? 0.9156 0.8602 0.6043 -0.1041 0.0642  0.0221  3  6MZ B N6    
268 C  C9    . 6MZ B 3  ? 0.8968 0.8548 0.6796 -0.0962 0.1070  0.0098  3  6MZ B C9    
269 N  N7    . 6MZ B 3  ? 0.9599 0.8205 0.7715 -0.1072 -0.0246 0.1334  3  6MZ B N7    
270 C  C8    . 6MZ B 3  ? 0.9880 0.8010 0.8136 -0.1094 -0.0799 0.1854  3  6MZ B C8    
271 O  "O5'" . 6MZ B 3  ? 1.1684 0.9768 1.2128 -0.1217 -0.1149 0.2765  3  6MZ B "O5'" 
272 C  "C5'" . 6MZ B 3  ? 1.2036 0.9523 1.2173 -0.1240 -0.1852 0.3289  3  6MZ B "C5'" 
273 C  "C4'" . 6MZ B 3  ? 1.2329 0.9259 1.1065 -0.1190 -0.2315 0.3301  3  6MZ B "C4'" 
274 O  "O4'" . 6MZ B 3  ? 1.1988 0.9014 1.0080 -0.1084 -0.1918 0.2776  3  6MZ B "O4'" 
275 C  "C1'" . 6MZ B 3  ? 1.1790 0.8974 0.9038 -0.1156 -0.1992 0.2616  3  6MZ B "C1'" 
276 C  "C2'" . 6MZ B 3  ? 1.1867 0.9352 0.9570 -0.1344 -0.2225 0.2955  3  6MZ B "C2'" 
277 O  "O2'" . 6MZ B 3  ? 1.1946 0.9325 0.8666 -0.1411 -0.2564 0.2989  3  6MZ B "O2'" 
278 C  "C3'" . 6MZ B 3  ? 1.2533 0.9552 1.0740 -0.1338 -0.2673 0.3475  3  6MZ B "C3'" 
279 O  "O3'" . 6MZ B 3  ? 1.3320 0.9601 1.0512 -0.1296 -0.3333 0.3763  3  6MZ B "O3'" 
280 P  P     . 6MZ B 3  ? 1.1440 0.9922 1.3130 -0.1174 -0.0570 0.2606  3  6MZ B P     
281 O  O3P   . 6MZ B 3  ? 1.1464 0.9884 1.4183 -0.1223 -0.0764 0.3064  3  6MZ B O3P   
282 P  P     . C   B 4  ? 1.0358 0.9157 1.0534 -0.1739 -0.1972 0.3441  4  C   B P     
283 O  OP1   . C   B 4  ? 1.0683 0.9934 1.1815 -0.1910 -0.1978 0.3720  4  C   B OP1   
284 O  OP2   . C   B 4  ? 1.0034 0.9011 1.0563 -0.1609 -0.1395 0.3029  4  C   B OP2   
285 O  "O5'" . C   B 4  ? 1.0545 0.9393 0.9556 -0.1767 -0.2036 0.3187  4  C   B "O5'" 
286 C  "C5'" . C   B 4  ? 1.1105 0.9474 0.9200 -0.1812 -0.2678 0.3496  4  C   B "C5'" 
287 C  "C4'" . C   B 4  ? 1.1281 0.9661 0.8222 -0.1792 -0.2648 0.3164  4  C   B "C4'" 
288 O  "O4'" . C   B 4  ? 1.1394 0.9632 0.7890 -0.1624 -0.2327 0.2750  4  C   B "O4'" 
289 C  "C3'" . C   B 4  ? 1.0790 0.9923 0.7889 -0.1912 -0.2238 0.2872  4  C   B "C3'" 
290 O  "O3'" . C   B 4  ? 1.1091 1.0326 0.8189 -0.2074 -0.2596 0.3201  4  C   B "O3'" 
291 C  "C2'" . C   B 4  ? 1.0608 0.9663 0.6599 -0.1815 -0.2085 0.2437  4  C   B "C2'" 
292 O  "O2'" . C   B 4  ? 1.0959 0.9518 0.5820 -0.1826 -0.2656 0.2633  4  C   B "O2'" 
293 C  "C1'" . C   B 4  ? 1.0812 0.9457 0.6756 -0.1633 -0.1971 0.2300  4  C   B "C1'" 
294 N  N1    . C   B 4  ? 1.0063 0.9249 0.6675 -0.1579 -0.1245 0.1846  4  C   B N1    
295 C  C2    . C   B 4  ? 0.9713 0.9232 0.5755 -0.1545 -0.0842 0.1343  4  C   B C2    
296 O  O2    . C   B 4  ? 0.9897 0.9246 0.4913 -0.1559 -0.1112 0.1307  4  C   B O2    
297 N  N3    . C   B 4  ? 0.9317 0.9332 0.5932 -0.1496 -0.0179 0.0913  4  C   B N3    
298 C  C4    . C   B 4  ? 0.9166 0.9342 0.6883 -0.1480 0.0090  0.0974  4  C   B C4    
299 N  N4    . C   B 4  ? 0.8833 0.9497 0.7083 -0.1433 0.0751  0.0538  4  C   B N4    
300 C  C5    . C   B 4  ? 0.9353 0.9195 0.7672 -0.1512 -0.0308 0.1484  4  C   B C5    
301 C  C6    . C   B 4  ? 0.9689 0.9045 0.7428 -0.1560 -0.0968 0.1905  4  C   B C6    
302 P  P     . U   B 5  ? 1.0822 1.0909 0.8640 -0.2238 -0.2195 0.3073  5  U   B P     
303 O  OP1   . U   B 5  ? 1.1369 1.1377 0.9233 -0.2390 -0.2697 0.3536  5  U   B OP1   
304 O  OP2   . U   B 5  ? 1.0436 1.1041 0.9432 -0.2225 -0.1596 0.2867  5  U   B OP2   
305 O  "O5'" . U   B 5  ? 1.0476 1.0831 0.7378 -0.2223 -0.1933 0.2610  5  U   B "O5'" 
306 C  "C5'" . U   B 5  ? 1.0929 1.0892 0.6625 -0.2231 -0.2394 0.2695  5  U   B "C5'" 
307 C  "C4'" . U   B 5  ? 1.1141 1.1418 0.6100 -0.2196 -0.2034 0.2193  5  U   B "C4'" 
308 O  "O4'" . U   B 5  ? 1.1302 1.1436 0.6021 -0.2026 -0.1707 0.1821  5  U   B "O4'" 
309 C  "C3'" . U   B 5  ? 1.0670 1.1820 0.6289 -0.2304 -0.1464 0.1898  5  U   B "C3'" 
310 O  "O3'" . U   B 5  ? 1.0656 1.2050 0.6246 -0.2465 -0.1687 0.2115  5  U   B "O3'" 
311 C  "C2'" . U   B 5  ? 1.0312 1.1634 0.5238 -0.2198 -0.1050 0.1344  5  U   B "C2'" 
312 O  "O2'" . U   B 5  ? 1.0277 1.1341 0.4256 -0.2123 -0.1309 0.1262  5  U   B "O2'" 
313 C  "C1'" . U   B 5  ? 1.0654 1.1409 0.5371 -0.2023 -0.1106 0.1304  5  U   B "C1'" 
314 N  N1    . U   B 5  ? 1.0309 1.1433 0.6033 -0.1969 -0.0534 0.1062  5  U   B N1    
315 C  C2    . U   B 5  ? 1.0347 1.1961 0.6041 -0.1921 0.0074  0.0520  5  U   B C2    
316 O  O2    . U   B 5  ? 1.0599 1.2359 0.5488 -0.1921 0.0157  0.0241  5  U   B O2    
317 N  N3    . U   B 5  ? 0.9979 1.1912 0.6628 -0.1873 0.0587  0.0318  5  U   B N3    
318 C  C4    . U   B 5  ? 0.9607 1.1418 0.7216 -0.1866 0.0554  0.0597  5  U   B C4    
319 O  O4    . U   B 5  ? 0.9222 1.1360 0.7624 -0.1819 0.1064  0.0358  5  U   B O4    
320 C  C5    . U   B 5  ? 0.9634 1.0931 0.7203 -0.1916 -0.0096 0.1157  5  U   B C5    
321 C  C6    . U   B 5  ? 0.9968 1.0947 0.6619 -0.1965 -0.0605 0.1363  5  U   B C6    
322 P  P     . A   B 6  ? 1.3143 1.1935 0.9153 0.1555  0.4031  0.3386  6  A   B P     
323 O  OP1   . A   B 6  ? 1.3933 1.2750 1.0008 0.1687  0.4238  0.3567  6  A   B OP1   
324 O  OP2   . A   B 6  ? 1.2601 1.1162 0.8535 0.1349  0.3580  0.3101  6  A   B OP2   
325 O  "O5'" . A   B 6  ? 1.2787 1.2602 0.9241 0.1791  0.4088  0.3436  6  A   B "O5'" 
326 C  "C5'" . A   B 6  ? 1.2834 1.3082 0.9477 0.2016  0.4462  0.3675  6  A   B "C5'" 
327 C  "C4'" . A   B 6  ? 1.2459 1.3665 0.9537 0.2201  0.4411  0.3659  6  A   B "C4'" 
328 O  "O4'" . A   B 6  ? 1.2435 1.3518 0.9349 0.2087  0.4381  0.3595  6  A   B "O4'" 
329 C  "C3'" . A   B 6  ? 1.1971 1.3846 0.9385 0.2279  0.4078  0.3507  6  A   B "C3'" 
330 O  "O3'" . A   B 6  ? 1.1888 1.4275 0.9600 0.2490  0.4154  0.3617  6  A   B "O3'" 
331 C  "C2'" . A   B 6  ? 1.1534 1.4055 0.9193 0.2357  0.4008  0.3452  6  A   B "C2'" 
332 O  "O2'" . A   B 6  ? 1.1269 1.4425 0.9294 0.2590  0.4217  0.3598  6  A   B "O2'" 
333 C  "C1'" . A   B 6  ? 1.1924 1.3736 0.9184 0.2147  0.4094  0.3439  6  A   B "C1'" 
334 N  N9    . A   B 6  ? 1.2089 1.3455 0.9143 0.1890  0.3705  0.3168  6  A   B N9    
335 C  C8    . A   B 6  ? 1.2427 1.2884 0.9073 0.1634  0.3564  0.3048  6  A   B C8    
336 N  N7    . A   B 6  ? 1.2492 1.2782 0.9054 0.1450  0.3205  0.2804  6  A   B N7    
337 C  C5    . A   B 6  ? 1.1971 1.3107 0.8906 0.1592  0.3102  0.2762  6  A   B C5    
338 C  C6    . A   B 6  ? 1.1453 1.2871 0.8501 0.1513  0.2755  0.2544  6  A   B C6    
339 N  N6    . A   B 6  ? 1.1109 1.1969 0.7896 0.1264  0.2433  0.2313  6  A   B N6    
340 N  N1    . A   B 6  ? 1.1290 1.3595 0.8729 0.1704  0.2748  0.2570  6  A   B N1    
341 C  C2    . A   B 6  ? 1.1309 1.4180 0.9011 0.1958  0.3071  0.2799  6  A   B C2    
342 N  N3    . A   B 6  ? 1.1527 1.4219 0.9161 0.2059  0.3416  0.3018  6  A   B N3    
343 C  C4    . A   B 6  ? 1.1675 1.3475 0.8913 0.1861  0.3409  0.2986  6  A   B C4    
344 P  P     . G   B 7  ? 1.1834 1.4570 0.9790 0.2502  0.3764  0.3431  7  G   B P     
345 O  OP1   . G   B 7  ? 1.2072 1.5303 1.0312 0.2737  0.3938  0.3603  7  G   B OP1   
346 O  OP2   . G   B 7  ? 1.2042 1.3958 0.9640 0.2216  0.3484  0.3233  7  G   B OP2   
347 O  "O5'" . G   B 7  ? 1.0968 1.4486 0.9258 0.2587  0.3512  0.3278  7  G   B "O5'" 
348 C  "C5'" . G   B 7  ? 1.0400 1.4837 0.9095 0.2863  0.3672  0.3408  7  G   B "C5'" 
349 C  "C4'" . G   B 7  ? 0.9825 1.4808 0.8734 0.2878  0.3412  0.3240  7  G   B "C4'" 
350 O  "O4'" . G   B 7  ? 1.0003 1.4428 0.8595 0.2652  0.3359  0.3145  7  G   B "O4'" 
351 C  "C3'" . G   B 7  ? 0.9577 1.4816 0.8644 0.2840  0.2961  0.2991  7  G   B "C3'" 
352 O  "O3'" . G   B 7  ? 0.9333 1.5348 0.8803 0.3089  0.2938  0.3043  7  G   B "O3'" 
353 C  "C2'" . G   B 7  ? 0.9363 1.4775 0.8449 0.2755  0.2741  0.2824  7  G   B "C2'" 
354 O  "O2'" . G   B 7  ? 0.8103 1.4401 0.7564 0.2991  0.2846  0.2913  7  G   B "O2'" 
355 C  "C1'" . G   B 7  ? 0.9810 1.4463 0.8497 0.2566  0.2960  0.2896  7  G   B "C1'" 
356 N  N9    . G   B 7  ? 1.0209 1.4001 0.8501 0.2263  0.2709  0.2700  7  G   B N9    
357 C  C8    . G   B 7  ? 1.0629 1.3536 0.8534 0.2082  0.2778  0.2717  7  G   B C8    
358 N  N7    . G   B 7  ? 1.0843 1.3158 0.8467 0.1828  0.2486  0.2502  7  G   B N7    
359 C  C5    . G   B 7  ? 1.0531 1.3364 0.8366 0.1841  0.2209  0.2334  7  G   B C5    
360 C  C6    . G   B 7  ? 1.0363 1.2940 0.8056 0.1635  0.1831  0.2074  7  G   B C6    
361 O  O6    . G   B 7  ? 0.9952 1.1763 0.7293 0.1386  0.1654  0.1929  7  G   B O6    
362 N  N1    . G   B 7  ? 0.9760 1.3085 0.7768 0.1743  0.1651  0.1982  7  G   B N1    
363 C  C2    . G   B 7  ? 0.9778 1.3985 0.8187 0.2015  0.1813  0.2121  7  G   B C2    
364 N  N2    . G   B 7  ? 0.9784 1.4631 0.8457 0.2087  0.1598  0.2005  7  G   B N2    
365 N  N3    . G   B 7  ? 0.9664 1.4123 0.8212 0.2210  0.2165  0.2362  7  G   B N3    
366 C  C4    . G   B 7  ? 1.0096 1.3838 0.8340 0.2109  0.2344  0.2455  7  G   B C4    
367 P  P     . U   B 8  ? 0.9556 1.5574 0.9098 0.3064  0.2607  0.2886  8  U   B P     
368 O  OP1   . U   B 8  ? 0.9547 1.6274 0.9462 0.3343  0.2741  0.3037  8  U   B OP1   
369 O  OP2   . U   B 8  ? 1.0005 1.5033 0.9117 0.2797  0.2549  0.2823  8  U   B OP2   
370 O  "O5'" . U   B 8  ? 0.9129 1.5517 0.8811 0.3021  0.2177  0.2618  8  U   B "O5'" 
371 C  "C5'" . U   B 8  ? 0.8375 1.5634 0.8418 0.3223  0.2152  0.2620  8  U   B "C5'" 
372 C  "C4'" . U   B 8  ? 0.8228 1.5536 0.8247 0.3093  0.1776  0.2365  8  U   B "C4'" 
373 O  "O4'" . U   B 8  ? 0.8495 1.5074 0.8137 0.2844  0.1811  0.2320  8  U   B "O4'" 
374 C  "C3'" . U   B 8  ? 0.7287 1.4447 0.7266 0.2984  0.1345  0.2116  8  U   B "C3'" 
375 O  "O3'" . U   B 8  ? 0.7621 1.5571 0.7984 0.3210  0.1182  0.2077  8  U   B "O3'" 
376 C  "C2'" . U   B 8  ? 0.7420 1.4274 0.7199 0.2771  0.1077  0.1901  8  U   B "C2'" 
377 O  "O2'" . U   B 8  ? 0.7086 1.4709 0.7171 0.2915  0.0945  0.1836  8  U   B "O2'" 
378 C  "C1'" . U   B 8  ? 0.8452 1.4746 0.7946 0.2643  0.1401  0.2046  8  U   B "C1'" 
379 N  N1    . U   B 8  ? 0.8857 1.4145 0.7905 0.2370  0.1368  0.1985  8  U   B N1    
380 C  C2    . U   B 8  ? 0.8865 1.3697 0.7675 0.2131  0.1039  0.1745  8  U   B C2    
381 O  O2    . U   B 8  ? 0.8827 1.4039 0.7772 0.2134  0.0783  0.1588  8  U   B O2    
382 N  N3    . U   B 8  ? 0.8946 1.2846 0.7344 0.1886  0.1025  0.1699  8  U   B N3    
383 C  C4    . U   B 8  ? 0.9185 1.2568 0.7385 0.1854  0.1293  0.1862  8  U   B C4    
384 O  O4    . U   B 8  ? 0.9482 1.2025 0.7303 0.1619  0.1232  0.1791  8  U   B O4    
385 C  C5    . U   B 8  ? 0.9349 1.3250 0.7816 0.2109  0.1619  0.2106  8  U   B C5    
386 C  C6    . U   B 8  ? 0.9138 1.3954 0.8011 0.2353  0.1647  0.2158  8  U   B C6    
387 O  O3P   . CBV B 9  ? 0.7242 1.6096 0.8073 0.3502  0.0944  0.2030  9  CBV B O3P   
388 P  P     . CBV B 9  ? 0.6822 1.4658 0.7188 0.3179  0.0887  0.1938  9  CBV B P     
389 O  O1P   . CBV B 9  ? 0.8139 1.5164 0.8172 0.3026  0.1156  0.2079  9  CBV B O1P   
390 O  O2P   . CBV B 9  ? 0.7637 1.5441 0.8050 0.3192  0.0679  0.1863  9  CBV B O2P   
391 O  "O5'" . CBV B 9  ? 0.6895 1.4456 0.7087 0.2969  0.0461  0.1639  9  CBV B "O5'" 
392 C  "C5'" . CBV B 9  ? 0.6607 1.4805 0.7033 0.3068  0.0240  0.1509  9  CBV B "C5'" 
393 C  "C4'" . CBV B 9  ? 0.7009 1.4769 0.7188 0.2826  -0.0132 0.1239  9  CBV B "C4'" 
394 O  "O4'" . CBV B 9  ? 0.7160 1.4159 0.6972 0.2587  0.0012  0.1263  9  CBV B "O4'" 
395 C  "C3'" . CBV B 9  ? 0.6857 1.4211 0.6878 0.2691  -0.0467 0.1045  9  CBV B "C3'" 
396 O  "O3'" . CBV B 9  ? 0.6506 1.4516 0.6823 0.2866  -0.0745 0.0928  9  CBV B "O3'" 
397 C  "C2'" . CBV B 9  ? 0.7163 1.3831 0.6825 0.2397  -0.0680 0.0851  9  CBV B "C2'" 
398 O  "O2'" . CBV B 9  ? 0.7346 1.4454 0.7143 0.2426  -0.0961 0.0675  9  CBV B "O2'" 
399 C  "C1'" . CBV B 9  ? 0.7412 1.3727 0.6901 0.2322  -0.0302 0.1038  9  CBV B "C1'" 
400 N  N1    . CBV B 9  ? 0.7915 1.3382 0.7061 0.2144  -0.0122 0.1123  9  CBV B N1    
401 C  C2    . CBV B 9  ? 0.8179 1.2747 0.6896 0.1829  -0.0309 0.0954  9  CBV B C2    
402 O  O2    . CBV B 9  ? 0.8173 1.2709 0.6827 0.1720  -0.0602 0.0752  9  CBV B O2    
403 N  N3    . CBV B 9  ? 0.8577 1.2284 0.6938 0.1652  -0.0131 0.1037  9  CBV B N3    
404 C  C4    . CBV B 9  ? 0.8603 1.2324 0.7025 0.1779  0.0224  0.1285  9  CBV B C4    
405 N  N4    . CBV B 9  ? 0.9009 1.1870 0.7071 0.1603  0.0388  0.1364  9  CBV B N4    
406 C  C5    . CBV B 9  ? 0.8630 1.3247 0.7482 0.2093  0.0415  0.1458  9  CBV B C5    
407 C  C6    . CBV B 9  ? 0.8147 1.3641 0.7362 0.2276  0.0239  0.1373  9  CBV B C6    
408 BR BR    . CBV B 9  ? 0.8739 1.3361 0.7665 0.2261  0.0886  0.1790  9  CBV B BR    
409 P  P     . C   B 10 ? 0.7700 1.5514 0.7978 0.2836  -0.0981 0.0825  10 C   B P     
410 O  OP1   . C   B 10 ? 0.7906 1.6540 0.8537 0.3066  -0.1226 0.0731  10 C   B OP1   
411 O  OP2   . C   B 10 ? 0.7889 1.5342 0.8080 0.2829  -0.0669 0.1034  10 C   B OP2   
412 O  "O5'" . C   B 10 ? 0.7650 1.4658 0.7530 0.2519  -0.1295 0.0580  10 C   B "O5'" 
413 C  "C5'" . C   B 10 ? 0.7523 1.4698 0.7410 0.2470  -0.1669 0.0336  10 C   B "C5'" 
414 C  "C4'" . C   B 10 ? 0.7945 1.4256 0.7416 0.2152  -0.1899 0.0139  10 C   B "C4'" 
415 O  "O4'" . C   B 10 ? 0.8268 1.3944 0.7453 0.1970  -0.1622 0.0252  10 C   B "O4'" 
416 C  "C3'" . C   B 10 ? 0.8447 1.4230 0.7722 0.2023  -0.2075 0.0048  10 C   B "C3'" 
417 O  "O3'" . C   B 10 ? 0.8305 1.4466 0.7732 0.2108  -0.2447 -0.0138 10 C   B "O3'" 
418 C  "C2'" . C   B 10 ? 0.9106 1.3952 0.7934 0.1698  -0.2134 -0.0058 10 C   B "C2'" 
419 O  "O2'" . C   B 10 ? 0.9683 1.4501 0.8426 0.1592  -0.2497 -0.0309 10 C   B "O2'" 
420 C  "C1'" . C   B 10 ? 0.8672 1.3453 0.7463 0.1697  -0.1745 0.0142  10 C   B "C1'" 
421 N  N1    . C   B 10 ? 0.8416 1.2722 0.7054 0.1653  -0.1396 0.0354  10 C   B N1    
422 C  C2    . C   B 10 ? 0.8462 1.1815 0.6675 0.1375  -0.1399 0.0306  10 C   B C2    
423 O  O2    . C   B 10 ? 0.8619 1.1564 0.6603 0.1175  -0.1691 0.0088  10 C   B O2    
424 N  N3    . C   B 10 ? 0.8750 1.1650 0.6809 0.1333  -0.1087 0.0497  10 C   B N3    
425 C  C4    . C   B 10 ? 0.8516 1.1883 0.6832 0.1555  -0.0780 0.0729  10 C   B C4    
426 N  N4    . C   B 10 ? 0.8769 1.1654 0.6911 0.1506  -0.0480 0.0913  10 C   B N4    
427 C  C5    . C   B 10 ? 0.8079 1.2423 0.6833 0.1840  -0.0767 0.0784  10 C   B C5    
428 C  C6    . C   B 10 ? 0.7961 1.2743 0.6862 0.1880  -0.1078 0.0592  10 C   B C6    
429 O  "O5'" . G   C 1  ? 0.8097 1.1554 1.0371 0.2521  -0.1172 -0.3622 1  G   C "O5'" 
430 C  "C5'" . G   C 1  ? 0.7769 1.0900 1.0359 0.2843  -0.1338 -0.3876 1  G   C "C5'" 
431 C  "C4'" . G   C 1  ? 0.7205 0.9934 1.0068 0.2829  -0.1325 -0.3744 1  G   C "C4'" 
432 O  "O4'" . G   C 1  ? 0.7168 0.9073 1.0050 0.2699  -0.1387 -0.3423 1  G   C "O4'" 
433 C  "C3'" . G   C 1  ? 0.6999 1.0125 0.9813 0.2594  -0.1123 -0.3571 1  G   C "C3'" 
434 O  "O3'" . G   C 1  ? 0.7675 1.1478 1.0603 0.2748  -0.1067 -0.3863 1  G   C "O3'" 
435 C  "C2'" . G   C 1  ? 0.6774 0.9186 0.9777 0.2505  -0.1141 -0.3308 1  G   C "C2'" 
436 O  "O2'" . G   C 1  ? 0.6388 0.8634 0.9738 0.2780  -0.1248 -0.3540 1  G   C "O2'" 
437 C  "C1'" . G   C 1  ? 0.6955 0.8669 0.9887 0.2480  -0.1265 -0.3139 1  G   C "C1'" 
438 N  N9    . G   C 1  ? 0.6623 0.8238 0.9255 0.2136  -0.1145 -0.2766 1  G   C N9    
439 C  C8    . G   C 1  ? 0.6832 0.8601 0.9180 0.2033  -0.1139 -0.2706 1  G   C C8    
440 N  N7    . G   C 1  ? 0.6832 0.8451 0.8958 0.1714  -0.1019 -0.2341 1  G   C N7    
441 C  C5    . G   C 1  ? 0.6614 0.7959 0.8879 0.1599  -0.0938 -0.2150 1  G   C C5    
442 C  C6    . G   C 1  ? 0.6526 0.7606 0.8655 0.1274  -0.0796 -0.1752 1  G   C C6    
443 O  O6    . G   C 1  ? 0.7418 0.8451 0.9273 0.1018  -0.0707 -0.1477 1  G   C O6    
444 N  N1    . G   C 1  ? 0.6500 0.7339 0.8841 0.1260  -0.0757 -0.1684 1  G   C N1    
445 C  C2    . G   C 1  ? 0.6614 0.7477 0.9266 0.1527  -0.0848 -0.1961 1  G   C C2    
446 N  N2    . G   C 1  ? 0.6560 0.7169 0.9380 0.1465  -0.0796 -0.1843 1  G   C N2    
447 N  N3    . G   C 1  ? 0.6691 0.7805 0.9480 0.1837  -0.0980 -0.2333 1  G   C N3    
448 C  C4    . G   C 1  ? 0.6789 0.8129 0.9369 0.1853  -0.1018 -0.2407 1  G   C C4    
449 P  P     . G   C 2  ? 0.6851 1.1433 0.9591 0.2517  -0.0846 -0.3788 2  G   C P     
450 O  OP1   . G   C 2  ? 0.7408 1.2671 1.0284 0.2761  -0.0833 -0.4164 2  G   C OP1   
451 O  OP2   . G   C 2  ? 0.7023 1.1748 0.9395 0.2256  -0.0759 -0.3576 2  G   C OP2   
452 O  "O5'" . G   C 2  ? 0.6599 1.0869 0.9456 0.2310  -0.0753 -0.3491 2  G   C "O5'" 
453 C  "C5'" . G   C 2  ? 0.6644 1.0728 0.9843 0.2485  -0.0811 -0.3606 2  G   C "C5'" 
454 C  "C4'" . G   C 2  ? 0.7076 1.0750 1.0317 0.2236  -0.0726 -0.3262 2  G   C "C4'" 
455 O  "O4'" . G   C 2  ? 0.7002 0.9886 1.0161 0.2100  -0.0784 -0.2971 2  G   C "O4'" 
456 C  "C3'" . G   C 2  ? 0.7614 1.1781 1.0622 0.1907  -0.0513 -0.3037 2  G   C "C3'" 
457 O  "O3'" . G   C 2  ? 0.8356 1.3163 1.1489 0.1962  -0.0428 -0.3206 2  G   C "O3'" 
458 C  "C2'" . G   C 2  ? 0.6823 1.0292 0.9803 0.1649  -0.0473 -0.2640 2  G   C "C2'" 
459 O  "O2'" . G   C 2  ? 0.6179 0.9383 0.9451 0.1725  -0.0501 -0.2650 2  G   C "O2'" 
460 C  "C1'" . G   C 2  ? 0.6804 0.9568 0.9788 0.1747  -0.0629 -0.2594 2  G   C "C1'" 
461 N  N9    . G   C 2  ? 0.6802 0.9551 0.9448 0.1529  -0.0573 -0.2384 2  G   C N9    
462 C  C8    . G   C 2  ? 0.6836 0.9735 0.9330 0.1622  -0.0644 -0.2517 2  G   C C8    
463 N  N7    . G   C 2  ? 0.6981 0.9805 0.9177 0.1362  -0.0566 -0.2246 2  G   C N7    
464 C  C5    . G   C 2  ? 0.6847 0.9447 0.8994 0.1084  -0.0433 -0.1916 2  G   C C5    
465 C  C6    . G   C 2  ? 0.6449 0.8872 0.8318 0.0734  -0.0302 -0.1530 2  G   C C6    
466 O  O6    . G   C 2  ? 0.6602 0.9036 0.8209 0.0592  -0.0275 -0.1387 2  G   C O6    
467 N  N1    . G   C 2  ? 0.6286 0.8492 0.8198 0.0541  -0.0193 -0.1294 2  G   C N1    
468 C  C2    . G   C 2  ? 0.6371 0.8540 0.8559 0.0659  -0.0210 -0.1406 2  G   C C2    
469 N  N2    . G   C 2  ? 0.6180 0.8117 0.8348 0.0421  -0.0092 -0.1130 2  G   C N2    
470 N  N3    . G   C 2  ? 0.6068 0.8409 0.8527 0.0985  -0.0334 -0.1760 2  G   C N3    
471 C  C4    . G   C 2  ? 0.6228 0.8770 0.8648 0.1181  -0.0439 -0.1998 2  G   C C4    
472 C  C2    . 6MZ C 3  ? 0.7097 1.0995 0.8151 -0.0302 0.0366  -0.0856 3  6MZ C C2    
473 C  C4    . 6MZ C 3  ? 0.6788 1.0985 0.8365 0.0228  0.0188  -0.1432 3  6MZ C C4    
474 C  C5    . 6MZ C 3  ? 0.6914 1.1231 0.8422 0.0388  0.0091  -0.1615 3  6MZ C C5    
475 O  O1P   . 6MZ C 3  ? 0.9028 1.4715 1.1733 0.1883  -0.0329 -0.3330 3  6MZ C O1P   
476 O  O2P   . 6MZ C 3  ? 0.9175 1.5811 1.1861 0.1693  -0.0093 -0.3309 3  6MZ C O2P   
477 N  N9    . 6MZ C 3  ? 0.6873 1.1189 0.8761 0.0466  0.0122  -0.1684 3  6MZ C N9    
478 N  N3    . 6MZ C 3  ? 0.6914 1.0899 0.8261 -0.0119 0.0325  -0.1055 3  6MZ C N3    
479 N  N1    . 6MZ C 3  ? 0.7273 1.1300 0.8262 -0.0140 0.0265  -0.1037 3  6MZ C N1    
480 C  C6    . 6MZ C 3  ? 0.7217 1.1443 0.8421 0.0195  0.0130  -0.1408 3  6MZ C C6    
481 N  N6    . 6MZ C 3  ? 0.7287 1.1625 0.8371 0.0324  0.0033  -0.1561 3  6MZ C N6    
482 C  C9    . 6MZ C 3  ? 0.7424 1.1715 0.8723 0.0689  -0.0151 -0.1914 3  6MZ C C9    
483 N  N7    . 6MZ C 3  ? 0.6864 1.1369 0.8635 0.0729  -0.0032 -0.1985 3  6MZ C N7    
484 C  C8    . 6MZ C 3  ? 0.6719 1.1228 0.8729 0.0779  -0.0012 -0.2027 3  6MZ C C8    
485 O  "O5'" . 6MZ C 3  ? 0.8298 1.3763 1.0969 0.1374  -0.0097 -0.2771 3  6MZ C "O5'" 
486 C  "C5'" . 6MZ C 3  ? 0.7906 1.3114 1.0729 0.1255  -0.0047 -0.2596 3  6MZ C "C5'" 
487 C  "C4'" . 6MZ C 3  ? 0.7616 1.2586 1.0174 0.0857  0.0095  -0.2176 3  6MZ C "C4'" 
488 O  "O4'" . 6MZ C 3  ? 0.7647 1.1888 1.0090 0.0790  0.0023  -0.1971 3  6MZ C "O4'" 
489 C  "C1'" . 6MZ C 3  ? 0.7389 1.1673 0.9487 0.0442  0.0168  -0.1653 3  6MZ C "C1'" 
490 C  "C2'" . 6MZ C 3  ? 0.7527 1.2622 0.9503 0.0274  0.0341  -0.1659 3  6MZ C "C2'" 
491 O  "O2'" . 6MZ C 3  ? 0.7449 1.2312 0.9480 0.0076  0.0428  -0.1427 3  6MZ C "O2'" 
492 C  "C3'" . 6MZ C 3  ? 0.7719 1.3363 0.9944 0.0610  0.0264  -0.2081 3  6MZ C "C3'" 
493 O  "O3'" . 6MZ C 3  ? 0.7888 1.4229 1.0145 0.0550  0.0386  -0.2152 3  6MZ C "O3'" 
494 P  P     . 6MZ C 3  ? 0.8588 1.4304 1.1467 0.1783  -0.0243 -0.3214 3  6MZ C P     
495 O  O3P   . 6MZ C 3  ? 0.8764 1.4750 1.1972 0.2003  -0.0267 -0.3455 3  6MZ C O3P   
496 P  P     . C   C 4  ? 0.7842 1.5131 0.9867 0.0487  0.0508  -0.2280 4  C   C P     
497 O  OP1   . C   C 4  ? 0.8180 1.6106 1.0330 0.0475  0.0607  -0.2373 4  C   C OP1   
498 O  OP2   . C   C 4  ? 0.8412 1.5836 1.0428 0.0750  0.0394  -0.2564 4  C   C OP2   
499 O  "O5'" . C   C 4  ? 0.7358 1.4551 0.8996 0.0090  0.0646  -0.1902 4  C   C "O5'" 
500 C  "C5'" . C   C 4  ? 0.7658 1.4757 0.9203 -0.0226 0.0783  -0.1587 4  C   C "C5'" 
501 C  "C4'" . C   C 4  ? 0.8037 1.4840 0.9231 -0.0560 0.0877  -0.1227 4  C   C "C4'" 
502 O  "O4'" . C   C 4  ? 0.7950 1.3997 0.9143 -0.0481 0.0750  -0.1151 4  C   C "O4'" 
503 C  "C3'" . C   C 4  ? 0.7996 1.5443 0.8865 -0.0707 0.0985  -0.1224 4  C   C "C3'" 
504 O  "O3'" . C   C 4  ? 0.7646 1.5766 0.8398 -0.0908 0.1150  -0.1168 4  C   C "O3'" 
505 C  "C2'" . C   C 4  ? 0.7961 1.4808 0.8571 -0.0932 0.1000  -0.0898 4  C   C "C2'" 
506 O  "O2'" . C   C 4  ? 0.7516 1.4085 0.7989 -0.1263 0.1130  -0.0537 4  C   C "O2'" 
507 C  "C1'" . C   C 4  ? 0.8199 1.4261 0.9052 -0.0691 0.0815  -0.0959 4  C   C "C1'" 
508 N  N1    . C   C 4  ? 0.8704 1.4816 0.9549 -0.0456 0.0688  -0.1190 4  C   C N1    
509 C  C2    . C   C 4  ? 0.9069 1.5004 0.9624 -0.0618 0.0706  -0.1000 4  C   C C2    
510 O  O2    . C   C 4  ? 0.9294 1.5028 0.9625 -0.0940 0.0829  -0.0653 4  C   C O2    
511 N  N3    . C   C 4  ? 0.8997 1.4967 0.9519 -0.0427 0.0590  -0.1193 4  C   C N3    
512 C  C4    . C   C 4  ? 0.8641 1.4816 0.9404 -0.0082 0.0463  -0.1568 4  C   C C4    
513 N  N4    . C   C 4  ? 0.8339 1.4537 0.9052 0.0097  0.0349  -0.1753 4  C   C N4    
514 C  C5    . C   C 4  ? 0.8609 1.4969 0.9670 0.0095  0.0446  -0.1770 4  C   C C5    
515 C  C6    . C   C 4  ? 0.8515 1.4845 0.9610 -0.0100 0.0559  -0.1572 4  C   C C6    
516 P  P     . U   C 5  ? 0.6939 1.5990 0.7478 -0.0928 0.1243  -0.1335 5  U   C P     
517 O  OP1   . U   C 5  ? 0.7753 1.7446 0.8267 -0.1096 0.1394  -0.1296 5  U   C OP1   
518 O  OP2   . U   C 5  ? 0.7021 1.6265 0.7706 -0.0565 0.1106  -0.1710 5  U   C OP2   
519 O  "O5'" . U   C 5  ? 0.7092 1.5940 0.7244 -0.1214 0.1314  -0.1042 5  U   C "O5'" 
520 C  "C5'" . U   C 5  ? 0.7577 1.6157 0.7518 -0.1582 0.1445  -0.0653 5  U   C "C5'" 
521 C  "C4'" . U   C 5  ? 0.7807 1.6151 0.7415 -0.1789 0.1483  -0.0417 5  U   C "C4'" 
522 O  "O4'" . U   C 5  ? 0.7188 1.4798 0.6887 -0.1625 0.1326  -0.0415 5  U   C "O4'" 
523 C  "C3'" . U   C 5  ? 0.7438 1.6483 0.6813 -0.1795 0.1530  -0.0556 5  U   C "C3'" 
524 O  "O3'" . U   C 5  ? 0.8185 1.7907 0.7358 -0.2041 0.1706  -0.0468 5  U   C "O3'" 
525 C  "C2'" . U   C 5  ? 0.7541 1.6058 0.6702 -0.1893 0.1487  -0.0358 5  U   C "C2'" 
526 O  "O2'" . U   C 5  ? 0.7560 1.5834 0.6453 -0.2266 0.1624  0.0039  5  U   C "O2'" 
527 C  "C1'" . U   C 5  ? 0.7382 1.5076 0.6824 -0.1675 0.1320  -0.0385 5  U   C "C1'" 
528 N  N1    . U   C 5  ? 0.7436 1.5184 0.7044 -0.1322 0.1153  -0.0728 5  U   C N1    
529 C  C2    . U   C 5  ? 0.7594 1.5191 0.7014 -0.1321 0.1096  -0.0698 5  U   C C2    
530 O  O2    . U   C 5  ? 0.7679 1.5102 0.6822 -0.1591 0.1175  -0.0402 5  U   C O2    
531 N  N3    . U   C 5  ? 0.8305 1.5951 0.7870 -0.0996 0.0940  -0.1021 5  U   C N3    
532 C  C4    . U   C 5  ? 0.7578 1.5407 0.7450 -0.0673 0.0842  -0.1370 5  U   C C4    
533 O  O4    . U   C 5  ? 0.7661 1.5501 0.7621 -0.0402 0.0705  -0.1639 5  U   C O4    
534 C  C5    . U   C 5  ? 0.7409 1.5397 0.7470 -0.0690 0.0912  -0.1377 5  U   C C5    
535 C  C6    . U   C 5  ? 0.7345 1.5292 0.7269 -0.1008 0.1060  -0.1064 5  U   C C6    
536 P  P     . A   C 6  ? 0.8333 0.9570 0.6169 -0.0478 0.0474  -0.0872 6  A   C P     
537 O  OP1   . A   C 6  ? 0.9072 1.0962 0.6833 -0.0807 0.0525  -0.1154 6  A   C OP1   
538 O  OP2   . A   C 6  ? 0.7648 0.9092 0.5540 -0.0053 0.0430  -0.0716 6  A   C OP2   
539 O  "O5'" . A   C 6  ? 0.8591 0.8861 0.6389 -0.0716 0.0453  -0.0759 6  A   C "O5'" 
540 C  "C5'" . A   C 6  ? 0.9016 0.8891 0.6763 -0.1119 0.0486  -0.0862 6  A   C "C5'" 
541 C  "C4'" . A   C 6  ? 0.8971 0.7915 0.6693 -0.1274 0.0459  -0.0715 6  A   C "C4'" 
542 O  "O4'" . A   C 6  ? 0.8865 0.7189 0.6664 -0.0972 0.0419  -0.0461 6  A   C "O4'" 
543 C  "C3'" . A   C 6  ? 0.8912 0.7794 0.6597 -0.1280 0.0430  -0.0668 6  A   C "C3'" 
544 O  "O3'" . A   C 6  ? 0.9191 0.8363 0.6789 -0.1663 0.0462  -0.0878 6  A   C "O3'" 
545 C  "C2'" . A   C 6  ? 0.8753 0.6643 0.6458 -0.1243 0.0390  -0.0434 6  A   C "C2'" 
546 O  "O2'" . A   C 6  ? 0.8934 0.6277 0.6584 -0.1652 0.0414  -0.0494 6  A   C "O2'" 
547 C  "C1'" . A   C 6  ? 0.8712 0.6428 0.6504 -0.0921 0.0376  -0.0285 6  A   C "C1'" 
548 N  N9    . A   C 6  ? 0.7853 0.5710 0.5717 -0.0457 0.0330  -0.0108 6  A   C N9    
549 C  C8    . A   C 6  ? 0.7738 0.6308 0.5658 -0.0136 0.0329  -0.0127 6  A   C C8    
550 N  N7    . A   C 6  ? 0.7718 0.6204 0.5702 0.0248  0.0281  0.0066  6  A   C N7    
551 C  C5    . A   C 6  ? 0.7723 0.5385 0.5694 0.0175  0.0248  0.0223  6  A   C C5    
552 C  C6    . A   C 6  ? 0.7585 0.4767 0.5600 0.0449  0.0191  0.0457  6  A   C C6    
553 N  N6    . A   C 6  ? 0.7453 0.4918 0.5544 0.0872  0.0156  0.0581  6  A   C N6    
554 N  N1    . A   C 6  ? 0.7653 0.4041 0.5637 0.0272  0.0172  0.0561  6  A   C N1    
555 C  C2    . A   C 6  ? 0.7788 0.3885 0.5699 -0.0151 0.0207  0.0440  6  A   C C2    
556 N  N3    . A   C 6  ? 0.8779 0.5260 0.6644 -0.0442 0.0260  0.0222  6  A   C N3    
557 C  C4    . A   C 6  ? 0.7799 0.5068 0.5697 -0.0256 0.0277  0.0121  6  A   C C4    
558 P  P     . G   C 7  ? 0.9271 0.8832 0.6826 -0.1654 0.0445  -0.0921 7  G   C P     
559 O  OP1   . G   C 7  ? 0.9572 0.9437 0.7037 -0.2093 0.0487  -0.1157 7  G   C OP1   
560 O  OP2   . G   C 7  ? 0.9084 0.9286 0.6691 -0.1238 0.0426  -0.0884 7  G   C OP2   
561 O  "O5'" . G   C 7  ? 0.8903 0.7606 0.6462 -0.1609 0.0397  -0.0698 7  G   C "O5'" 
562 C  "C5'" . G   C 7  ? 0.8299 0.6316 0.5806 -0.1972 0.0405  -0.0694 7  G   C "C5'" 
563 C  "C4'" . G   C 7  ? 0.8648 0.5851 0.6182 -0.1829 0.0354  -0.0446 7  G   C "C4'" 
564 O  "O4'" . G   C 7  ? 0.8514 0.5443 0.6135 -0.1447 0.0325  -0.0248 7  G   C "O4'" 
565 C  "C3'" . G   C 7  ? 0.8820 0.6157 0.6346 -0.1674 0.0317  -0.0381 7  G   C "C3'" 
566 O  "O3'" . G   C 7  ? 0.9161 0.6498 0.6604 -0.2026 0.0330  -0.0497 7  G   C "O3'" 
567 C  "C2'" . G   C 7  ? 0.8885 0.5456 0.6470 -0.1400 0.0266  -0.0104 7  G   C "C2'" 
568 O  "O2'" . G   C 7  ? 0.9182 0.4934 0.6733 -0.1677 0.0263  -0.0032 7  G   C "O2'" 
569 C  "C1'" . G   C 7  ? 0.8550 0.5104 0.6206 -0.1178 0.0271  -0.0038 7  G   C "C1'" 
570 N  N9    . G   C 7  ? 0.8550 0.5627 0.6276 -0.0735 0.0247  0.0028  7  G   C N9    
571 C  C8    . G   C 7  ? 0.8557 0.6427 0.6306 -0.0597 0.0271  -0.0098 7  G   C C8    
572 N  N7    . G   C 7  ? 0.8326 0.6477 0.6143 -0.0178 0.0238  0.0018  7  G   C N7    
573 C  C5    . G   C 7  ? 0.8313 0.5812 0.6155 -0.0032 0.0187  0.0231  7  G   C C5    
574 C  C6    . G   C 7  ? 0.8204 0.5630 0.6120 0.0390  0.0134  0.0428  7  G   C C6    
575 O  O6    . G   C 7  ? 0.8330 0.6272 0.6307 0.0737  0.0120  0.0460  7  G   C O6    
576 N  N1    . G   C 7  ? 0.8026 0.4681 0.5941 0.0386  0.0094  0.0602  7  G   C N1    
577 C  C2    . G   C 7  ? 0.8344 0.4381 0.6196 0.0025  0.0105  0.0591  7  G   C C2    
578 N  N2    . G   C 7  ? 0.8820 0.4162 0.6682 0.0079  0.0062  0.0774  7  G   C N2    
579 N  N3    . G   C 7  ? 0.8414 0.4512 0.6200 -0.0368 0.0155  0.0412  7  G   C N3    
580 C  C4    . G   C 7  ? 0.8426 0.5260 0.6211 -0.0372 0.0192  0.0239  7  G   C C4    
581 P  P     . U   C 8  ? 0.9405 0.7418 0.6814 -0.1968 0.0319  -0.0591 8  U   C P     
582 O  OP1   . U   C 8  ? 0.9981 0.8071 0.7304 -0.2416 0.0348  -0.0764 8  U   C OP1   
583 O  OP2   . U   C 8  ? 0.8915 0.7747 0.6364 -0.1677 0.0326  -0.0662 8  U   C OP2   
584 O  "O5'" . U   C 8  ? 0.9130 0.6633 0.6575 -0.1699 0.0258  -0.0357 8  U   C "O5'" 
585 C  "C5'" . U   C 8  ? 0.8849 0.5471 0.6283 -0.1854 0.0239  -0.0219 8  U   C "C5'" 
586 C  "C4'" . U   C 8  ? 0.8574 0.4745 0.6068 -0.1487 0.0180  0.0028  8  U   C "C4'" 
587 O  "O4'" . U   C 8  ? 0.8384 0.4525 0.5963 -0.1129 0.0165  0.0154  8  U   C "O4'" 
588 C  "C3'" . U   C 8  ? 0.8850 0.5489 0.6348 -0.1264 0.0147  0.0032  8  U   C "C3'" 
589 O  "O3'" . U   C 8  ? 0.9178 0.5665 0.6611 -0.1514 0.0141  -0.0007 8  U   C "O3'" 
590 C  "C2'" . U   C 8  ? 0.8652 0.4928 0.6240 -0.0820 0.0094  0.0278  8  U   C "C2'" 
591 O  "O2'" . U   C 8  ? 0.8984 0.4400 0.6574 -0.0862 0.0061  0.0455  8  U   C "O2'" 
592 C  "C1'" . U   C 8  ? 0.8251 0.4436 0.5888 -0.0724 0.0114  0.0311  8  U   C "C1'" 
593 N  N1    . U   C 8  ? 0.8178 0.5123 0.5864 -0.0420 0.0119  0.0257  8  U   C N1    
594 C  C2    . U   C 8  ? 0.8396 0.5403 0.6158 0.0019  0.0071  0.0420  8  U   C C2    
595 O  O2    . U   C 8  ? 0.9174 0.5660 0.6963 0.0166  0.0025  0.0598  8  U   C O2    
596 N  N3    . U   C 8  ? 0.7956 0.5680 0.5763 0.0282  0.0079  0.0363  8  U   C N3    
597 C  C4    . U   C 8  ? 0.8083 0.6450 0.5865 0.0156  0.0130  0.0166  8  U   C C4    
598 O  O4    . U   C 8  ? 0.7541 0.6519 0.5373 0.0434  0.0132  0.0142  8  U   C O4    
599 C  C5    . U   C 8  ? 0.8103 0.6349 0.5808 -0.0303 0.0176  0.0005  8  U   C C5    
600 C  C6    . U   C 8  ? 0.8110 0.5661 0.5772 -0.0568 0.0169  0.0057  8  U   C C6    
601 O  O3P   . CBV C 9  ? 0.9329 0.7276 0.6730 -0.1467 0.0176  -0.0300 9  CBV C O3P   
602 P  P     . CBV C 9  ? 0.8104 0.5359 0.5497 -0.1501 0.0136  -0.0146 9  CBV C P     
603 O  O1P   . CBV C 9  ? 0.9972 0.6689 0.7299 -0.1903 0.0145  -0.0165 9  CBV C O1P   
604 O  O2P   . CBV C 9  ? 0.9717 0.7707 0.7053 -0.1583 0.0142  -0.0315 9  CBV C O2P   
605 O  "O5'" . CBV C 9  ? 0.7973 0.5108 0.5437 -0.1042 0.0074  0.0056  9  CBV C "O5'" 
606 C  "C5'" . CBV C 9  ? 0.8233 0.4594 0.5714 -0.0991 0.0031  0.0250  9  CBV C "C5'" 
607 C  "C4'" . CBV C 9  ? 0.8181 0.4570 0.5735 -0.0531 -0.0025 0.0417  9  CBV C "C4'" 
608 O  "O4'" . CBV C 9  ? 0.8462 0.4778 0.6099 -0.0212 -0.0035 0.0536  9  CBV C "O4'" 
609 C  "C3'" . CBV C 9  ? 0.8391 0.5634 0.5940 -0.0357 -0.0034 0.0304  9  CBV C "C3'" 
610 O  "O3'" . CBV C 9  ? 0.8793 0.6117 0.6283 -0.0523 -0.0046 0.0243  9  CBV C "O3'" 
611 C  "C2'" . CBV C 9  ? 0.8406 0.5617 0.6052 0.0141  -0.0082 0.0489  9  CBV C "C2'" 
612 O  "O2'" . CBV C 9  ? 0.8566 0.5172 0.6239 0.0271  -0.0135 0.0673  9  CBV C "O2'" 
613 C  "C1'" . CBV C 9  ? 0.8544 0.5367 0.6240 0.0192  -0.0067 0.0580  9  CBV C "C1'" 
614 N  N1    . CBV C 9  ? 0.8850 0.6383 0.6561 0.0284  -0.0032 0.0453  9  CBV C N1    
615 C  C2    . CBV C 9  ? 0.8893 0.6854 0.6687 0.0742  -0.0059 0.0533  9  CBV C C2    
616 O  O2    . CBV C 9  ? 0.9064 0.6789 0.6914 0.1032  -0.0111 0.0696  9  CBV C O2    
617 N  N3    . CBV C 9  ? 0.8719 0.7405 0.6531 0.0834  -0.0024 0.0406  9  CBV C N3    
618 C  C4    . CBV C 9  ? 0.8412 0.7391 0.6159 0.0480  0.0038  0.0202  9  CBV C C4    
619 N  N4    . CBV C 9  ? 0.8209 0.7906 0.5977 0.0576  0.0073  0.0078  9  CBV C N4    
620 C  C5    . CBV C 9  ? 0.8655 0.7198 0.6321 0.0019  0.0064  0.0120  9  CBV C C5    
621 C  C6    . CBV C 9  ? 0.9009 0.6826 0.6657 -0.0075 0.0029  0.0251  9  CBV C C6    
622 BR BR    . CBV C 9  ? 0.9433 0.8362 0.7020 -0.0461 0.0143  -0.0156 9  CBV C BR    
623 P  P     . C   C 10 ? 0.7806 0.6106 0.5247 -0.0555 -0.0030 0.0031  10 C   C P     
624 O  OP1   . C   C 10 ? 0.7852 0.6071 0.5234 -0.0739 -0.0048 0.0000  10 C   C OP1   
625 O  OP2   . C   C 10 ? 0.7859 0.6664 0.5262 -0.0779 0.0029  -0.0165 10 C   C OP2   
626 O  "O5'" . C   C 10 ? 0.7666 0.6376 0.5186 -0.0048 -0.0069 0.0122  10 C   C "O5'" 
627 C  "C5'" . C   C 10 ? 0.7994 0.6426 0.5561 0.0240  -0.0129 0.0288  10 C   C "C5'" 
628 C  "C4'" . C   C 10 ? 0.8043 0.6888 0.5693 0.0712  -0.0158 0.0365  10 C   C "C4'" 
629 O  "O4'" . C   C 10 ? 0.8068 0.6776 0.5779 0.0856  -0.0144 0.0439  10 C   C "O4'" 
630 C  "C3'" . C   C 10 ? 0.8378 0.8229 0.6005 0.0792  -0.0140 0.0183  10 C   C "C3'" 
631 O  "O3'" . C   C 10 ? 0.8111 0.8232 0.5705 0.0814  -0.0168 0.0139  10 C   C "O3'" 
632 C  "C2'" . C   C 10 ? 0.8567 0.8648 0.6290 0.1226  -0.0157 0.0285  10 C   C "C2'" 
633 O  "O2'" . C   C 10 ? 0.9389 0.9242 0.7183 0.1595  -0.0219 0.0466  10 C   C "O2'" 
634 C  "C1'" . C   C 10 ? 0.8319 0.7760 0.6075 0.1161  -0.0142 0.0393  10 C   C "C1'" 
635 N  N1    . C   C 10 ? 0.8136 0.8012 0.5867 0.0988  -0.0083 0.0233  10 C   C N1    
636 C  C2    . C   C 10 ? 0.7670 0.8126 0.5458 0.1290  -0.0077 0.0220  10 C   C C2    
637 O  O2    . C   C 10 ? 0.7830 0.8397 0.5688 0.1680  -0.0121 0.0344  10 C   C O2    
638 N  N3    . C   C 10 ? 0.7478 0.8359 0.5248 0.1152  -0.0024 0.0074  10 C   C N3    
639 C  C4    . C   C 10 ? 0.7711 0.8441 0.5407 0.0726  0.0021  -0.0057 10 C   C C4    
640 N  N4    . C   C 10 ? 0.7649 0.8812 0.5329 0.0600  0.0071  -0.0202 10 C   C N4    
641 C  C5    . C   C 10 ? 0.8165 0.8297 0.5803 0.0410  0.0015  -0.0043 10 C   C C5    
642 C  C6    . C   C 10 ? 0.8403 0.8125 0.6058 0.0554  -0.0036 0.0104  10 C   C C6    
643 O  "O5'" . G   D 1  ? 0.8599 1.2304 0.6106 -0.0937 -0.1357 0.2627  1  G   D "O5'" 
644 C  "C5'" . G   D 1  ? 0.8059 1.1985 0.6069 -0.0919 -0.1343 0.2904  1  G   D "C5'" 
645 C  "C4'" . G   D 1  ? 0.7282 1.0755 0.5801 -0.0899 -0.1418 0.2809  1  G   D "C4'" 
646 O  "O4'" . G   D 1  ? 0.6998 1.0080 0.5135 -0.1027 -0.1573 0.2487  1  G   D "O4'" 
647 C  "C3'" . G   D 1  ? 0.7334 1.0400 0.6105 -0.0818 -0.1414 0.2655  1  G   D "C3'" 
648 O  "O3'" . G   D 1  ? 0.7477 1.0793 0.6864 -0.0678 -0.1278 0.2971  1  G   D "O3'" 
649 C  "C2'" . G   D 1  ? 0.7191 0.9718 0.6127 -0.0868 -0.1551 0.2417  1  G   D "C2'" 
650 O  "O2'" . G   D 1  ? 0.7142 0.9768 0.6769 -0.0811 -0.1521 0.2684  1  G   D "O2'" 
651 C  "C1'" . G   D 1  ? 0.6998 0.9498 0.5310 -0.1016 -0.1657 0.2223  1  G   D "C1'" 
652 N  N9    . G   D 1  ? 0.6732 0.8876 0.4364 -0.1096 -0.1744 0.1825  1  G   D N9    
653 C  C8    . G   D 1  ? 0.7300 0.9637 0.4256 -0.1161 -0.1734 0.1723  1  G   D C8    
654 N  N7    . G   D 1  ? 0.7324 0.9234 0.3784 -0.1224 -0.1824 0.1344  1  G   D N7    
655 C  C5    . G   D 1  ? 0.7260 0.8664 0.4088 -0.1199 -0.1901 0.1186  1  G   D C5    
656 C  C6    . G   D 1  ? 0.7913 0.8714 0.4487 -0.1240 -0.2016 0.0791  1  G   D C6    
657 O  O6    . G   D 1  ? 0.8678 0.9256 0.4704 -0.1278 -0.2037 0.0477  1  G   D O6    
658 N  N1    . G   D 1  ? 0.7245 0.7674 0.4372 -0.1194 -0.2065 0.0763  1  G   D N1    
659 C  C2    . G   D 1  ? 0.6588 0.7201 0.4421 -0.1118 -0.2009 0.1075  1  G   D C2    
660 N  N2    . G   D 1  ? 0.6430 0.6624 0.4724 -0.1082 -0.2069 0.0996  1  G   D N2    
661 N  N3    . G   D 1  ? 0.6699 0.7871 0.4775 -0.1078 -0.1899 0.1443  1  G   D N3    
662 C  C4    . G   D 1  ? 0.6968 0.8509 0.4517 -0.1122 -0.1852 0.1478  1  G   D C4    
663 P  P     . G   D 2  ? 0.7864 1.1029 0.7338 -0.0580 -0.1209 0.2902  2  G   D P     
664 O  OP1   . G   D 2  ? 0.7735 1.1319 0.7803 -0.0447 -0.1049 0.3305  2  G   D OP1   
665 O  OP2   . G   D 2  ? 0.7952 1.1066 0.6672 -0.0647 -0.1232 0.2646  2  G   D OP2   
666 O  "O5'" . G   D 2  ? 0.6433 0.8973 0.6220 -0.0567 -0.1313 0.2648  2  G   D "O5'" 
667 C  "C5'" . G   D 2  ? 0.6287 0.8745 0.6802 -0.0503 -0.1307 0.2823  2  G   D "C5'" 
668 C  "C4'" . G   D 2  ? 0.6416 0.8236 0.7064 -0.0520 -0.1434 0.2514  2  G   D "C4'" 
669 O  "O4'" . G   D 2  ? 0.6520 0.8028 0.6640 -0.0659 -0.1583 0.2203  2  G   D "O4'" 
670 C  "C3'" . G   D 2  ? 0.6889 0.8377 0.7425 -0.0474 -0.1440 0.2281  2  G   D "C3'" 
671 O  "O3'" . G   D 2  ? 0.7233 0.8802 0.8395 -0.0337 -0.1333 0.2495  2  G   D "O3'" 
672 C  "C2'" . G   D 2  ? 0.6693 0.7549 0.7059 -0.0553 -0.1611 0.1900  2  G   D "C2'" 
673 O  "O2'" . G   D 2  ? 0.6560 0.7178 0.7590 -0.0502 -0.1640 0.1973  2  G   D "O2'" 
674 C  "C1'" . G   D 2  ? 0.6562 0.7503 0.6447 -0.0684 -0.1688 0.1825  2  G   D "C1'" 
675 N  N9    . G   D 2  ? 0.6729 0.7646 0.5817 -0.0772 -0.1727 0.1571  2  G   D N9    
676 C  C8    . G   D 2  ? 0.6606 0.7975 0.5244 -0.0811 -0.1663 0.1680  2  G   D C8    
677 N  N7    . G   D 2  ? 0.7101 0.8294 0.5052 -0.0891 -0.1722 0.1380  2  G   D N7    
678 C  C5    . G   D 2  ? 0.6891 0.7482 0.4843 -0.0903 -0.1833 0.1057  2  G   D C5    
679 C  C6    . G   D 2  ? 0.7383 0.7537 0.4753 -0.0976 -0.1936 0.0652  2  G   D C6    
680 O  O6    . G   D 2  ? 0.8063 0.8273 0.4771 -0.1047 -0.1949 0.0483  2  G   D O6    
681 N  N1    . G   D 2  ? 0.6832 0.6432 0.4453 -0.0958 -0.2031 0.0432  2  G   D N1    
682 C  C2    . G   D 2  ? 0.6621 0.6091 0.4953 -0.0884 -0.2030 0.0575  2  G   D C2    
683 N  N2    . G   D 2  ? 0.6571 0.5469 0.5021 -0.0882 -0.2135 0.0311  2  G   D N2    
684 N  N3    . G   D 2  ? 0.6475 0.6344 0.5353 -0.0817 -0.1933 0.0950  2  G   D N3    
685 C  C4    . G   D 2  ? 0.6561 0.6975 0.5211 -0.0831 -0.1838 0.1171  2  G   D C4    
686 C  C2    . 6MZ D 3  ? 0.7879 0.6938 0.5034 -0.0821 -0.1976 -0.0047 3  6MZ D C2    
687 C  C4    . 6MZ D 3  ? 0.7273 0.6890 0.5556 -0.0680 -0.1820 0.0582  3  6MZ D C4    
688 C  C5    . 6MZ D 3  ? 0.6998 0.7100 0.4923 -0.0712 -0.1739 0.0737  3  6MZ D C5    
689 O  O1P   . 6MZ D 3  ? 0.7427 0.9230 0.9295 -0.0135 -0.1139 0.2801  3  6MZ D O1P   
690 O  O2P   . 6MZ D 3  ? 0.7686 0.9668 0.8060 -0.0348 -0.1224 0.2477  3  6MZ D O2P   
691 N  N9    . 6MZ D 3  ? 0.6870 0.6638 0.5890 -0.0592 -0.1760 0.0876  3  6MZ D N9    
692 N  N3    . 6MZ D 3  ? 0.7689 0.6782 0.5588 -0.0734 -0.1940 0.0189  3  6MZ D N3    
693 N  N1    . 6MZ D 3  ? 0.7790 0.7339 0.4579 -0.0855 -0.1893 0.0108  3  6MZ D N1    
694 C  C6    . 6MZ D 3  ? 0.7238 0.7300 0.4393 -0.0803 -0.1778 0.0491  3  6MZ D C6    
695 N  N6    . 6MZ D 3  ? 0.7372 0.7920 0.4061 -0.0849 -0.1702 0.0619  3  6MZ D N6    
696 C  C9    . 6MZ D 3  ? 0.7304 0.8402 0.4214 -0.0837 -0.1615 0.0988  3  6MZ D C9    
697 N  N7    . 6MZ D 3  ? 0.7082 0.7634 0.5522 -0.0643 -0.1629 0.1131  3  6MZ D N7    
698 C  C8    . 6MZ D 3  ? 0.6850 0.7194 0.5963 -0.0568 -0.1640 0.1216  3  6MZ D C8    
699 O  "O5'" . 6MZ D 3  ? 0.6299 0.7259 0.7084 -0.0304 -0.1385 0.2024  3  6MZ D "O5'" 
700 C  "C5'" . 6MZ D 3  ? 0.6130 0.6661 0.7435 -0.0263 -0.1455 0.1942  3  6MZ D "C5'" 
701 C  "C4'" . 6MZ D 3  ? 0.6208 0.6137 0.7125 -0.0327 -0.1603 0.1501  3  6MZ D "C4'" 
702 O  "O4'" . 6MZ D 3  ? 0.6357 0.6170 0.6630 -0.0468 -0.1714 0.1274  3  6MZ D "O4'" 
703 C  "C1'" . 6MZ D 3  ? 0.6477 0.5926 0.6171 -0.0522 -0.1797 0.0902  3  6MZ D "C1'" 
704 C  "C2'" . 6MZ D 3  ? 0.7109 0.6409 0.7106 -0.0411 -0.1742 0.0882  3  6MZ D "C2'" 
705 O  "O2'" . 6MZ D 3  ? 0.6911 0.5684 0.7260 -0.0394 -0.1849 0.0705  3  6MZ D "O2'" 
706 C  "C3'" . 6MZ D 3  ? 0.6946 0.6769 0.7528 -0.0297 -0.1575 0.1322  3  6MZ D "C3'" 
707 O  "O3'" . 6MZ D 3  ? 0.7448 0.7177 0.8579 -0.0174 -0.1511 0.1405  3  6MZ D "O3'" 
708 P  P     . 6MZ D 3  ? 0.7442 0.9065 0.8468 -0.0260 -0.1241 0.2462  3  6MZ D P     
709 O  O3P   . 6MZ D 3  ? 0.7764 0.9556 0.8712 -0.0179 -0.1125 0.2511  3  6MZ D O3P   
710 P  P     . C   D 4  ? 0.6563 0.6494 0.7570 -0.0095 -0.1387 0.1450  4  C   D P     
711 O  OP1   . C   D 4  ? 0.6858 0.6694 0.8570 0.0034  -0.1326 0.1578  4  C   D OP1   
712 O  OP2   . C   D 4  ? 0.6573 0.7084 0.7288 -0.0106 -0.1266 0.1687  4  C   D OP2   
713 O  "O5'" . C   D 4  ? 0.6641 0.6116 0.6983 -0.0172 -0.1505 0.1007  4  C   D "O5'" 
714 C  "C5'" . C   D 4  ? 0.6842 0.5736 0.7331 -0.0166 -0.1626 0.0728  4  C   D "C5'" 
715 C  "C4'" . C   D 4  ? 0.7190 0.5690 0.6955 -0.0264 -0.1749 0.0311  4  C   D "C4'" 
716 O  "O4'" . C   D 4  ? 0.7487 0.6043 0.6708 -0.0393 -0.1820 0.0214  4  C   D "O4'" 
717 C  "C3'" . C   D 4  ? 0.7448 0.6063 0.6773 -0.0245 -0.1674 0.0223  4  C   D "C3'" 
718 O  "O3'" . C   D 4  ? 0.7569 0.5966 0.7218 -0.0146 -0.1646 0.0169  4  C   D "O3'" 
719 C  "C2'" . C   D 4  ? 0.7654 0.5971 0.6187 -0.0379 -0.1805 -0.0146 4  C   D "C2'" 
720 O  "O2'" . C   D 4  ? 0.7868 0.5570 0.6383 -0.0399 -0.1949 -0.0481 4  C   D "O2'" 
721 C  "C1'" . C   D 4  ? 0.7670 0.6139 0.6142 -0.0466 -0.1853 -0.0052 4  C   D "C1'" 
722 N  N1    . C   D 4  ? 0.7751 0.6754 0.5841 -0.0507 -0.1759 0.0130  4  C   D N1    
723 C  C2    . C   D 4  ? 0.8246 0.7203 0.5547 -0.0604 -0.1800 -0.0119 4  C   D C2    
724 O  O2    . C   D 4  ? 0.8685 0.7158 0.5649 -0.0651 -0.1913 -0.0476 4  C   D O2    
725 N  N3    . C   D 4  ? 0.8237 0.7670 0.5165 -0.0645 -0.1721 0.0036  4  C   D N3    
726 C  C4    . C   D 4  ? 0.7407 0.7348 0.4720 -0.0591 -0.1603 0.0423  4  C   D C4    
727 N  N4    . C   D 4  ? 0.7531 0.7931 0.4454 -0.0634 -0.1530 0.0564  4  C   D N4    
728 C  C5    . C   D 4  ? 0.7533 0.7533 0.5652 -0.0490 -0.1554 0.0684  4  C   D C5    
729 C  C6    . C   D 4  ? 0.7452 0.6978 0.5936 -0.0451 -0.1633 0.0527  4  C   D C6    
730 P  P     . U   D 5  ? 0.7125 0.5826 0.6652 -0.0069 -0.1494 0.0269  5  U   D P     
731 O  OP1   . U   D 5  ? 0.8675 0.7141 0.8725 0.0044  -0.1470 0.0258  5  U   D OP1   
732 O  OP2   . U   D 5  ? 0.7140 0.6473 0.6692 -0.0050 -0.1346 0.0625  5  U   D OP2   
733 O  "O5'" . U   D 5  ? 0.8096 0.6574 0.6762 -0.0169 -0.1571 -0.0094 5  U   D "O5'" 
734 C  "C5'" . U   D 5  ? 0.8206 0.6088 0.6648 -0.0212 -0.1721 -0.0481 5  U   D "C5'" 
735 C  "C4'" . U   D 5  ? 0.8453 0.6221 0.6042 -0.0315 -0.1776 -0.0777 5  U   D "C4'" 
736 O  "O4'" . U   D 5  ? 0.8303 0.6245 0.5493 -0.0429 -0.1820 -0.0768 5  U   D "O4'" 
737 C  "C3'" . U   D 5  ? 0.8744 0.6853 0.6006 -0.0281 -0.1637 -0.0706 5  U   D "C3'" 
738 O  "O3'" . U   D 5  ? 0.9124 0.7011 0.6521 -0.0199 -0.1609 -0.0817 5  U   D "O3'" 
739 C  "C2'" . U   D 5  ? 0.8928 0.7014 0.5347 -0.0416 -0.1704 -0.0938 5  U   D "C2'" 
740 O  "O2'" . U   D 5  ? 0.9162 0.6698 0.5187 -0.0471 -0.1841 -0.1347 5  U   D "O2'" 
741 C  "C1'" . U   D 5  ? 0.8614 0.6762 0.5105 -0.0492 -0.1778 -0.0855 5  U   D "C1'" 
742 N  N1    . U   D 5  ? 0.8584 0.7345 0.5090 -0.0491 -0.1654 -0.0514 5  U   D N1    
743 C  C2    . U   D 5  ? 0.8829 0.7821 0.4641 -0.0578 -0.1635 -0.0577 5  U   D C2    
744 O  O2    . U   D 5  ? 0.9161 0.7871 0.4367 -0.0656 -0.1714 -0.0901 5  U   D O2    
745 N  N3    . U   D 5  ? 0.8618 0.8179 0.4472 -0.0572 -0.1521 -0.0249 5  U   D N3    
746 C  C4    . U   D 5  ? 0.8276 0.8192 0.4783 -0.0487 -0.1426 0.0130  5  U   D C4    
747 O  O4    . U   D 5  ? 0.7923 0.8343 0.4382 -0.0492 -0.1331 0.0400  5  U   D O4    
748 C  C5    . U   D 5  ? 0.8180 0.7825 0.5382 -0.0400 -0.1449 0.0170  5  U   D C5    
749 C  C6    . U   D 5  ? 0.8392 0.7482 0.5570 -0.0405 -0.1561 -0.0145 5  U   D C6    
750 P  P     . A   D 6  ? 0.5899 1.1714 0.7578 0.2446  -0.1980 -0.1996 6  A   D P     
751 O  OP1   . A   D 6  ? 0.6227 1.1451 0.8208 0.2765  -0.1914 -0.1966 6  A   D OP1   
752 O  OP2   . A   D 6  ? 0.5365 1.1438 0.7488 0.2462  -0.2066 -0.2112 6  A   D OP2   
753 O  "O5'" . A   D 6  ? 0.6224 1.1411 0.6920 0.1907  -0.1673 -0.1748 6  A   D "O5'" 
754 C  "C5'" . A   D 6  ? 0.6594 1.1377 0.6665 0.1759  -0.1513 -0.1584 6  A   D "C5'" 
755 C  "C4'" . A   D 6  ? 0.7191 1.1422 0.6368 0.1231  -0.1230 -0.1366 6  A   D "C4'" 
756 O  "O4'" . A   D 6  ? 0.7223 1.2182 0.6068 0.0943  -0.1336 -0.1404 6  A   D "O4'" 
757 C  "C3'" . A   D 6  ? 0.7124 1.0600 0.6254 0.1058  -0.1012 -0.1267 6  A   D "C3'" 
758 O  "O3'" . A   D 6  ? 0.7574 1.0094 0.6691 0.1158  -0.0794 -0.1141 6  A   D "O3'" 
759 C  "C2'" . A   D 6  ? 0.7525 1.0944 0.5825 0.0520  -0.0853 -0.1125 6  A   D "C2'" 
760 O  "O2'" . A   D 6  ? 0.8272 1.1077 0.5814 0.0266  -0.0612 -0.0918 6  A   D "O2'" 
761 C  "C1'" . A   D 6  ? 0.7429 1.1963 0.5795 0.0529  -0.1130 -0.1273 6  A   D "C1'" 
762 N  N9    . A   D 6  ? 0.7003 1.2138 0.5837 0.0567  -0.1308 -0.1429 6  A   D N9    
763 C  C8    . A   D 6  ? 0.6072 1.1881 0.5751 0.0970  -0.1591 -0.1657 6  A   D C8    
764 N  N7    . A   D 6  ? 0.5850 1.2077 0.5746 0.0884  -0.1685 -0.1744 6  A   D N7    
765 C  C5    . A   D 6  ? 0.6098 1.1904 0.5237 0.0390  -0.1450 -0.1562 6  A   D C5    
766 C  C6    . A   D 6  ? 0.6024 1.1962 0.4960 0.0071  -0.1409 -0.1538 6  A   D C6    
767 N  N6    . A   D 6  ? 0.6285 1.2846 0.5788 0.0211  -0.1610 -0.1706 6  A   D N6    
768 N  N1    . A   D 6  ? 0.6565 1.1969 0.4681 -0.0406 -0.1148 -0.1332 6  A   D N1    
769 C  C2    . A   D 6  ? 0.7087 1.1861 0.4629 -0.0548 -0.0942 -0.1163 6  A   D C2    
770 N  N3    . A   D 6  ? 0.7160 1.1742 0.4815 -0.0280 -0.0953 -0.1161 6  A   D N3    
771 C  C4    . A   D 6  ? 0.6610 1.1744 0.5088 0.0189  -0.1218 -0.1368 6  A   D C4    
772 P  P     . G   D 7  ? 0.7718 0.9527 0.7175 0.1209  -0.0650 -0.1114 7  G   D P     
773 O  OP1   . G   D 7  ? 0.7807 0.8695 0.7213 0.1336  -0.0440 -0.0979 7  G   D OP1   
774 O  OP2   . G   D 7  ? 0.6476 0.8946 0.6778 0.1523  -0.0919 -0.1344 7  G   D OP2   
775 O  "O5'" . G   D 7  ? 0.8298 0.9761 0.7047 0.0674  -0.0428 -0.0959 7  G   D "O5'" 
776 C  "C5'" . G   D 7  ? 0.9234 0.9964 0.7123 0.0298  -0.0129 -0.0723 7  G   D "C5'" 
777 C  "C4'" . G   D 7  ? 0.9439 1.0116 0.6712 -0.0200 0.0007  -0.0621 7  G   D "C4'" 
778 O  "O4'" . G   D 7  ? 0.9255 1.0962 0.6583 -0.0269 -0.0238 -0.0759 7  G   D "O4'" 
779 C  "C3'" . G   D 7  ? 0.9225 0.9458 0.6694 -0.0292 0.0118  -0.0605 7  G   D "C3'" 
780 O  "O3'" . G   D 7  ? 0.9639 0.8777 0.6823 -0.0395 0.0424  -0.0423 7  G   D "O3'" 
781 C  "C2'" . G   D 7  ? 0.9228 0.9887 0.6220 -0.0717 0.0116  -0.0582 7  G   D "C2'" 
782 O  "O2'" . G   D 7  ? 0.9784 0.9885 0.5843 -0.1170 0.0389  -0.0361 7  G   D "O2'" 
783 C  "C1'" . G   D 7  ? 0.9008 1.0752 0.6185 -0.0570 -0.0184 -0.0742 7  G   D "C1'" 
784 N  N9    . G   D 7  ? 0.8271 1.0808 0.6226 -0.0296 -0.0472 -0.0968 7  G   D N9    
785 C  C8    . G   D 7  ? 0.7715 1.0801 0.6469 0.0190  -0.0739 -0.1169 7  G   D C8    
786 N  N7    . G   D 7  ? 0.7240 1.0979 0.6537 0.0319  -0.0949 -0.1341 7  G   D N7    
787 C  C5    . G   D 7  ? 0.7471 1.1098 0.6301 -0.0108 -0.0817 -0.1246 7  G   D C5    
788 C  C6    . G   D 7  ? 0.7413 1.1546 0.6484 -0.0197 -0.0932 -0.1344 7  G   D C6    
789 O  O6    . G   D 7  ? 0.6751 1.1554 0.6531 0.0100  -0.1184 -0.1544 7  G   D O6    
790 N  N1    . G   D 7  ? 0.7872 1.1660 0.6265 -0.0688 -0.0721 -0.1184 7  G   D N1    
791 C  C2    . G   D 7  ? 0.8328 1.1369 0.5906 -0.1047 -0.0433 -0.0959 7  G   D C2    
792 N  N2    . G   D 7  ? 0.8571 1.1355 0.5553 -0.1509 -0.0253 -0.0824 7  G   D N2    
793 N  N3    . G   D 7  ? 0.8447 1.1009 0.5792 -0.0964 -0.0321 -0.0867 7  G   D N3    
794 C  C4    . G   D 7  ? 0.7993 1.0888 0.5990 -0.0491 -0.0525 -0.1018 7  G   D C4    
795 P  P     . U   D 8  ? 0.9688 0.8257 0.7451 -0.0192 0.0492  -0.0452 8  U   D P     
796 O  OP1   . U   D 8  ? 1.0571 0.8075 0.8068 -0.0198 0.0775  -0.0273 8  U   D OP1   
797 O  OP2   . U   D 8  ? 0.9156 0.8429 0.7866 0.0273  0.0180  -0.0695 8  U   D OP2   
798 O  "O5'" . U   D 8  ? 0.9325 0.7798 0.6774 -0.0596 0.0602  -0.0397 8  U   D "O5'" 
799 C  "C5'" . U   D 8  ? 1.0052 0.8020 0.6588 -0.1105 0.0870  -0.0187 8  U   D "C5'" 
800 C  "C4'" . U   D 8  ? 1.0125 0.8400 0.6483 -0.1436 0.0861  -0.0200 8  U   D "C4'" 
801 O  "O4'" . U   D 8  ? 0.8769 0.8164 0.5362 -0.1368 0.0562  -0.0371 8  U   D "O4'" 
802 C  "C3'" . U   D 8  ? 0.9973 0.8017 0.6879 -0.1323 0.0863  -0.0266 8  U   D "C3'" 
803 O  "O3'" . U   D 8  ? 1.0778 0.7750 0.7343 -0.1527 0.1181  -0.0084 8  U   D "O3'" 
804 C  "C2'" . U   D 8  ? 0.9106 0.7922 0.6004 -0.1535 0.0711  -0.0356 8  U   D "C2'" 
805 O  "O2'" . U   D 8  ? 0.9099 0.7537 0.5184 -0.2065 0.0945  -0.0177 8  U   D "O2'" 
806 C  "C1'" . U   D 8  ? 0.8895 0.8648 0.5799 -0.1432 0.0467  -0.0465 8  U   D "C1'" 
807 N  N1    . U   D 8  ? 0.8464 0.9045 0.6259 -0.0979 0.0134  -0.0711 8  U   D N1    
808 C  C2    . U   D 8  ? 0.8612 0.9798 0.6769 -0.0992 -0.0029 -0.0840 8  U   D C2    
809 O  O2    . U   D 8  ? 0.9173 1.0234 0.6968 -0.1352 0.0087  -0.0761 8  U   D O2    
810 N  N3    . U   D 8  ? 0.7902 0.9841 0.6872 -0.0560 -0.0334 -0.1066 8  U   D N3    
811 C  C4    . U   D 8  ? 0.7233 0.9391 0.6678 -0.0134 -0.0492 -0.1177 8  U   D C4    
812 O  O4    . U   D 8  ? 0.6490 0.9353 0.6654 0.0221  -0.0765 -0.1383 8  U   D O4    
813 C  C5    . U   D 8  ? 0.7445 0.8960 0.6470 -0.0153 -0.0311 -0.1030 8  U   D C5    
814 C  C6    . U   D 8  ? 0.7930 0.8701 0.6163 -0.0564 -0.0012 -0.0808 8  U   D C6    
815 O  O3P   . CBV D 9  ? 1.1150 0.7577 0.7499 -0.1629 0.1346  0.0016  9  CBV D O3P   
816 P  P     . CBV D 9  ? 0.9785 0.6226 0.7033 -0.1238 0.1219  -0.0135 9  CBV D P     
817 O  O1P   . CBV D 9  ? 1.0665 0.5930 0.7617 -0.1358 0.1547  0.0054  9  CBV D O1P   
818 O  O2P   . CBV D 9  ? 0.8964 0.5980 0.7010 -0.0704 0.0938  -0.0331 9  CBV D O2P   
819 O  "O5'" . CBV D 9  ? 0.9095 0.5977 0.6562 -0.1385 0.1121  -0.0226 9  CBV D "O5'" 
820 C  "C5'" . CBV D 9  ? 0.9366 0.5970 0.6156 -0.1891 0.1317  -0.0083 9  CBV D "C5'" 
821 C  "C4'" . CBV D 9  ? 0.8879 0.6022 0.6034 -0.1938 0.1172  -0.0205 9  CBV D "C4'" 
822 O  "O4'" . CBV D 9  ? 0.8278 0.6541 0.5641 -0.1853 0.0874  -0.0366 9  CBV D "O4'" 
823 C  "C3'" . CBV D 9  ? 0.8542 0.5607 0.6572 -0.1551 0.1070  -0.0342 9  CBV D "C3'" 
824 O  "O3'" . CBV D 9  ? 0.9009 0.5110 0.6934 -0.1670 0.1330  -0.0214 9  CBV D "O3'" 
825 C  "C2'" . CBV D 9  ? 0.8314 0.6314 0.6723 -0.1541 0.0822  -0.0510 9  CBV D "C2'" 
826 O  "O2'" . CBV D 9  ? 0.8902 0.6692 0.6872 -0.1970 0.0975  -0.0407 9  CBV D "O2'" 
827 C  "C1'" . CBV D 9  ? 0.8336 0.7145 0.6467 -0.1597 0.0653  -0.0555 9  CBV D "C1'" 
828 N  N1    . CBV D 9  ? 0.8046 0.7500 0.6884 -0.1102 0.0369  -0.0751 9  CBV D N1    
829 C  C2    . CBV D 9  ? 0.6924 0.7311 0.6477 -0.0845 0.0061  -0.0978 9  CBV D C2    
830 O  O2    . CBV D 9  ? 0.6437 0.7047 0.6003 -0.1031 0.0044  -0.0999 9  CBV D O2    
831 N  N3    . CBV D 9  ? 0.6706 0.7739 0.6955 -0.0356 -0.0222 -0.1175 9  CBV D N3    
832 C  C4    . CBV D 9  ? 0.7375 0.8148 0.7618 -0.0126 -0.0204 -0.1148 9  CBV D C4    
833 N  N4    . CBV D 9  ? 0.7152 0.8568 0.8079 0.0348  -0.0484 -0.1343 9  CBV D N4    
834 C  C5    . CBV D 9  ? 0.8500 0.8341 0.8030 -0.0379 0.0105  -0.0919 9  CBV D C5    
835 C  C6    . CBV D 9  ? 0.8719 0.7899 0.7542 -0.0872 0.0393  -0.0720 9  CBV D C6    
836 BR BR    . CBV D 9  ? 0.9513 0.9006 0.9049 -0.0063 0.0131  -0.0877 9  CBV D BR    
837 P  P     . C   D 10 ? 0.8143 0.3827 0.6875 -0.1220 0.1304  -0.0302 10 C   D P     
838 O  OP1   . C   D 10 ? 0.9029 0.3686 0.7463 -0.1452 0.1610  -0.0134 10 C   D OP1   
839 O  OP2   . C   D 10 ? 0.8059 0.3829 0.7084 -0.0838 0.1199  -0.0359 10 C   D OP2   
840 O  "O5'" . C   D 10 ? 0.7458 0.3979 0.6962 -0.0986 0.1014  -0.0528 10 C   D "O5'" 
841 C  "C5'" . C   D 10 ? 0.7800 0.4329 0.7273 -0.1234 0.1057  -0.0522 10 C   D "C5'" 
842 C  "C4'" . C   D 10 ? 0.7390 0.4830 0.7618 -0.0967 0.0749  -0.0751 10 C   D "C4'" 
843 O  "O4'" . C   D 10 ? 0.7270 0.5687 0.7523 -0.0892 0.0501  -0.0867 10 C   D "O4'" 
844 C  "C3'" . C   D 10 ? 0.7250 0.4694 0.8409 -0.0443 0.0600  -0.0914 10 C   D "C3'" 
845 O  "O3'" . C   D 10 ? 0.7865 0.4613 0.9242 -0.0444 0.0754  -0.0871 10 C   D "O3'" 
846 C  "C2'" . C   D 10 ? 0.6712 0.5292 0.8433 -0.0227 0.0260  -0.1138 10 C   D "C2'" 
847 O  "O2'" . C   D 10 ? 0.6691 0.5497 0.8491 -0.0416 0.0240  -0.1171 10 C   D "O2'" 
848 C  "C1'" . C   D 10 ? 0.6667 0.5794 0.7805 -0.0448 0.0204  -0.1100 10 C   D "C1'" 
849 N  N1    . C   D 10 ? 0.5695 0.5156 0.7091 -0.0101 0.0044  -0.1189 10 C   D N1    
850 C  C2    . C   D 10 ? 0.5865 0.6229 0.7991 0.0280  -0.0280 -0.1420 10 C   D C2    
851 O  O2    . C   D 10 ? 0.5704 0.6530 0.8213 0.0306  -0.0412 -0.1535 10 C   D O2    
852 N  N3    . C   D 10 ? 0.4945 0.5649 0.7333 0.0604  -0.0437 -0.1509 10 C   D N3    
853 C  C4    . C   D 10 ? 0.5380 0.5559 0.7330 0.0560  -0.0283 -0.1374 10 C   D C4    
854 N  N4    . C   D 10 ? 0.5835 0.6376 0.8064 0.0887  -0.0445 -0.1466 10 C   D N4    
855 C  C5    . C   D 10 ? 0.6002 0.5257 0.7207 0.0180  0.0049  -0.1137 10 C   D C5    
856 C  C6    . C   D 10 ? 0.6141 0.5064 0.7091 -0.0142 0.0203  -0.1052 10 C   D C6    
# 
